data_7UPD
#
_entry.id   7UPD
#
_cell.length_a   1.00
_cell.length_b   1.00
_cell.length_c   1.00
_cell.angle_alpha   90.00
_cell.angle_beta   90.00
_cell.angle_gamma   90.00
#
_symmetry.space_group_name_H-M   'P 1'
#
loop_
_entity.id
_entity.type
_entity.pdbx_description
1 polymer 'Fusion glycoprotein F0'
2 polymer 'Fab 2B12 heavy chain'
3 polymer 'Fab 2B12 light chain'
4 non-polymer 2-acetamido-2-deoxy-beta-D-glucopyranose
#
loop_
_entity_poly.entity_id
_entity_poly.type
_entity_poly.pdbx_seq_one_letter_code
_entity_poly.pdbx_strand_id
1 'polypeptide(L)'
;MVVILDKRCYCNLLILILMISECSVGILHYEKLSKIGLVKGVTRKYKIKSNPLTKDIVIKMIPNVSNMSQCTGSVMENYK
TRLNGILTPIKGALEIYKNNTHDCVGDVRLAGVCMAGVAIGIATAAQITAGVALYEAMKNADNINKLKSSIESTNEAVVK
LQETAEKTVYVFTALQDYINTNLVPTIDKIPCKQTELSLDLALSKYLSDLLFVFGPNLQDPVSNSMTIQAISQAFGGNYE
TLLRTLGYATEDFDDLLESDSITGQIIYVDLSSYYIIVRVYFPILTEIQQAYIQELLPVSFNNDNSEWISIVPNFILVRN
TLISNIEIGFCLITKRSVICNQDYATPMTNNMRECLTGSTEKCPRELVVSSHVPRFALSNGVLFANCISVTCQCQTTGRA
ISQSGEQTLLMIDNTTCPTAVLGNVIISLGKYLGSVNYNSEGIAIGPPVFTDKVDISSQISSMNQSLQQSKDYI
;
A,D,G
2 'polypeptide(L)'
;MEFGLSWIFLAAILKGVQCEVQLVESGGGLVQPKGSLKLSCAASGFIFNTYAMHWVRQAPGKGLEWVARIRSKSSNYATY
YADSVKDRFTISRDDSQSMLYLQMNNLKTEDTAMYYCVREGGYYFDYWGQGTTLTVSA
;
B,C,H
3 'polypeptide(L)'
;MEFGLSWIFLAAILKGVQCDIVMSQSPSSLAVSVGEKVTMSCKSSQSLLHVSNQKNYLAWYQQKPGQSPKLLIYWASTRE
SGVPDRFTGSGSGTDFTLTISSVKAEDLAVYYCQQYYSYPWPFGGGTKLEIK
;
E,F,L
#
# COMPACT_ATOMS: atom_id res chain seq x y z
N ILE A 27 -7.21 28.48 -7.64
CA ILE A 27 -8.45 28.66 -8.37
C ILE A 27 -9.43 27.53 -8.05
N LEU A 28 -9.41 27.07 -6.81
CA LEU A 28 -10.34 26.03 -6.38
C LEU A 28 -11.73 26.64 -6.13
N HIS A 29 -12.76 25.91 -6.56
CA HIS A 29 -14.14 26.35 -6.40
C HIS A 29 -14.66 25.80 -5.07
N TYR A 30 -14.54 26.61 -4.01
CA TYR A 30 -14.79 26.11 -2.67
C TYR A 30 -16.28 25.90 -2.39
N GLU A 31 -17.16 26.67 -3.04
CA GLU A 31 -18.59 26.53 -2.78
C GLU A 31 -19.12 25.18 -3.27
N LYS A 32 -18.78 24.80 -4.51
CA LYS A 32 -19.24 23.53 -5.04
C LYS A 32 -18.60 22.36 -4.30
N LEU A 33 -17.31 22.48 -3.96
CA LEU A 33 -16.64 21.42 -3.21
C LEU A 33 -17.27 21.24 -1.83
N SER A 34 -17.65 22.35 -1.18
CA SER A 34 -18.37 22.25 0.09
C SER A 34 -19.73 21.59 -0.11
N LYS A 35 -20.41 21.91 -1.21
CA LYS A 35 -21.69 21.28 -1.50
C LYS A 35 -21.55 19.79 -1.75
N ILE A 36 -20.38 19.33 -2.19
CA ILE A 36 -20.15 17.91 -2.39
C ILE A 36 -19.47 17.26 -1.18
N GLY A 37 -19.31 18.01 -0.09
CA GLY A 37 -18.81 17.46 1.16
C GLY A 37 -17.35 17.72 1.47
N LEU A 38 -16.68 18.58 0.73
CA LEU A 38 -15.26 18.89 0.92
C LEU A 38 -15.15 20.31 1.46
N VAL A 39 -15.06 20.42 2.77
CA VAL A 39 -15.06 21.72 3.44
C VAL A 39 -13.62 22.20 3.58
N LYS A 40 -13.35 23.44 3.21
CA LYS A 40 -11.97 23.91 3.17
C LYS A 40 -11.43 24.09 4.59
N GLY A 41 -10.18 23.67 4.78
CA GLY A 41 -9.47 23.75 6.03
C GLY A 41 -8.47 24.89 6.07
N VAL A 42 -7.39 24.68 6.82
CA VAL A 42 -6.37 25.71 6.94
C VAL A 42 -5.42 25.67 5.75
N THR A 43 -4.71 26.77 5.56
CA THR A 43 -3.72 26.91 4.49
C THR A 43 -2.33 26.92 5.12
N ARG A 44 -1.42 26.13 4.57
CA ARG A 44 -0.08 26.00 5.12
C ARG A 44 0.97 26.40 4.11
N LYS A 45 2.13 26.79 4.61
CA LYS A 45 3.27 27.17 3.79
C LYS A 45 4.14 25.95 3.47
N TYR A 46 4.96 26.10 2.44
CA TYR A 46 5.82 25.03 1.93
C TYR A 46 7.27 25.45 2.10
N LYS A 47 8.06 24.62 2.77
CA LYS A 47 9.47 24.92 2.99
C LYS A 47 10.31 23.66 2.94
N ILE A 48 11.51 23.78 2.37
CA ILE A 48 12.39 22.64 2.14
C ILE A 48 13.77 22.98 2.71
N LYS A 49 14.53 21.95 3.06
CA LYS A 49 15.89 22.14 3.59
C LYS A 49 16.87 22.51 2.48
N SER A 50 17.89 23.27 2.86
CA SER A 50 18.95 23.69 1.94
C SER A 50 20.11 24.26 2.75
N ASN A 51 21.26 24.38 2.08
CA ASN A 51 22.46 25.07 2.58
C ASN A 51 22.96 24.53 3.91
N PRO A 52 23.53 23.32 3.96
CA PRO A 52 23.97 22.76 5.24
C PRO A 52 25.37 23.22 5.64
N LEU A 53 25.60 23.28 6.95
CA LEU A 53 26.93 23.44 7.52
C LEU A 53 27.38 22.10 8.09
N THR A 54 28.70 21.93 8.21
CA THR A 54 29.26 20.64 8.56
C THR A 54 30.03 20.69 9.88
N LYS A 55 29.95 19.60 10.63
CA LYS A 55 30.79 19.40 11.81
C LYS A 55 31.28 17.96 11.82
N ASP A 56 32.34 17.70 12.59
CA ASP A 56 32.93 16.37 12.65
C ASP A 56 32.98 15.86 14.08
N ILE A 57 32.62 14.58 14.27
CA ILE A 57 32.65 13.94 15.57
C ILE A 57 33.33 12.58 15.44
N VAL A 58 33.78 12.07 16.59
CA VAL A 58 34.40 10.75 16.69
C VAL A 58 33.54 9.91 17.63
N ILE A 59 33.19 8.71 17.20
CA ILE A 59 32.41 7.78 18.01
C ILE A 59 33.23 6.52 18.23
N LYS A 60 33.50 6.20 19.50
CA LYS A 60 34.22 5.00 19.89
C LYS A 60 33.22 3.90 20.26
N MET A 61 33.43 2.71 19.72
CA MET A 61 32.52 1.58 19.94
C MET A 61 33.05 0.59 20.97
N ILE A 62 34.13 0.92 21.67
CA ILE A 62 34.67 0.03 22.69
C ILE A 62 35.03 0.85 23.93
N PRO A 63 34.59 0.44 25.11
CA PRO A 63 34.88 1.21 26.33
C PRO A 63 36.26 0.91 26.90
N ASN A 64 36.69 1.78 27.81
CA ASN A 64 37.96 1.65 28.49
C ASN A 64 37.75 0.91 29.82
N VAL A 65 38.40 -0.23 29.98
CA VAL A 65 38.19 -1.08 31.14
C VAL A 65 39.49 -1.24 31.93
N SER A 66 40.32 -0.20 31.93
CA SER A 66 41.63 -0.30 32.58
C SER A 66 41.52 -0.35 34.10
N ASN A 67 40.40 0.11 34.67
CA ASN A 67 40.24 0.14 36.12
C ASN A 67 39.49 -1.08 36.66
N MET A 68 39.17 -2.06 35.80
CA MET A 68 38.63 -3.33 36.25
C MET A 68 39.39 -4.49 35.58
N SER A 69 40.51 -4.16 34.94
CA SER A 69 41.26 -5.12 34.13
C SER A 69 41.80 -6.30 34.93
N GLN A 70 41.64 -6.29 36.26
CA GLN A 70 41.97 -7.47 37.03
C GLN A 70 41.12 -8.66 36.62
N CYS A 71 39.83 -8.48 36.37
CA CYS A 71 39.00 -9.61 35.98
C CYS A 71 38.02 -9.25 34.86
N THR A 72 38.54 -8.65 33.79
CA THR A 72 37.77 -8.59 32.55
C THR A 72 37.68 -9.95 31.85
N GLY A 73 38.46 -10.94 32.30
CA GLY A 73 38.41 -12.26 31.69
C GLY A 73 38.96 -12.25 30.28
N SER A 74 38.20 -12.83 29.36
CA SER A 74 38.53 -12.82 27.94
C SER A 74 37.36 -12.38 27.09
N VAL A 75 36.43 -11.59 27.64
CA VAL A 75 35.28 -11.15 26.87
C VAL A 75 35.66 -10.03 25.90
N MET A 76 36.73 -9.29 26.21
CA MET A 76 37.12 -8.18 25.34
C MET A 76 37.65 -8.68 24.00
N GLU A 77 38.38 -9.80 24.00
CA GLU A 77 38.89 -10.36 22.75
C GLU A 77 37.75 -10.84 21.85
N ASN A 78 36.77 -11.52 22.43
CA ASN A 78 35.62 -11.98 21.65
C ASN A 78 34.81 -10.80 21.12
N TYR A 79 34.64 -9.77 21.95
CA TYR A 79 33.94 -8.57 21.51
C TYR A 79 34.69 -7.89 20.37
N LYS A 80 36.02 -7.83 20.46
CA LYS A 80 36.81 -7.22 19.38
C LYS A 80 36.69 -8.02 18.10
N THR A 81 36.69 -9.35 18.18
CA THR A 81 36.53 -10.17 16.98
C THR A 81 35.17 -9.93 16.33
N ARG A 82 34.09 -9.90 17.14
CA ARG A 82 32.76 -9.66 16.59
C ARG A 82 32.65 -8.26 15.99
N LEU A 83 33.21 -7.26 16.66
CA LEU A 83 33.15 -5.89 16.16
C LEU A 83 33.95 -5.73 14.87
N ASN A 84 35.11 -6.39 14.78
CA ASN A 84 35.89 -6.35 13.55
C ASN A 84 35.13 -6.97 12.39
N GLY A 85 34.48 -8.12 12.65
CA GLY A 85 33.64 -8.72 11.63
C GLY A 85 32.49 -7.83 11.20
N ILE A 86 31.93 -7.06 12.13
CA ILE A 86 30.87 -6.13 11.77
C ILE A 86 31.42 -4.97 10.93
N LEU A 87 32.58 -4.42 11.31
CA LEU A 87 33.06 -3.17 10.74
C LEU A 87 33.86 -3.32 9.44
N THR A 88 34.33 -4.53 9.12
CA THR A 88 35.13 -4.70 7.90
C THR A 88 34.39 -4.34 6.60
N PRO A 89 33.14 -4.77 6.35
CA PRO A 89 32.50 -4.43 5.06
C PRO A 89 32.31 -2.94 4.83
N ILE A 90 32.11 -2.14 5.88
CA ILE A 90 31.95 -0.69 5.71
C ILE A 90 33.22 -0.07 5.17
N LYS A 91 34.37 -0.45 5.75
CA LYS A 91 35.65 0.03 5.25
C LYS A 91 35.91 -0.45 3.84
N GLY A 92 35.53 -1.70 3.55
CA GLY A 92 35.65 -2.19 2.19
C GLY A 92 34.84 -1.39 1.18
N ALA A 93 33.64 -0.97 1.59
CA ALA A 93 32.80 -0.17 0.70
C ALA A 93 33.36 1.24 0.51
N LEU A 94 33.94 1.82 1.57
CA LEU A 94 34.52 3.15 1.44
C LEU A 94 35.81 3.13 0.60
N GLU A 95 36.56 2.02 0.64
CA GLU A 95 37.81 1.94 -0.09
C GLU A 95 37.61 2.01 -1.60
N ILE A 96 36.42 1.65 -2.09
CA ILE A 96 36.15 1.71 -3.52
C ILE A 96 36.23 3.15 -4.02
N TYR A 97 35.66 4.09 -3.29
CA TYR A 97 35.72 5.49 -3.69
C TYR A 97 37.00 6.18 -3.24
N LYS A 98 37.59 5.73 -2.13
CA LYS A 98 38.81 6.39 -1.67
C LYS A 98 40.01 6.11 -2.57
N ASN A 99 40.08 4.94 -3.19
CA ASN A 99 41.19 4.61 -4.06
C ASN A 99 41.13 5.28 -5.42
N ASN A 100 39.94 5.60 -5.92
CA ASN A 100 39.76 6.06 -7.29
C ASN A 100 39.38 7.54 -7.36
N THR A 101 39.80 8.33 -6.37
CA THR A 101 39.51 9.76 -6.35
C THR A 101 40.79 10.54 -6.05
N HIS A 102 41.00 11.63 -6.77
CA HIS A 102 42.19 12.45 -6.60
C HIS A 102 41.89 13.86 -7.11
N ASP A 103 42.91 14.72 -7.08
CA ASP A 103 42.78 16.07 -7.60
C ASP A 103 42.98 16.08 -9.10
N CYS A 104 42.23 16.92 -9.79
CA CYS A 104 42.21 16.87 -11.26
C CYS A 104 42.63 18.21 -11.84
N GLY A 112 37.11 20.48 -8.71
CA GLY A 112 38.48 20.04 -8.84
C GLY A 112 38.69 18.60 -8.41
N VAL A 113 37.59 17.87 -8.28
CA VAL A 113 37.61 16.47 -7.87
C VAL A 113 37.53 15.59 -9.11
N CYS A 114 38.42 14.60 -9.20
CA CYS A 114 38.57 13.78 -10.38
C CYS A 114 38.30 12.32 -10.02
N MET A 115 37.48 11.66 -10.82
CA MET A 115 37.10 10.27 -10.55
C MET A 115 37.39 9.41 -11.77
N ALA A 116 37.75 8.15 -11.50
CA ALA A 116 38.00 7.16 -12.55
C ALA A 116 36.73 6.32 -12.73
N GLY A 117 36.04 6.54 -13.85
CA GLY A 117 34.76 5.89 -14.05
C GLY A 117 34.88 4.41 -14.41
N VAL A 118 36.01 4.02 -14.98
CA VAL A 118 36.21 2.61 -15.34
C VAL A 118 36.38 1.76 -14.09
N ALA A 119 37.13 2.26 -13.11
CA ALA A 119 37.32 1.52 -11.87
C ALA A 119 36.03 1.41 -11.06
N ILE A 120 35.26 2.49 -11.01
CA ILE A 120 34.00 2.46 -10.26
C ILE A 120 32.98 1.57 -10.95
N GLY A 121 32.85 1.71 -12.26
CA GLY A 121 31.99 0.83 -13.03
C GLY A 121 30.53 1.21 -13.08
N ILE A 122 29.80 0.96 -11.98
CA ILE A 122 28.37 1.20 -11.91
C ILE A 122 28.08 2.07 -10.70
N ALA A 123 27.37 3.17 -10.91
CA ALA A 123 27.02 4.08 -9.82
C ALA A 123 25.81 4.92 -10.23
N THR A 124 25.16 5.49 -9.22
CA THR A 124 24.12 6.49 -9.42
C THR A 124 24.69 7.89 -9.21
N ALA A 125 23.90 8.90 -9.57
CA ALA A 125 24.33 10.29 -9.40
C ALA A 125 24.51 10.65 -7.93
N ALA A 126 23.60 10.16 -7.08
CA ALA A 126 23.70 10.43 -5.64
C ALA A 126 24.97 9.83 -5.05
N GLN A 127 25.33 8.62 -5.49
CA GLN A 127 26.56 7.99 -5.01
C GLN A 127 27.80 8.79 -5.43
N ILE A 128 27.80 9.32 -6.65
CA ILE A 128 28.93 10.10 -7.13
C ILE A 128 29.05 11.41 -6.36
N THR A 129 27.92 12.08 -6.10
CA THR A 129 27.95 13.30 -5.30
C THR A 129 28.43 13.02 -3.87
N ALA A 130 27.98 11.91 -3.29
CA ALA A 130 28.43 11.53 -1.95
C ALA A 130 29.92 11.19 -1.95
N GLY A 131 30.43 10.60 -3.03
CA GLY A 131 31.85 10.35 -3.12
C GLY A 131 32.67 11.62 -3.20
N VAL A 132 32.14 12.63 -3.92
CA VAL A 132 32.80 13.95 -3.94
C VAL A 132 32.85 14.53 -2.54
N ALA A 133 31.74 14.46 -1.80
CA ALA A 133 31.74 14.95 -0.42
C ALA A 133 32.71 14.18 0.47
N LEU A 134 32.79 12.86 0.26
CA LEU A 134 33.72 12.02 1.03
C LEU A 134 35.16 12.43 0.76
N TYR A 135 35.49 12.71 -0.50
CA TYR A 135 36.83 13.21 -0.81
C TYR A 135 37.07 14.56 -0.16
N GLU A 136 36.05 15.42 -0.11
CA GLU A 136 36.22 16.74 0.50
C GLU A 136 36.48 16.65 2.00
N ALA A 137 35.91 15.65 2.68
CA ALA A 137 36.08 15.52 4.13
C ALA A 137 37.42 14.92 4.55
N MET A 138 38.24 14.48 3.59
CA MET A 138 39.42 13.70 3.93
C MET A 138 40.50 14.53 4.62
N LYS A 139 40.60 15.82 4.32
CA LYS A 139 41.60 16.66 4.97
C LYS A 139 41.34 16.78 6.46
N ASN A 140 40.08 17.05 6.84
CA ASN A 140 39.73 17.10 8.24
C ASN A 140 39.84 15.73 8.90
N ALA A 141 39.52 14.66 8.16
CA ALA A 141 39.71 13.32 8.71
C ALA A 141 41.18 13.05 9.03
N ASP A 142 42.08 13.46 8.12
CA ASP A 142 43.51 13.28 8.35
C ASP A 142 44.00 14.13 9.52
N ASN A 143 43.46 15.34 9.67
CA ASN A 143 43.81 16.16 10.83
C ASN A 143 43.36 15.50 12.13
N ILE A 144 42.17 14.90 12.14
CA ILE A 144 41.66 14.26 13.35
C ILE A 144 42.47 13.01 13.67
N ASN A 145 42.88 12.26 12.64
CA ASN A 145 43.53 10.97 12.86
C ASN A 145 44.91 11.09 13.52
N LYS A 146 45.47 12.30 13.61
CA LYS A 146 46.75 12.47 14.29
C LYS A 146 46.64 12.39 15.80
N LEU A 147 45.42 12.39 16.36
CA LEU A 147 45.21 12.30 17.80
C LEU A 147 44.79 10.90 18.23
N LYS A 148 45.32 9.87 17.56
CA LYS A 148 44.90 8.50 17.81
C LYS A 148 45.25 8.06 19.23
N SER A 149 46.44 8.43 19.71
CA SER A 149 46.85 8.06 21.06
C SER A 149 45.95 8.68 22.11
N SER A 150 45.56 9.95 21.92
CA SER A 150 44.65 10.59 22.86
C SER A 150 43.25 9.99 22.78
N ILE A 151 42.80 9.63 21.57
CA ILE A 151 41.50 8.99 21.41
C ILE A 151 41.45 7.66 22.13
N GLU A 152 42.52 6.87 22.02
CA GLU A 152 42.54 5.53 22.62
C GLU A 152 42.56 5.57 24.14
N SER A 153 42.91 6.69 24.75
CA SER A 153 43.10 6.76 26.20
C SER A 153 41.99 7.51 26.93
N THR A 154 40.90 7.89 26.24
CA THR A 154 39.79 8.54 26.92
C THR A 154 39.06 7.57 27.83
N ASN A 155 38.61 8.06 28.98
CA ASN A 155 37.91 7.23 29.96
C ASN A 155 36.67 7.94 30.49
N GLU A 156 36.06 8.81 29.69
CA GLU A 156 34.79 9.45 30.01
C GLU A 156 33.86 9.33 28.83
N ALA A 157 32.56 9.50 29.10
CA ALA A 157 31.56 9.33 28.05
C ALA A 157 31.67 10.42 26.99
N VAL A 158 31.91 11.66 27.40
CA VAL A 158 32.07 12.78 26.48
C VAL A 158 33.38 13.47 26.81
N VAL A 159 34.28 13.55 25.82
CA VAL A 159 35.61 14.14 26.01
C VAL A 159 35.87 15.14 24.89
N LYS A 160 36.38 16.31 25.26
CA LYS A 160 36.77 17.32 24.28
C LYS A 160 38.28 17.28 24.07
N LEU A 161 38.71 17.06 22.83
CA LEU A 161 40.11 17.13 22.45
C LEU A 161 40.37 18.51 21.86
N GLN A 162 41.27 19.25 22.49
CA GLN A 162 41.53 20.66 22.20
C GLN A 162 43.02 20.94 22.10
N GLU A 163 43.74 20.09 21.36
CA GLU A 163 45.18 20.30 21.20
C GLU A 163 45.46 21.56 20.40
N THR A 164 44.82 21.70 19.25
CA THR A 164 44.89 22.92 18.45
C THR A 164 43.48 23.27 17.98
N ALA A 165 43.29 24.54 17.64
CA ALA A 165 41.98 24.98 17.15
C ALA A 165 41.60 24.33 15.83
N GLU A 166 42.59 23.83 15.07
CA GLU A 166 42.30 23.19 13.80
C GLU A 166 41.56 21.87 13.96
N LYS A 167 41.80 21.16 15.06
CA LYS A 167 41.23 19.83 15.28
C LYS A 167 40.60 19.73 16.67
N THR A 168 39.79 20.73 17.02
CA THR A 168 38.98 20.67 18.25
C THR A 168 37.80 19.73 18.00
N VAL A 169 37.82 18.56 18.64
CA VAL A 169 36.88 17.50 18.32
C VAL A 169 36.27 16.96 19.60
N TYR A 170 35.12 16.28 19.44
CA TYR A 170 34.45 15.63 20.57
C TYR A 170 34.45 14.12 20.37
N VAL A 171 34.72 13.39 21.45
CA VAL A 171 34.77 11.94 21.45
C VAL A 171 33.66 11.42 22.35
N PHE A 172 32.86 10.49 21.83
CA PHE A 172 31.77 9.85 22.54
C PHE A 172 32.04 8.35 22.64
N THR A 173 32.00 7.81 23.85
CA THR A 173 32.26 6.40 24.09
C THR A 173 30.99 5.69 24.53
N ALA A 174 30.74 4.51 23.96
CA ALA A 174 29.40 3.91 23.96
C ALA A 174 28.95 3.52 25.37
N LEU A 175 29.78 2.78 26.11
CA LEU A 175 29.36 2.21 27.38
C LEU A 175 30.22 2.68 28.55
N GLN A 176 30.87 3.84 28.42
CA GLN A 176 31.80 4.29 29.45
C GLN A 176 31.08 4.66 30.74
N ASP A 177 29.90 5.29 30.63
CA ASP A 177 29.18 5.75 31.81
C ASP A 177 28.72 4.58 32.66
N TYR A 178 28.22 3.52 32.04
CA TYR A 178 27.75 2.35 32.78
C TYR A 178 28.90 1.69 33.54
N ILE A 179 30.05 1.57 32.89
CA ILE A 179 31.22 0.97 33.54
C ILE A 179 31.71 1.85 34.68
N ASN A 180 31.71 3.17 34.48
CA ASN A 180 32.24 4.08 35.48
C ASN A 180 31.33 4.17 36.70
N THR A 181 30.02 4.07 36.51
CA THR A 181 29.08 4.29 37.60
C THR A 181 28.53 3.01 38.22
N ASN A 182 28.64 1.87 37.55
CA ASN A 182 28.10 0.63 38.08
C ASN A 182 29.16 -0.41 38.39
N LEU A 183 29.97 -0.80 37.40
CA LEU A 183 30.87 -1.93 37.58
C LEU A 183 32.06 -1.61 38.48
N VAL A 184 32.66 -0.43 38.31
CA VAL A 184 33.84 -0.08 39.10
C VAL A 184 33.54 0.02 40.60
N PRO A 185 32.50 0.73 41.05
CA PRO A 185 32.28 0.82 42.52
C PRO A 185 31.87 -0.49 43.17
N THR A 186 31.36 -1.46 42.40
CA THR A 186 30.87 -2.73 42.94
C THR A 186 31.95 -3.82 42.92
N ILE A 187 33.18 -3.48 42.53
CA ILE A 187 34.24 -4.47 42.36
C ILE A 187 34.55 -5.18 43.66
N ASP A 188 34.60 -4.44 44.78
CA ASP A 188 34.99 -5.02 46.06
C ASP A 188 33.82 -5.62 46.83
N LYS A 189 32.60 -5.61 46.29
CA LYS A 189 31.42 -6.07 47.02
C LYS A 189 30.96 -7.46 46.57
N ILE A 190 30.90 -7.70 45.27
CA ILE A 190 30.41 -8.96 44.73
C ILE A 190 31.58 -9.76 44.17
N PRO A 191 31.48 -11.09 44.07
CA PRO A 191 32.48 -11.84 43.31
C PRO A 191 32.50 -11.38 41.86
N CYS A 192 33.71 -11.16 41.34
CA CYS A 192 33.79 -10.45 40.07
C CYS A 192 33.69 -11.38 38.87
N LYS A 193 33.44 -12.68 39.08
CA LYS A 193 32.87 -13.50 38.02
C LYS A 193 31.52 -12.95 37.60
N GLN A 194 30.72 -12.50 38.57
CA GLN A 194 29.46 -11.82 38.26
C GLN A 194 29.73 -10.50 37.54
N THR A 195 30.80 -9.80 37.89
CA THR A 195 31.17 -8.58 37.18
C THR A 195 31.51 -8.88 35.71
N GLU A 196 32.26 -9.95 35.48
CA GLU A 196 32.60 -10.35 34.11
C GLU A 196 31.34 -10.71 33.32
N LEU A 197 30.42 -11.46 33.95
CA LEU A 197 29.18 -11.82 33.28
C LEU A 197 28.33 -10.58 32.97
N SER A 198 28.30 -9.61 33.89
CA SER A 198 27.56 -8.38 33.67
C SER A 198 28.14 -7.58 32.52
N LEU A 199 29.48 -7.49 32.45
CA LEU A 199 30.11 -6.79 31.34
C LEU A 199 29.82 -7.48 30.01
N ASP A 200 29.88 -8.82 29.99
CA ASP A 200 29.56 -9.57 28.78
C ASP A 200 28.11 -9.32 28.34
N LEU A 201 27.18 -9.32 29.29
CA LEU A 201 25.78 -9.07 28.95
C LEU A 201 25.57 -7.66 28.42
N ALA A 202 26.23 -6.67 29.02
CA ALA A 202 26.09 -5.30 28.54
C ALA A 202 26.63 -5.15 27.12
N LEU A 203 27.79 -5.75 26.84
CA LEU A 203 28.35 -5.68 25.50
C LEU A 203 27.45 -6.38 24.48
N SER A 204 26.88 -7.53 24.86
CA SER A 204 26.00 -8.25 23.94
C SER A 204 24.71 -7.47 23.67
N LYS A 205 24.15 -6.82 24.69
CA LYS A 205 22.97 -5.99 24.49
C LYS A 205 23.28 -4.81 23.57
N TYR A 206 24.45 -4.20 23.74
CA TYR A 206 24.85 -3.11 22.86
C TYR A 206 24.98 -3.59 21.42
N LEU A 207 25.57 -4.76 21.20
CA LEU A 207 25.68 -5.31 19.85
C LEU A 207 24.30 -5.63 19.26
N SER A 208 23.40 -6.16 20.08
CA SER A 208 22.05 -6.46 19.60
C SER A 208 21.34 -5.19 19.15
N ASP A 209 21.52 -4.09 19.89
CA ASP A 209 20.94 -2.83 19.45
C ASP A 209 21.63 -2.30 18.19
N LEU A 210 22.95 -2.49 18.07
CA LEU A 210 23.71 -1.91 16.97
C LEU A 210 23.41 -2.60 15.64
N LEU A 211 23.14 -3.92 15.66
CA LEU A 211 23.07 -4.70 14.43
C LEU A 211 21.92 -4.27 13.52
N PHE A 212 20.87 -3.65 14.06
CA PHE A 212 19.77 -3.21 13.22
C PHE A 212 20.21 -2.13 12.23
N VAL A 213 21.07 -1.21 12.67
CA VAL A 213 21.48 -0.09 11.83
C VAL A 213 22.78 -0.40 11.10
N PHE A 214 23.78 -0.95 11.78
CA PHE A 214 25.11 -1.07 11.20
C PHE A 214 25.42 -2.46 10.69
N GLY A 215 24.43 -3.31 10.51
CA GLY A 215 24.64 -4.65 10.01
C GLY A 215 24.62 -4.71 8.50
N PRO A 216 24.27 -5.88 7.95
CA PRO A 216 24.23 -6.03 6.48
C PRO A 216 23.13 -5.21 5.80
N ASN A 217 22.21 -4.60 6.56
CA ASN A 217 21.28 -3.65 5.96
C ASN A 217 22.00 -2.44 5.37
N LEU A 218 23.12 -2.04 5.98
CA LEU A 218 23.92 -0.92 5.47
C LEU A 218 24.70 -1.41 4.25
N GLN A 219 24.07 -1.26 3.09
CA GLN A 219 24.68 -1.69 1.83
C GLN A 219 25.46 -0.57 1.16
N ASP A 220 25.05 0.68 1.33
CA ASP A 220 25.66 1.83 0.67
C ASP A 220 26.00 2.90 1.71
N PRO A 221 27.13 2.74 2.41
CA PRO A 221 27.53 3.76 3.40
C PRO A 221 28.08 5.03 2.79
N VAL A 222 28.29 5.08 1.47
CA VAL A 222 28.87 6.28 0.85
C VAL A 222 27.90 7.45 0.93
N SER A 223 26.60 7.18 0.79
CA SER A 223 25.60 8.24 0.77
C SER A 223 25.56 9.02 2.09
N ASN A 224 24.83 10.13 2.06
CA ASN A 224 24.68 11.00 3.22
C ASN A 224 23.22 11.20 3.61
N SER A 225 22.37 10.21 3.32
CA SER A 225 20.95 10.29 3.62
C SER A 225 20.56 9.66 4.96
N MET A 226 21.51 9.15 5.72
CA MET A 226 21.20 8.51 7.00
C MET A 226 21.06 9.58 8.09
N THR A 227 19.97 9.49 8.86
CA THR A 227 19.65 10.50 9.86
C THR A 227 20.55 10.36 11.09
N ILE A 228 20.59 11.44 11.88
CA ILE A 228 21.39 11.44 13.11
C ILE A 228 20.80 10.49 14.14
N GLN A 229 19.48 10.28 14.10
CA GLN A 229 18.85 9.36 15.05
C GLN A 229 19.31 7.93 14.83
N ALA A 230 19.47 7.52 13.56
CA ALA A 230 19.98 6.19 13.28
C ALA A 230 21.46 6.06 13.62
N ILE A 231 22.23 7.13 13.38
CA ILE A 231 23.66 7.13 13.72
C ILE A 231 23.87 7.03 15.23
N SER A 232 22.98 7.63 16.01
CA SER A 232 23.12 7.66 17.47
C SER A 232 22.97 6.27 18.11
N GLN A 233 22.55 5.25 17.35
CA GLN A 233 22.52 3.89 17.89
C GLN A 233 23.90 3.39 18.27
N ALA A 234 24.95 3.95 17.66
CA ALA A 234 26.31 3.65 18.10
C ALA A 234 26.66 4.30 19.43
N PHE A 235 25.82 5.21 19.92
CA PHE A 235 25.99 5.85 21.22
C PHE A 235 24.79 5.58 22.12
N GLY A 236 24.10 4.46 21.88
CA GLY A 236 22.97 4.08 22.71
C GLY A 236 21.67 4.80 22.40
N GLY A 237 21.55 5.44 21.24
CA GLY A 237 20.33 6.14 20.90
C GLY A 237 20.19 7.51 21.52
N ASN A 238 21.28 8.07 22.06
CA ASN A 238 21.23 9.38 22.72
C ASN A 238 21.73 10.47 21.77
N TYR A 239 20.86 10.84 20.83
CA TYR A 239 21.20 11.91 19.90
C TYR A 239 21.07 13.29 20.52
N GLU A 240 20.33 13.41 21.62
CA GLU A 240 20.21 14.69 22.32
C GLU A 240 21.56 15.15 22.85
N THR A 241 22.36 14.22 23.40
CA THR A 241 23.67 14.57 23.91
C THR A 241 24.59 15.07 22.79
N LEU A 242 24.58 14.38 21.65
CA LEU A 242 25.40 14.80 20.52
C LEU A 242 25.00 16.19 20.04
N LEU A 243 23.70 16.41 19.83
CA LEU A 243 23.24 17.69 19.31
C LEU A 243 23.47 18.83 20.30
N ARG A 244 23.30 18.56 21.60
CA ARG A 244 23.52 19.60 22.61
C ARG A 244 25.00 19.92 22.76
N THR A 245 25.86 18.91 22.63
CA THR A 245 27.30 19.17 22.69
C THR A 245 27.79 19.91 21.46
N LEU A 246 27.16 19.69 20.30
CA LEU A 246 27.63 20.33 19.08
C LEU A 246 27.13 21.76 18.95
N GLY A 247 25.80 21.94 18.89
CA GLY A 247 25.26 23.24 18.56
C GLY A 247 24.20 23.77 19.50
N TYR A 248 23.07 24.23 18.94
CA TYR A 248 22.02 24.89 19.70
C TYR A 248 20.68 24.23 19.40
N ALA A 249 19.65 24.69 20.11
CA ALA A 249 18.30 24.16 19.98
C ALA A 249 17.29 25.30 19.94
N THR A 250 16.37 25.24 18.97
CA THR A 250 15.27 26.19 18.83
C THR A 250 14.02 25.42 18.43
N GLU A 251 12.99 26.16 18.00
CA GLU A 251 11.81 25.52 17.43
C GLU A 251 12.08 25.02 16.03
N ASP A 252 12.81 25.81 15.23
CA ASP A 252 13.21 25.35 13.91
C ASP A 252 14.17 24.17 14.01
N PHE A 253 14.97 24.10 15.07
CA PHE A 253 15.83 22.94 15.29
C PHE A 253 14.99 21.68 15.49
N ASP A 254 13.93 21.76 16.29
CA ASP A 254 13.06 20.61 16.50
C ASP A 254 12.31 20.25 15.23
N ASP A 255 11.89 21.25 14.46
CA ASP A 255 11.22 20.99 13.19
C ASP A 255 12.16 20.31 12.19
N LEU A 256 13.43 20.72 12.16
CA LEU A 256 14.41 20.06 11.32
C LEU A 256 14.68 18.63 11.80
N LEU A 257 14.73 18.43 13.12
CA LEU A 257 14.99 17.12 13.67
C LEU A 257 13.86 16.14 13.35
N GLU A 258 12.61 16.58 13.46
CA GLU A 258 11.48 15.69 13.23
C GLU A 258 11.16 15.48 11.75
N SER A 259 11.71 16.31 10.86
CA SER A 259 11.50 16.13 9.42
C SER A 259 12.59 15.31 8.77
N ASP A 260 13.52 14.75 9.57
CA ASP A 260 14.64 13.95 9.08
C ASP A 260 15.52 14.74 8.11
N SER A 261 15.84 15.98 8.49
CA SER A 261 16.71 16.83 7.69
C SER A 261 18.15 16.87 8.20
N ILE A 262 18.38 16.48 9.45
CA ILE A 262 19.73 16.45 10.01
C ILE A 262 20.31 15.06 9.76
N THR A 263 21.34 15.00 8.92
CA THR A 263 21.90 13.73 8.47
C THR A 263 23.38 13.67 8.77
N GLY A 264 23.97 12.51 8.53
CA GLY A 264 25.39 12.31 8.75
C GLY A 264 25.96 11.29 7.78
N GLN A 265 27.29 11.35 7.64
CA GLN A 265 28.01 10.47 6.72
C GLN A 265 29.27 9.95 7.39
N ILE A 266 29.51 8.65 7.24
CA ILE A 266 30.72 8.02 7.76
C ILE A 266 31.87 8.28 6.79
N ILE A 267 32.98 8.83 7.29
CA ILE A 267 34.10 9.17 6.45
C ILE A 267 35.38 8.42 6.81
N TYR A 268 35.47 7.79 7.99
CA TYR A 268 36.66 7.04 8.34
C TYR A 268 36.31 5.98 9.38
N VAL A 269 36.86 4.78 9.18
CA VAL A 269 36.68 3.64 10.07
C VAL A 269 38.07 3.14 10.49
N ASP A 270 38.27 2.94 11.79
CA ASP A 270 39.52 2.40 12.31
C ASP A 270 39.26 0.99 12.82
N LEU A 271 40.03 0.03 12.31
CA LEU A 271 39.87 -1.38 12.68
C LEU A 271 40.84 -1.82 13.78
N SER A 272 41.69 -0.92 14.27
CA SER A 272 42.62 -1.23 15.36
C SER A 272 42.21 -0.62 16.68
N SER A 273 41.74 0.63 16.68
CA SER A 273 41.22 1.27 17.87
C SER A 273 39.69 1.26 17.93
N TYR A 274 39.03 0.82 16.87
CA TYR A 274 37.57 0.63 16.81
C TYR A 274 36.82 1.95 17.09
N TYR A 275 37.01 2.90 16.18
CA TYR A 275 36.23 4.14 16.21
C TYR A 275 35.88 4.55 14.78
N ILE A 276 34.92 5.46 14.68
CA ILE A 276 34.48 6.01 13.40
C ILE A 276 34.46 7.53 13.49
N ILE A 277 34.61 8.16 12.32
CA ILE A 277 34.50 9.60 12.19
C ILE A 277 33.25 9.92 11.37
N VAL A 278 32.41 10.80 11.90
CA VAL A 278 31.12 11.12 11.28
C VAL A 278 31.05 12.62 11.02
N ARG A 279 30.62 12.98 9.82
CA ARG A 279 30.36 14.38 9.47
C ARG A 279 28.86 14.63 9.52
N VAL A 280 28.45 15.60 10.34
CA VAL A 280 27.05 15.93 10.58
C VAL A 280 26.72 17.20 9.82
N TYR A 281 25.57 17.18 9.12
CA TYR A 281 25.10 18.29 8.31
C TYR A 281 23.91 18.97 8.98
N PHE A 282 23.98 20.29 9.11
CA PHE A 282 22.91 21.10 9.68
C PHE A 282 22.39 22.05 8.61
N PRO A 283 21.24 21.79 8.01
CA PRO A 283 20.69 22.68 6.98
C PRO A 283 19.82 23.77 7.60
N ILE A 284 19.25 24.60 6.73
CA ILE A 284 18.28 25.62 7.09
C ILE A 284 17.05 25.43 6.22
N LEU A 285 15.92 25.91 6.72
CA LEU A 285 14.65 25.77 5.99
C LEU A 285 14.38 27.02 5.17
N THR A 286 14.23 26.86 3.87
CA THR A 286 13.86 27.95 2.98
C THR A 286 12.42 27.79 2.52
N GLU A 287 11.68 28.90 2.58
CA GLU A 287 10.29 28.96 2.17
C GLU A 287 10.20 29.18 0.67
N ILE A 288 9.34 28.42 0.00
CA ILE A 288 9.18 28.53 -1.44
C ILE A 288 8.10 29.56 -1.73
N GLN A 289 8.42 30.55 -2.56
CA GLN A 289 7.53 31.67 -2.81
C GLN A 289 6.40 31.27 -3.76
N GLN A 290 5.24 31.91 -3.58
CA GLN A 290 4.04 31.70 -4.38
C GLN A 290 3.60 30.23 -4.38
N ALA A 291 3.71 29.59 -3.22
CA ALA A 291 3.32 28.19 -3.07
C ALA A 291 2.61 28.00 -1.74
N TYR A 292 1.57 27.17 -1.75
CA TYR A 292 0.87 26.85 -0.51
C TYR A 292 0.22 25.47 -0.64
N ILE A 293 -0.18 24.94 0.52
CA ILE A 293 -0.83 23.64 0.61
C ILE A 293 -2.19 23.82 1.26
N GLN A 294 -3.23 23.33 0.61
CA GLN A 294 -4.60 23.47 1.06
C GLN A 294 -5.14 22.12 1.53
N GLU A 295 -5.80 22.12 2.67
CA GLU A 295 -6.40 20.93 3.26
C GLU A 295 -7.92 20.95 3.08
N LEU A 296 -8.50 19.78 2.84
CA LEU A 296 -9.93 19.62 2.73
C LEU A 296 -10.41 18.60 3.76
N LEU A 297 -11.47 18.96 4.49
CA LEU A 297 -12.10 18.08 5.47
C LEU A 297 -13.27 17.38 4.83
N PRO A 298 -13.32 16.05 4.82
CA PRO A 298 -14.44 15.35 4.19
C PRO A 298 -15.64 15.20 5.13
N VAL A 299 -16.82 15.47 4.59
CA VAL A 299 -18.08 15.33 5.30
C VAL A 299 -19.01 14.45 4.47
N SER A 300 -19.69 13.51 5.13
CA SER A 300 -20.66 12.67 4.44
C SER A 300 -21.88 13.48 4.02
N PHE A 301 -22.46 13.11 2.88
CA PHE A 301 -23.63 13.80 2.35
C PHE A 301 -24.69 12.78 1.93
N ASN A 302 -25.90 13.29 1.75
CA ASN A 302 -27.08 12.46 1.49
C ASN A 302 -27.42 12.44 0.01
N ASN A 303 -27.77 11.24 -0.49
CA ASN A 303 -28.27 11.08 -1.85
C ASN A 303 -29.00 9.76 -1.94
N ASP A 304 -30.30 9.81 -2.24
CA ASP A 304 -31.13 8.62 -2.52
C ASP A 304 -31.13 7.64 -1.35
N ASN A 305 -31.46 8.16 -0.16
CA ASN A 305 -31.52 7.38 1.08
C ASN A 305 -30.19 6.68 1.39
N SER A 306 -29.08 7.32 1.08
CA SER A 306 -27.76 6.73 1.28
C SER A 306 -26.78 7.81 1.73
N GLU A 307 -25.64 7.35 2.23
CA GLU A 307 -24.59 8.20 2.75
C GLU A 307 -23.34 8.02 1.89
N TRP A 308 -22.70 9.12 1.51
CA TRP A 308 -21.61 9.09 0.54
C TRP A 308 -20.45 9.94 1.00
N ILE A 309 -19.25 9.57 0.53
CA ILE A 309 -18.02 10.31 0.82
C ILE A 309 -17.26 10.50 -0.49
N SER A 310 -16.86 11.73 -0.77
CA SER A 310 -16.12 12.03 -2.00
C SER A 310 -14.71 11.46 -1.94
N ILE A 311 -14.26 10.91 -3.06
CA ILE A 311 -12.91 10.35 -3.18
C ILE A 311 -12.07 11.40 -3.88
N VAL A 312 -11.48 12.28 -3.08
CA VAL A 312 -10.68 13.42 -3.55
C VAL A 312 -9.47 13.56 -2.63
N PRO A 313 -8.31 13.92 -3.18
CA PRO A 313 -7.14 14.16 -2.32
C PRO A 313 -7.40 15.24 -1.29
N ASN A 314 -6.91 14.99 -0.07
CA ASN A 314 -7.16 15.88 1.05
C ASN A 314 -6.12 16.98 1.19
N PHE A 315 -5.00 16.88 0.49
CA PHE A 315 -3.96 17.91 0.49
C PHE A 315 -3.61 18.25 -0.95
N ILE A 316 -3.68 19.54 -1.30
CA ILE A 316 -3.44 20.01 -2.65
C ILE A 316 -2.31 21.02 -2.62
N LEU A 317 -1.35 20.89 -3.53
CA LEU A 317 -0.23 21.82 -3.61
C LEU A 317 -0.45 22.78 -4.77
N VAL A 318 -0.36 24.08 -4.48
CA VAL A 318 -0.51 25.11 -5.50
C VAL A 318 0.78 25.90 -5.58
N ARG A 319 1.39 25.90 -6.77
CA ARG A 319 2.64 26.64 -7.04
C ARG A 319 2.47 27.43 -8.32
N ASN A 320 2.47 28.76 -8.21
CA ASN A 320 2.35 29.66 -9.35
C ASN A 320 1.12 29.34 -10.20
N THR A 321 -0.02 29.20 -9.53
CA THR A 321 -1.32 28.82 -10.09
C THR A 321 -1.29 27.45 -10.76
N LEU A 322 -0.35 26.59 -10.42
CA LEU A 322 -0.32 25.21 -10.90
C LEU A 322 -0.74 24.28 -9.76
N ILE A 323 -1.68 23.39 -10.05
CA ILE A 323 -2.29 22.51 -9.07
C ILE A 323 -1.69 21.12 -9.22
N SER A 324 -1.25 20.53 -8.12
CA SER A 324 -0.65 19.20 -8.17
C SER A 324 -0.86 18.47 -6.85
N ASN A 325 -0.55 17.17 -6.89
CA ASN A 325 -0.56 16.32 -5.71
C ASN A 325 0.74 16.49 -4.93
N ILE A 326 0.75 15.94 -3.72
CA ILE A 326 1.94 15.92 -2.89
C ILE A 326 1.90 14.69 -2.02
N GLU A 327 3.02 13.96 -1.95
CA GLU A 327 3.12 12.78 -1.11
C GLU A 327 3.48 13.29 0.29
N ILE A 328 2.45 13.51 1.10
CA ILE A 328 2.63 14.17 2.39
C ILE A 328 3.00 13.21 3.51
N GLY A 329 3.01 11.91 3.24
CA GLY A 329 3.41 10.96 4.26
C GLY A 329 4.87 11.04 4.64
N PHE A 330 5.71 11.54 3.74
CA PHE A 330 7.13 11.72 4.01
C PHE A 330 7.45 13.08 4.63
N CYS A 331 6.48 13.96 4.76
CA CYS A 331 6.69 15.30 5.28
C CYS A 331 6.16 15.44 6.71
N LEU A 332 6.54 16.54 7.34
CA LEU A 332 6.07 16.87 8.68
C LEU A 332 5.03 17.98 8.59
N ILE A 333 3.87 17.75 9.21
CA ILE A 333 2.76 18.69 9.16
C ILE A 333 2.67 19.40 10.51
N THR A 334 2.90 20.70 10.50
CA THR A 334 2.70 21.54 11.67
C THR A 334 1.44 22.37 11.48
N LYS A 335 1.16 23.24 12.45
CA LYS A 335 -0.06 24.04 12.39
C LYS A 335 -0.01 25.09 11.29
N ARG A 336 1.19 25.57 10.95
CA ARG A 336 1.30 26.68 10.00
C ARG A 336 2.11 26.37 8.75
N SER A 337 2.78 25.22 8.67
CA SER A 337 3.59 24.93 7.49
C SER A 337 3.78 23.43 7.34
N VAL A 338 4.15 23.03 6.13
CA VAL A 338 4.53 21.65 5.81
C VAL A 338 6.02 21.64 5.51
N ILE A 339 6.77 20.79 6.20
CA ILE A 339 8.23 20.78 6.14
C ILE A 339 8.70 19.44 5.59
N CYS A 340 9.50 19.50 4.54
CA CYS A 340 10.03 18.30 3.89
C CYS A 340 11.52 18.48 3.63
N ASN A 341 12.23 17.35 3.57
CA ASN A 341 13.65 17.36 3.22
C ASN A 341 13.89 17.24 1.72
N GLN A 342 12.82 17.20 0.92
CA GLN A 342 12.91 17.01 -0.52
C GLN A 342 11.57 17.42 -1.12
N ASP A 343 11.62 17.94 -2.35
CA ASP A 343 10.39 18.27 -3.08
C ASP A 343 9.64 16.98 -3.40
N TYR A 344 8.37 16.92 -3.01
CA TYR A 344 7.55 15.72 -3.15
C TYR A 344 6.32 15.95 -4.03
N ALA A 345 6.42 16.86 -4.99
CA ALA A 345 5.30 17.10 -5.90
C ALA A 345 5.10 15.93 -6.86
N THR A 346 3.84 15.60 -7.12
CA THR A 346 3.46 14.52 -8.01
C THR A 346 2.36 14.98 -8.95
N PRO A 347 2.27 14.39 -10.15
CA PRO A 347 1.29 14.86 -11.14
C PRO A 347 -0.14 14.47 -10.76
N MET A 348 -1.08 15.11 -11.45
CA MET A 348 -2.50 14.90 -11.25
C MET A 348 -3.18 14.79 -12.60
N THR A 349 -4.20 13.93 -12.68
CA THR A 349 -4.95 13.74 -13.91
C THR A 349 -5.77 14.98 -14.26
N ASN A 350 -6.16 15.07 -15.54
CA ASN A 350 -6.95 16.21 -15.99
C ASN A 350 -8.35 16.19 -15.41
N ASN A 351 -8.94 15.01 -15.25
CA ASN A 351 -10.31 14.92 -14.72
C ASN A 351 -10.37 15.37 -13.28
N MET A 352 -9.37 15.00 -12.46
CA MET A 352 -9.33 15.44 -11.07
C MET A 352 -9.12 16.95 -10.99
N ARG A 353 -8.28 17.50 -11.86
CA ARG A 353 -8.07 18.94 -11.88
C ARG A 353 -9.34 19.69 -12.28
N GLU A 354 -10.09 19.13 -13.23
CA GLU A 354 -11.37 19.73 -13.62
C GLU A 354 -12.40 19.62 -12.51
N CYS A 355 -12.40 18.50 -11.78
CA CYS A 355 -13.30 18.35 -10.64
C CYS A 355 -12.98 19.36 -9.55
N LEU A 356 -11.71 19.62 -9.31
CA LEU A 356 -11.32 20.58 -8.28
C LEU A 356 -11.63 22.02 -8.65
N THR A 357 -11.84 22.31 -9.93
CA THR A 357 -12.11 23.67 -10.37
C THR A 357 -13.59 23.94 -10.65
N GLY A 358 -14.48 22.97 -10.40
CA GLY A 358 -15.90 23.24 -10.51
C GLY A 358 -16.76 22.14 -11.10
N SER A 359 -16.15 21.19 -11.84
CA SER A 359 -16.89 20.13 -12.50
C SER A 359 -17.16 19.01 -11.49
N THR A 360 -18.23 19.19 -10.71
CA THR A 360 -18.55 18.23 -9.65
C THR A 360 -19.02 16.89 -10.19
N GLU A 361 -19.47 16.83 -11.45
CA GLU A 361 -19.91 15.58 -12.03
C GLU A 361 -18.75 14.63 -12.35
N LYS A 362 -17.51 15.10 -12.24
CA LYS A 362 -16.34 14.26 -12.46
C LYS A 362 -15.68 13.81 -11.16
N CYS A 363 -16.27 14.12 -10.01
CA CYS A 363 -15.67 13.76 -8.73
C CYS A 363 -16.24 12.44 -8.25
N PRO A 364 -15.42 11.41 -8.04
CA PRO A 364 -15.94 10.11 -7.60
C PRO A 364 -16.41 10.14 -6.15
N ARG A 365 -17.30 9.20 -5.83
CA ARG A 365 -17.86 9.07 -4.49
C ARG A 365 -17.95 7.60 -4.12
N GLU A 366 -17.96 7.34 -2.81
CA GLU A 366 -18.02 5.98 -2.27
C GLU A 366 -19.13 5.89 -1.23
N LEU A 367 -19.84 4.76 -1.25
CA LEU A 367 -20.92 4.50 -0.30
C LEU A 367 -20.37 4.29 1.11
N VAL A 368 -21.16 4.71 2.09
CA VAL A 368 -20.81 4.55 3.51
C VAL A 368 -21.70 3.45 4.08
N VAL A 369 -21.06 2.40 4.60
CA VAL A 369 -21.77 1.30 5.25
C VAL A 369 -21.46 1.21 6.74
N SER A 370 -20.56 2.04 7.26
CA SER A 370 -20.23 2.05 8.68
C SER A 370 -21.02 3.15 9.39
N SER A 371 -21.10 3.01 10.71
CA SER A 371 -21.79 4.00 11.54
C SER A 371 -20.85 5.04 12.13
N HIS A 372 -19.57 5.01 11.79
CA HIS A 372 -18.58 5.94 12.33
C HIS A 372 -17.99 6.76 11.18
N VAL A 373 -18.68 7.85 10.84
CA VAL A 373 -18.17 8.81 9.86
C VAL A 373 -18.42 10.22 10.35
N PRO A 374 -17.54 11.16 9.99
CA PRO A 374 -17.81 12.57 10.31
C PRO A 374 -19.01 13.07 9.52
N ARG A 375 -19.85 13.84 10.21
CA ARG A 375 -21.11 14.28 9.63
C ARG A 375 -21.31 15.78 9.65
N PHE A 376 -20.39 16.56 10.23
CA PHE A 376 -20.46 18.01 10.13
C PHE A 376 -19.06 18.57 10.34
N ALA A 377 -18.90 19.84 9.93
CA ALA A 377 -17.63 20.53 10.06
C ALA A 377 -17.87 22.02 10.21
N LEU A 378 -16.86 22.71 10.73
CA LEU A 378 -16.90 24.15 10.95
C LEU A 378 -15.81 24.82 10.12
N SER A 379 -16.18 25.85 9.36
CA SER A 379 -15.25 26.59 8.54
C SER A 379 -15.60 28.07 8.60
N ASN A 380 -14.66 28.88 9.06
CA ASN A 380 -14.82 30.34 9.19
C ASN A 380 -16.06 30.71 10.00
N GLY A 381 -16.32 29.93 11.05
CA GLY A 381 -17.49 30.16 11.88
C GLY A 381 -18.81 29.76 11.28
N VAL A 382 -18.80 28.98 10.19
CA VAL A 382 -20.01 28.56 9.51
C VAL A 382 -20.06 27.04 9.53
N LEU A 383 -21.24 26.48 9.79
CA LEU A 383 -21.38 25.04 9.97
C LEU A 383 -21.89 24.39 8.70
N PHE A 384 -21.29 23.27 8.32
CA PHE A 384 -21.75 22.45 7.20
C PHE A 384 -22.11 21.08 7.76
N ALA A 385 -23.38 20.71 7.64
CA ALA A 385 -23.88 19.53 8.33
C ALA A 385 -24.82 18.72 7.46
N ASN A 386 -24.76 17.39 7.63
CA ASN A 386 -25.71 16.46 7.03
C ASN A 386 -26.82 16.24 8.05
N CYS A 387 -27.85 17.10 7.99
CA CYS A 387 -28.92 17.07 8.97
C CYS A 387 -29.96 16.00 8.71
N ILE A 388 -29.85 15.25 7.61
CA ILE A 388 -30.66 14.05 7.44
C ILE A 388 -30.23 12.99 8.43
N SER A 389 -28.92 12.78 8.59
CA SER A 389 -28.41 11.71 9.43
C SER A 389 -28.09 12.15 10.84
N VAL A 390 -27.98 13.45 11.10
CA VAL A 390 -27.73 13.95 12.45
C VAL A 390 -28.83 14.93 12.81
N THR A 391 -29.09 15.08 14.10
CA THR A 391 -30.19 15.90 14.59
C THR A 391 -29.71 17.33 14.80
N CYS A 392 -30.28 18.26 14.02
CA CYS A 392 -29.94 19.67 14.09
C CYS A 392 -31.15 20.46 14.56
N GLN A 393 -30.93 21.38 15.50
CA GLN A 393 -32.00 22.25 15.95
C GLN A 393 -31.40 23.59 16.38
N CYS A 394 -32.24 24.62 16.37
CA CYS A 394 -31.83 25.98 16.67
C CYS A 394 -32.26 26.35 18.08
N GLN A 395 -31.30 26.79 18.90
CA GLN A 395 -31.60 27.16 20.28
C GLN A 395 -32.32 28.49 20.39
N THR A 396 -32.10 29.39 19.41
CA THR A 396 -32.72 30.72 19.47
C THR A 396 -34.24 30.64 19.38
N THR A 397 -34.76 29.79 18.50
CA THR A 397 -36.20 29.66 18.32
C THR A 397 -36.77 28.37 18.91
N GLY A 398 -35.92 27.41 19.27
CA GLY A 398 -36.39 26.15 19.81
C GLY A 398 -36.90 25.17 18.79
N ARG A 399 -36.78 25.47 17.51
CA ARG A 399 -37.30 24.63 16.44
C ARG A 399 -36.20 23.79 15.82
N ALA A 400 -36.60 22.68 15.21
CA ALA A 400 -35.65 21.82 14.52
C ALA A 400 -35.26 22.40 13.18
N ILE A 401 -34.05 22.07 12.72
CA ILE A 401 -33.57 22.45 11.42
C ILE A 401 -33.74 21.25 10.49
N SER A 402 -34.54 21.43 9.44
CA SER A 402 -34.96 20.34 8.57
C SER A 402 -34.26 20.44 7.22
N GLN A 403 -33.79 19.29 6.73
CA GLN A 403 -33.15 19.19 5.43
C GLN A 403 -34.05 18.39 4.50
N SER A 404 -34.23 18.88 3.27
CA SER A 404 -34.99 18.16 2.28
C SER A 404 -34.25 16.90 1.83
N GLY A 405 -35.01 15.91 1.38
CA GLY A 405 -34.41 14.69 0.87
C GLY A 405 -33.71 14.87 -0.46
N GLU A 406 -33.91 16.01 -1.12
CA GLU A 406 -33.24 16.31 -2.38
C GLU A 406 -31.91 17.03 -2.19
N GLN A 407 -31.57 17.44 -0.97
CA GLN A 407 -30.36 18.19 -0.72
C GLN A 407 -29.25 17.28 -0.19
N THR A 408 -28.01 17.67 -0.48
CA THR A 408 -26.83 16.94 0.00
C THR A 408 -26.43 17.37 1.41
N LEU A 409 -26.18 18.66 1.61
CA LEU A 409 -25.77 19.19 2.90
C LEU A 409 -26.62 20.41 3.22
N LEU A 410 -26.45 20.92 4.44
CA LEU A 410 -27.01 22.20 4.86
C LEU A 410 -25.89 23.09 5.37
N MET A 411 -25.88 24.34 4.90
CA MET A 411 -25.00 25.38 5.43
C MET A 411 -25.79 26.19 6.44
N ILE A 412 -25.23 26.35 7.63
CA ILE A 412 -25.89 27.06 8.73
C ILE A 412 -24.98 28.18 9.20
N ASP A 413 -25.52 29.40 9.22
CA ASP A 413 -24.86 30.59 9.73
C ASP A 413 -25.87 31.37 10.57
N ASN A 414 -25.47 32.54 11.06
CA ASN A 414 -26.28 33.24 12.06
C ASN A 414 -27.43 34.00 11.42
N THR A 415 -27.47 34.09 10.09
CA THR A 415 -28.60 34.72 9.42
C THR A 415 -29.87 33.90 9.63
N THR A 416 -29.74 32.58 9.60
CA THR A 416 -30.90 31.72 9.85
C THR A 416 -30.94 31.24 11.30
N CYS A 417 -29.79 30.85 11.85
CA CYS A 417 -29.73 30.29 13.20
C CYS A 417 -28.51 30.87 13.92
N PRO A 418 -28.72 31.84 14.81
CA PRO A 418 -27.57 32.42 15.52
C PRO A 418 -26.81 31.45 16.40
N THR A 419 -27.49 30.46 16.98
CA THR A 419 -26.86 29.51 17.90
C THR A 419 -27.47 28.13 17.66
N ALA A 420 -26.63 27.16 17.31
CA ALA A 420 -27.09 25.82 16.96
C ALA A 420 -26.60 24.81 17.98
N VAL A 421 -27.47 23.83 18.28
CA VAL A 421 -27.15 22.77 19.22
C VAL A 421 -27.15 21.44 18.46
N LEU A 422 -26.06 20.68 18.60
CA LEU A 422 -25.89 19.39 17.93
C LEU A 422 -25.49 18.37 18.98
N GLY A 423 -26.49 17.76 19.63
CA GLY A 423 -26.22 16.82 20.69
C GLY A 423 -25.84 17.51 21.98
N ASN A 424 -24.60 17.33 22.42
CA ASN A 424 -24.13 17.93 23.67
C ASN A 424 -23.37 19.25 23.48
N VAL A 425 -23.24 19.74 22.25
CA VAL A 425 -22.50 20.97 21.97
C VAL A 425 -23.47 22.04 21.52
N ILE A 426 -23.31 23.24 22.08
CA ILE A 426 -24.06 24.43 21.70
C ILE A 426 -23.03 25.45 21.19
N ILE A 427 -23.17 25.87 19.95
CA ILE A 427 -22.16 26.68 19.28
C ILE A 427 -22.83 27.88 18.62
N SER A 428 -22.26 29.07 18.84
CA SER A 428 -22.69 30.28 18.16
C SER A 428 -21.93 30.44 16.84
N LEU A 429 -22.59 31.04 15.85
CA LEU A 429 -22.12 31.03 14.48
C LEU A 429 -21.93 32.44 13.95
N GLY A 430 -21.08 32.55 12.93
CA GLY A 430 -20.83 33.79 12.24
C GLY A 430 -21.65 33.91 10.96
N LYS A 431 -21.19 34.79 10.07
CA LYS A 431 -21.88 35.09 8.82
C LYS A 431 -21.14 34.46 7.66
N TYR A 432 -21.88 33.81 6.77
CA TYR A 432 -21.28 33.13 5.63
C TYR A 432 -20.93 34.11 4.52
N LEU A 433 -19.74 33.97 3.96
CA LEU A 433 -19.29 34.75 2.83
C LEU A 433 -19.44 33.91 1.57
N GLY A 434 -20.27 34.37 0.65
CA GLY A 434 -20.57 33.61 -0.55
C GLY A 434 -21.98 33.93 -1.02
N SER A 435 -22.54 33.00 -1.78
CA SER A 435 -23.86 33.18 -2.36
C SER A 435 -24.93 33.21 -1.27
N VAL A 436 -25.88 34.14 -1.41
CA VAL A 436 -26.99 34.24 -0.46
C VAL A 436 -28.00 33.13 -0.67
N ASN A 437 -28.02 32.52 -1.86
CA ASN A 437 -28.95 31.45 -2.19
C ASN A 437 -28.27 30.08 -2.20
N TYR A 438 -27.38 29.85 -1.23
CA TYR A 438 -26.61 28.60 -1.19
C TYR A 438 -27.54 27.39 -1.07
N ASN A 439 -28.51 27.45 -0.17
CA ASN A 439 -29.35 26.29 0.11
C ASN A 439 -30.47 26.10 -0.89
N SER A 440 -30.64 27.02 -1.84
CA SER A 440 -31.66 26.89 -2.87
C SER A 440 -31.11 26.40 -4.21
N GLU A 441 -29.82 26.12 -4.29
CA GLU A 441 -29.18 25.73 -5.54
C GLU A 441 -28.59 24.34 -5.41
N GLY A 442 -28.94 23.45 -6.33
CA GLY A 442 -28.47 22.08 -6.31
C GLY A 442 -27.12 21.91 -6.98
N ILE A 443 -26.64 20.67 -6.97
CA ILE A 443 -25.33 20.32 -7.52
C ILE A 443 -25.47 19.04 -8.33
N ALA A 444 -24.54 18.85 -9.27
CA ALA A 444 -24.46 17.63 -10.05
C ALA A 444 -23.53 16.63 -9.38
N ILE A 445 -23.95 15.36 -9.37
CA ILE A 445 -23.29 14.31 -8.61
C ILE A 445 -22.36 13.54 -9.51
N GLY A 446 -21.37 12.87 -8.91
CA GLY A 446 -20.43 12.05 -9.65
C GLY A 446 -20.77 10.59 -9.60
N PRO A 447 -19.94 9.78 -10.25
CA PRO A 447 -20.19 8.34 -10.31
C PRO A 447 -19.64 7.62 -9.09
N PRO A 448 -20.35 6.61 -8.59
CA PRO A 448 -19.84 5.84 -7.45
C PRO A 448 -18.67 4.95 -7.84
N VAL A 449 -17.77 4.74 -6.88
CA VAL A 449 -16.56 3.93 -7.07
C VAL A 449 -16.38 3.00 -5.87
N PHE A 450 -15.48 2.04 -6.05
CA PHE A 450 -15.05 1.13 -4.98
C PHE A 450 -13.52 1.16 -4.93
N THR A 451 -12.97 1.35 -3.73
CA THR A 451 -11.54 1.56 -3.56
C THR A 451 -10.82 0.36 -2.97
N ASP A 452 -11.48 -0.77 -2.81
CA ASP A 452 -10.81 -1.96 -2.29
C ASP A 452 -9.92 -2.59 -3.35
N LYS A 453 -8.79 -3.16 -2.91
CA LYS A 453 -7.80 -3.69 -3.85
C LYS A 453 -8.35 -4.88 -4.63
N VAL A 454 -8.99 -5.83 -3.92
CA VAL A 454 -9.63 -6.96 -4.59
C VAL A 454 -10.77 -6.46 -5.47
N ASP A 455 -11.49 -5.43 -5.00
CA ASP A 455 -12.52 -4.81 -5.83
C ASP A 455 -11.92 -4.15 -7.05
N ILE A 456 -10.73 -3.58 -6.92
CA ILE A 456 -10.06 -2.99 -8.08
C ILE A 456 -9.75 -4.05 -9.13
N SER A 457 -9.22 -5.20 -8.67
CA SER A 457 -8.94 -6.29 -9.60
C SER A 457 -10.22 -6.81 -10.26
N SER A 458 -11.30 -6.95 -9.48
CA SER A 458 -12.55 -7.43 -10.03
C SER A 458 -13.13 -6.45 -11.05
N GLN A 459 -13.04 -5.15 -10.77
CA GLN A 459 -13.52 -4.14 -11.71
C GLN A 459 -12.70 -4.15 -12.99
N ILE A 460 -11.39 -4.33 -12.87
CA ILE A 460 -10.54 -4.41 -14.06
C ILE A 460 -10.93 -5.60 -14.93
N SER A 461 -11.15 -6.76 -14.31
CA SER A 461 -11.57 -7.94 -15.06
C SER A 461 -12.93 -7.73 -15.73
N SER A 462 -13.88 -7.14 -15.00
CA SER A 462 -15.21 -6.92 -15.57
C SER A 462 -15.15 -5.97 -16.75
N MET A 463 -14.38 -4.88 -16.64
CA MET A 463 -14.24 -3.95 -17.74
C MET A 463 -13.56 -4.59 -18.94
N ASN A 464 -12.55 -5.44 -18.70
CA ASN A 464 -11.90 -6.12 -19.81
C ASN A 464 -12.85 -7.06 -20.52
N GLN A 465 -13.67 -7.81 -19.77
CA GLN A 465 -14.62 -8.71 -20.39
C GLN A 465 -15.68 -7.95 -21.19
N SER A 466 -16.16 -6.82 -20.66
CA SER A 466 -17.13 -6.01 -21.38
C SER A 466 -16.51 -5.44 -22.67
N LEU A 467 -15.26 -5.00 -22.60
CA LEU A 467 -14.58 -4.50 -23.79
C LEU A 467 -14.39 -5.60 -24.83
N GLN A 468 -14.08 -6.83 -24.38
CA GLN A 468 -13.95 -7.95 -25.30
C GLN A 468 -15.29 -8.27 -25.97
N GLN A 469 -16.38 -8.21 -25.22
CA GLN A 469 -17.71 -8.42 -25.81
C GLN A 469 -18.03 -7.34 -26.84
N SER A 470 -17.71 -6.08 -26.52
CA SER A 470 -17.97 -4.99 -27.46
C SER A 470 -17.15 -5.16 -28.74
N LYS A 471 -15.89 -5.58 -28.61
CA LYS A 471 -15.08 -5.87 -29.79
C LYS A 471 -15.63 -7.06 -30.57
N ASP A 472 -16.19 -8.05 -29.87
CA ASP A 472 -16.80 -9.18 -30.56
C ASP A 472 -18.01 -8.74 -31.39
N TYR A 473 -18.79 -7.79 -30.87
CA TYR A 473 -19.86 -7.21 -31.70
C TYR A 473 -19.27 -6.46 -32.90
N ILE A 474 -18.16 -5.76 -32.68
CA ILE A 474 -17.50 -5.00 -33.75
C ILE A 474 -16.92 -5.95 -34.79
N GLU B 20 -48.08 29.62 6.98
CA GLU B 20 -47.03 29.99 6.03
C GLU B 20 -47.08 29.08 4.81
N VAL B 21 -46.78 27.79 5.01
CA VAL B 21 -46.87 26.83 3.94
C VAL B 21 -48.32 26.57 3.61
N GLN B 22 -48.68 26.75 2.34
CA GLN B 22 -50.06 26.65 1.90
C GLN B 22 -50.14 25.82 0.62
N LEU B 23 -51.04 24.85 0.61
CA LEU B 23 -51.32 24.02 -0.57
C LEU B 23 -52.82 24.05 -0.82
N VAL B 24 -53.22 24.46 -2.02
CA VAL B 24 -54.64 24.59 -2.37
C VAL B 24 -54.90 23.74 -3.60
N GLU B 25 -55.85 22.82 -3.49
CA GLU B 25 -56.22 21.93 -4.59
C GLU B 25 -57.46 22.45 -5.31
N SER B 26 -57.58 22.08 -6.58
CA SER B 26 -58.72 22.49 -7.40
C SER B 26 -58.86 21.52 -8.57
N GLY B 27 -60.04 21.57 -9.20
CA GLY B 27 -60.32 20.80 -10.38
C GLY B 27 -61.17 19.57 -10.20
N GLY B 28 -61.61 19.28 -8.98
CA GLY B 28 -62.43 18.11 -8.74
C GLY B 28 -63.86 18.30 -9.16
N GLY B 29 -64.60 17.20 -9.22
CA GLY B 29 -65.98 17.26 -9.62
C GLY B 29 -66.50 15.88 -9.98
N LEU B 30 -67.61 15.87 -10.73
CA LEU B 30 -68.28 14.66 -11.16
C LEU B 30 -68.00 14.42 -12.63
N VAL B 31 -67.56 13.20 -12.96
CA VAL B 31 -67.24 12.82 -14.33
C VAL B 31 -67.96 11.53 -14.68
N GLN B 32 -68.12 11.29 -15.98
CA GLN B 32 -68.68 10.03 -16.44
C GLN B 32 -67.61 8.94 -16.41
N PRO B 33 -68.02 7.67 -16.32
CA PRO B 33 -67.04 6.58 -16.40
C PRO B 33 -66.33 6.58 -17.75
N LYS B 34 -65.08 6.11 -17.73
CA LYS B 34 -64.16 6.11 -18.86
C LYS B 34 -63.84 7.52 -19.35
N GLY B 35 -63.90 8.52 -18.48
CA GLY B 35 -63.59 9.89 -18.83
C GLY B 35 -62.18 10.28 -18.43
N SER B 36 -61.95 11.59 -18.36
CA SER B 36 -60.65 12.16 -18.03
C SER B 36 -60.84 13.47 -17.29
N LEU B 37 -59.89 13.80 -16.42
CA LEU B 37 -59.96 15.03 -15.65
C LEU B 37 -58.56 15.36 -15.12
N LYS B 38 -58.30 16.65 -14.96
CA LYS B 38 -57.00 17.11 -14.47
C LYS B 38 -57.18 17.94 -13.20
N LEU B 39 -56.42 17.56 -12.17
CA LEU B 39 -56.41 18.25 -10.88
C LEU B 39 -55.16 19.12 -10.77
N SER B 40 -55.33 20.26 -10.10
CA SER B 40 -54.26 21.24 -9.95
C SER B 40 -54.03 21.54 -8.47
N CYS B 41 -52.79 21.86 -8.14
CA CYS B 41 -52.36 22.19 -6.79
C CYS B 41 -51.47 23.41 -6.84
N ALA B 42 -51.86 24.46 -6.10
CA ALA B 42 -51.11 25.71 -6.02
C ALA B 42 -50.40 25.76 -4.67
N ALA B 43 -49.10 26.02 -4.70
CA ALA B 43 -48.27 26.02 -3.51
C ALA B 43 -47.75 27.42 -3.24
N SER B 44 -47.64 27.77 -1.96
CA SER B 44 -47.09 29.06 -1.58
C SER B 44 -46.47 28.94 -0.19
N GLY B 45 -45.61 29.91 0.13
CA GLY B 45 -44.98 29.97 1.42
C GLY B 45 -43.64 29.26 1.55
N PHE B 46 -43.14 28.66 0.47
CA PHE B 46 -41.86 27.97 0.51
C PHE B 46 -41.29 27.92 -0.90
N ILE B 47 -40.00 27.59 -0.99
CA ILE B 47 -39.31 27.47 -2.27
C ILE B 47 -39.73 26.15 -2.91
N PHE B 48 -40.46 26.25 -4.02
CA PHE B 48 -41.17 25.09 -4.57
C PHE B 48 -40.21 24.10 -5.22
N ASN B 49 -39.19 24.59 -5.92
CA ASN B 49 -38.34 23.73 -6.74
C ASN B 49 -37.32 22.93 -5.92
N THR B 50 -37.39 22.98 -4.59
CA THR B 50 -36.46 22.24 -3.75
C THR B 50 -36.99 20.88 -3.32
N TYR B 51 -38.32 20.71 -3.29
CA TYR B 51 -38.94 19.57 -2.65
C TYR B 51 -39.62 18.67 -3.66
N ALA B 52 -39.81 17.40 -3.27
CA ALA B 52 -40.61 16.45 -4.01
C ALA B 52 -42.06 16.51 -3.56
N MET B 53 -42.97 16.15 -4.47
CA MET B 53 -44.40 16.29 -4.22
C MET B 53 -45.11 14.96 -4.41
N HIS B 54 -46.24 14.81 -3.72
CA HIS B 54 -47.01 13.57 -3.72
C HIS B 54 -48.49 13.87 -3.88
N TRP B 55 -49.21 12.87 -4.39
CA TRP B 55 -50.66 12.84 -4.39
C TRP B 55 -51.12 11.65 -3.55
N VAL B 56 -52.05 11.89 -2.62
CA VAL B 56 -52.57 10.85 -1.75
C VAL B 56 -54.10 10.90 -1.77
N ARG B 57 -54.75 9.76 -1.98
CA ARG B 57 -56.20 9.72 -2.06
C ARG B 57 -56.79 8.91 -0.91
N GLN B 58 -58.01 9.28 -0.54
CA GLN B 58 -58.77 8.61 0.51
C GLN B 58 -60.18 8.35 0.01
N ALA B 59 -60.57 7.09 -0.06
CA ALA B 59 -61.94 6.72 -0.40
C ALA B 59 -62.88 7.09 0.75
N PRO B 60 -64.17 7.33 0.45
CA PRO B 60 -65.11 7.66 1.52
C PRO B 60 -65.23 6.59 2.59
N GLY B 61 -64.81 6.92 3.80
CA GLY B 61 -64.89 6.02 4.93
C GLY B 61 -63.74 5.05 5.07
N LYS B 62 -62.78 5.06 4.17
CA LYS B 62 -61.65 4.15 4.18
C LYS B 62 -60.37 4.89 4.54
N GLY B 63 -59.24 4.17 4.47
CA GLY B 63 -57.96 4.71 4.88
C GLY B 63 -57.26 5.48 3.77
N LEU B 64 -56.00 5.81 4.04
CA LEU B 64 -55.19 6.61 3.13
C LEU B 64 -54.45 5.70 2.14
N GLU B 65 -54.31 6.18 0.90
CA GLU B 65 -53.64 5.43 -0.15
C GLU B 65 -52.75 6.36 -0.95
N TRP B 66 -51.48 5.98 -1.10
CA TRP B 66 -50.54 6.76 -1.90
C TRP B 66 -50.78 6.53 -3.39
N VAL B 67 -50.67 7.60 -4.18
CA VAL B 67 -50.98 7.57 -5.60
C VAL B 67 -49.72 7.76 -6.45
N ALA B 68 -49.09 8.92 -6.35
CA ALA B 68 -47.99 9.25 -7.25
C ALA B 68 -47.03 10.20 -6.57
N ARG B 69 -45.78 10.16 -7.04
CA ARG B 69 -44.69 10.99 -6.52
C ARG B 69 -43.89 11.57 -7.67
N ILE B 70 -43.53 12.86 -7.57
CA ILE B 70 -42.63 13.50 -8.52
C ILE B 70 -41.50 14.16 -7.75
N ARG B 71 -40.28 14.06 -8.29
CA ARG B 71 -39.09 14.58 -7.65
C ARG B 71 -38.68 15.91 -8.28
N SER B 72 -37.60 16.49 -7.76
CA SER B 72 -37.16 17.82 -8.15
C SER B 72 -36.25 17.75 -9.38
N LYS B 73 -35.73 18.92 -9.77
CA LYS B 73 -34.92 19.01 -10.98
C LYS B 73 -33.54 18.37 -10.78
N SER B 74 -33.04 18.35 -9.55
CA SER B 74 -31.72 17.76 -9.29
C SER B 74 -31.74 16.25 -9.44
N SER B 75 -32.92 15.61 -9.40
CA SER B 75 -33.04 14.17 -9.61
C SER B 75 -33.73 13.86 -10.92
N ASN B 76 -33.65 14.76 -11.91
CA ASN B 76 -34.14 14.55 -13.27
C ASN B 76 -35.65 14.28 -13.33
N TYR B 77 -36.39 14.86 -12.38
CA TYR B 77 -37.86 14.82 -12.39
C TYR B 77 -38.41 13.39 -12.44
N ALA B 78 -37.80 12.50 -11.64
CA ALA B 78 -38.23 11.11 -11.63
C ALA B 78 -39.64 10.97 -11.06
N THR B 79 -40.45 10.13 -11.69
CA THR B 79 -41.84 9.96 -11.32
C THR B 79 -42.10 8.51 -10.91
N TYR B 80 -43.02 8.34 -9.95
CA TYR B 80 -43.42 7.03 -9.47
C TYR B 80 -44.93 6.98 -9.35
N TYR B 81 -45.50 5.82 -9.67
CA TYR B 81 -46.94 5.64 -9.66
C TYR B 81 -47.30 4.35 -8.92
N ALA B 82 -48.53 4.32 -8.40
CA ALA B 82 -49.05 3.13 -7.77
C ALA B 82 -49.49 2.11 -8.83
N ASP B 83 -49.73 0.88 -8.38
CA ASP B 83 -50.09 -0.20 -9.30
C ASP B 83 -51.44 0.05 -9.97
N SER B 84 -52.42 0.55 -9.21
CA SER B 84 -53.78 0.68 -9.72
C SER B 84 -53.92 1.79 -10.75
N VAL B 85 -52.99 2.74 -10.81
CA VAL B 85 -53.10 3.89 -11.70
C VAL B 85 -51.83 4.04 -12.52
N LYS B 86 -51.11 2.95 -12.72
CA LYS B 86 -49.76 3.03 -13.30
C LYS B 86 -49.80 3.54 -14.74
N ASP B 87 -50.74 3.06 -15.54
CA ASP B 87 -50.82 3.42 -16.95
C ASP B 87 -51.95 4.39 -17.26
N ARG B 88 -52.62 4.93 -16.25
CA ARG B 88 -53.75 5.82 -16.46
C ARG B 88 -53.53 7.24 -15.95
N PHE B 89 -52.62 7.42 -14.97
CA PHE B 89 -52.40 8.71 -14.34
C PHE B 89 -51.05 9.27 -14.77
N THR B 90 -50.95 10.60 -14.74
CA THR B 90 -49.70 11.29 -15.07
C THR B 90 -49.53 12.47 -14.13
N ILE B 91 -48.38 12.53 -13.47
CA ILE B 91 -48.07 13.60 -12.52
C ILE B 91 -47.03 14.52 -13.15
N SER B 92 -47.23 15.82 -12.98
CA SER B 92 -46.32 16.81 -13.57
C SER B 92 -46.23 18.01 -12.64
N ARG B 93 -45.19 18.82 -12.85
CA ARG B 93 -44.96 20.01 -12.06
C ARG B 93 -44.49 21.14 -12.96
N ASP B 94 -44.76 22.37 -12.51
CA ASP B 94 -44.32 23.58 -13.20
C ASP B 94 -43.67 24.48 -12.16
N ASP B 95 -42.34 24.59 -12.22
CA ASP B 95 -41.59 25.28 -11.17
C ASP B 95 -41.72 26.79 -11.27
N SER B 96 -41.89 27.33 -12.49
CA SER B 96 -42.03 28.77 -12.64
C SER B 96 -43.32 29.27 -12.02
N GLN B 97 -44.42 28.54 -12.21
CA GLN B 97 -45.70 28.89 -11.63
C GLN B 97 -45.94 28.26 -10.27
N SER B 98 -45.03 27.38 -9.82
CA SER B 98 -45.16 26.65 -8.55
C SER B 98 -46.47 25.87 -8.50
N MET B 99 -46.70 25.05 -9.53
CA MET B 99 -47.94 24.32 -9.66
C MET B 99 -47.68 22.82 -9.81
N LEU B 100 -48.62 22.02 -9.33
CA LEU B 100 -48.58 20.57 -9.47
C LEU B 100 -49.84 20.10 -10.18
N TYR B 101 -49.69 19.15 -11.09
CA TYR B 101 -50.81 18.68 -11.91
C TYR B 101 -50.90 17.17 -11.88
N LEU B 102 -52.13 16.67 -11.86
CA LEU B 102 -52.41 15.24 -11.98
C LEU B 102 -53.46 15.06 -13.08
N GLN B 103 -53.03 14.50 -14.21
CA GLN B 103 -53.93 14.23 -15.32
C GLN B 103 -54.36 12.77 -15.27
N MET B 104 -55.66 12.52 -15.28
CA MET B 104 -56.23 11.20 -15.09
C MET B 104 -57.09 10.83 -16.30
N ASN B 105 -56.80 9.66 -16.88
CA ASN B 105 -57.53 9.15 -18.04
C ASN B 105 -58.07 7.78 -17.72
N ASN B 106 -59.12 7.39 -18.45
CA ASN B 106 -59.78 6.08 -18.30
C ASN B 106 -60.27 5.89 -16.86
N LEU B 107 -61.00 6.90 -16.37
CA LEU B 107 -61.44 6.89 -14.98
C LEU B 107 -62.49 5.80 -14.74
N LYS B 108 -62.41 5.18 -13.57
CA LYS B 108 -63.30 4.09 -13.19
C LYS B 108 -64.08 4.47 -11.94
N THR B 109 -65.01 3.60 -11.56
CA THR B 109 -65.85 3.87 -10.40
C THR B 109 -65.08 3.68 -9.10
N GLU B 110 -63.89 3.09 -9.17
CA GLU B 110 -63.05 2.91 -7.98
C GLU B 110 -62.21 4.13 -7.66
N ASP B 111 -62.26 5.17 -8.48
CA ASP B 111 -61.43 6.35 -8.30
C ASP B 111 -62.13 7.50 -7.58
N THR B 112 -63.37 7.31 -7.13
CA THR B 112 -64.09 8.37 -6.43
C THR B 112 -63.51 8.53 -5.03
N ALA B 113 -62.89 9.67 -4.75
CA ALA B 113 -62.14 9.83 -3.51
C ALA B 113 -61.84 11.30 -3.28
N MET B 114 -61.28 11.59 -2.10
CA MET B 114 -60.72 12.89 -1.81
C MET B 114 -59.21 12.84 -2.03
N TYR B 115 -58.69 13.80 -2.80
CA TYR B 115 -57.30 13.83 -3.21
C TYR B 115 -56.56 14.95 -2.50
N TYR B 116 -55.36 14.66 -2.02
CA TYR B 116 -54.53 15.56 -1.25
C TYR B 116 -53.20 15.79 -1.95
N CYS B 117 -52.81 17.05 -2.01
CA CYS B 117 -51.48 17.48 -2.47
C CYS B 117 -50.55 17.50 -1.26
N VAL B 118 -49.46 16.75 -1.32
CA VAL B 118 -48.61 16.52 -0.16
C VAL B 118 -47.20 17.01 -0.45
N ARG B 119 -46.69 17.86 0.45
CA ARG B 119 -45.31 18.33 0.44
C ARG B 119 -44.46 17.39 1.28
N GLU B 120 -43.42 16.84 0.66
CA GLU B 120 -42.50 15.91 1.31
C GLU B 120 -41.32 16.68 1.89
N GLY B 121 -41.15 16.58 3.21
CA GLY B 121 -40.00 17.16 3.87
C GLY B 121 -39.14 16.09 4.48
N GLY B 122 -37.83 16.16 4.27
CA GLY B 122 -36.99 15.02 4.59
C GLY B 122 -37.35 13.89 3.66
N TYR B 123 -37.68 12.73 4.22
CA TYR B 123 -38.25 11.63 3.44
C TYR B 123 -39.68 11.31 3.85
N TYR B 124 -40.21 11.99 4.86
CA TYR B 124 -41.57 11.78 5.34
C TYR B 124 -42.50 12.85 4.77
N PHE B 125 -43.79 12.64 4.93
CA PHE B 125 -44.80 13.56 4.42
C PHE B 125 -44.95 14.73 5.38
N ASP B 126 -44.55 15.92 4.95
CA ASP B 126 -44.47 17.07 5.84
C ASP B 126 -45.78 17.84 5.90
N TYR B 127 -46.31 18.27 4.75
CA TYR B 127 -47.47 19.14 4.75
C TYR B 127 -48.56 18.57 3.85
N TRP B 128 -49.81 18.83 4.25
CA TRP B 128 -50.98 18.31 3.54
C TRP B 128 -51.91 19.46 3.17
N GLY B 129 -52.56 19.34 2.02
CA GLY B 129 -53.55 20.30 1.60
C GLY B 129 -54.93 19.97 2.11
N GLN B 130 -55.90 20.77 1.66
CA GLN B 130 -57.29 20.56 2.07
C GLN B 130 -57.94 19.40 1.33
N GLY B 131 -57.60 19.19 0.08
CA GLY B 131 -58.13 18.08 -0.69
C GLY B 131 -59.29 18.48 -1.58
N THR B 132 -59.48 17.74 -2.66
CA THR B 132 -60.56 17.98 -3.61
C THR B 132 -61.26 16.66 -3.92
N THR B 133 -62.55 16.75 -4.25
CA THR B 133 -63.40 15.58 -4.34
C THR B 133 -63.59 15.16 -5.80
N LEU B 134 -63.37 13.88 -6.08
CA LEU B 134 -63.64 13.28 -7.38
C LEU B 134 -64.76 12.26 -7.23
N THR B 135 -65.80 12.40 -8.05
CA THR B 135 -66.91 11.46 -8.10
C THR B 135 -67.03 10.95 -9.53
N VAL B 136 -67.08 9.63 -9.69
CA VAL B 136 -67.23 8.98 -10.98
C VAL B 136 -68.55 8.21 -10.96
N SER B 137 -69.45 8.56 -11.85
CA SER B 137 -70.76 7.93 -11.92
C SER B 137 -71.40 8.11 -13.28
N GLU C 20 32.08 23.78 -40.53
CA GLU C 20 31.63 22.39 -40.57
C GLU C 20 30.16 22.31 -40.95
N VAL C 21 29.29 22.82 -40.08
CA VAL C 21 27.86 22.87 -40.39
C VAL C 21 27.62 23.92 -41.46
N GLN C 22 26.98 23.51 -42.55
CA GLN C 22 26.76 24.38 -43.70
C GLN C 22 25.32 24.27 -44.17
N LEU C 23 24.68 25.41 -44.37
CA LEU C 23 23.33 25.49 -44.92
C LEU C 23 23.35 26.46 -46.09
N VAL C 24 22.91 26.00 -47.26
CA VAL C 24 22.92 26.82 -48.48
C VAL C 24 21.51 26.88 -49.03
N GLU C 25 21.00 28.10 -49.22
CA GLU C 25 19.67 28.32 -49.75
C GLU C 25 19.72 28.65 -51.24
N SER C 26 18.63 28.31 -51.93
CA SER C 26 18.53 28.57 -53.37
C SER C 26 17.06 28.62 -53.76
N GLY C 27 16.81 29.18 -54.95
CA GLY C 27 15.49 29.22 -55.53
C GLY C 27 14.78 30.56 -55.46
N GLY C 28 15.42 31.59 -54.89
CA GLY C 28 14.77 32.89 -54.80
C GLY C 28 14.80 33.65 -56.11
N GLY C 29 14.00 34.70 -56.16
CA GLY C 29 13.92 35.51 -57.36
C GLY C 29 12.70 36.42 -57.33
N LEU C 30 12.34 36.90 -58.52
CA LEU C 30 11.23 37.81 -58.69
C LEU C 30 10.06 37.06 -59.31
N VAL C 31 8.88 37.19 -58.70
CA VAL C 31 7.67 36.52 -59.18
C VAL C 31 6.56 37.55 -59.31
N GLN C 32 5.56 37.19 -60.12
CA GLN C 32 4.37 38.01 -60.24
C GLN C 32 3.45 37.78 -59.04
N PRO C 33 2.59 38.76 -58.70
CA PRO C 33 1.61 38.54 -57.63
C PRO C 33 0.66 37.40 -57.97
N LYS C 34 0.19 36.71 -56.93
CA LYS C 34 -0.63 35.52 -57.00
C LYS C 34 0.08 34.36 -57.69
N GLY C 35 1.41 34.32 -57.64
CA GLY C 35 2.17 33.23 -58.22
C GLY C 35 2.58 32.19 -57.19
N SER C 36 3.60 31.41 -57.57
CA SER C 36 4.10 30.34 -56.72
C SER C 36 5.60 30.17 -56.94
N LEU C 37 6.30 29.71 -55.90
CA LEU C 37 7.73 29.49 -55.98
C LEU C 37 8.15 28.51 -54.90
N LYS C 38 9.20 27.74 -55.18
CA LYS C 38 9.70 26.77 -54.23
C LYS C 38 11.17 27.06 -53.92
N LEU C 39 11.48 27.13 -52.63
CA LEU C 39 12.83 27.38 -52.13
C LEU C 39 13.43 26.09 -51.61
N SER C 40 14.74 25.95 -51.79
CA SER C 40 15.47 24.75 -51.41
C SER C 40 16.62 25.11 -50.48
N CYS C 41 16.94 24.19 -49.57
CA CYS C 41 18.01 24.33 -48.61
C CYS C 41 18.81 23.04 -48.56
N ALA C 42 20.11 23.13 -48.82
CA ALA C 42 21.03 22.00 -48.81
C ALA C 42 21.88 22.08 -47.55
N ALA C 43 21.91 20.97 -46.81
CA ALA C 43 22.59 20.90 -45.52
C ALA C 43 23.78 19.95 -45.61
N SER C 44 24.86 20.28 -44.91
CA SER C 44 26.02 19.41 -44.86
C SER C 44 26.75 19.64 -43.55
N GLY C 45 27.59 18.67 -43.18
CA GLY C 45 28.40 18.77 -41.99
C GLY C 45 27.79 18.20 -40.72
N PHE C 46 26.59 17.64 -40.80
CA PHE C 46 25.95 17.06 -39.63
C PHE C 46 24.94 16.01 -40.08
N ILE C 47 24.49 15.20 -39.13
CA ILE C 47 23.50 14.16 -39.39
C ILE C 47 22.14 14.83 -39.52
N PHE C 48 21.55 14.78 -40.72
CA PHE C 48 20.41 15.63 -41.03
C PHE C 48 19.13 15.13 -40.36
N ASN C 49 18.93 13.81 -40.31
CA ASN C 49 17.65 13.25 -39.87
C ASN C 49 17.48 13.29 -38.36
N THR C 50 18.41 13.88 -37.61
CA THR C 50 18.31 13.96 -36.16
C THR C 50 17.61 15.24 -35.70
N TYR C 51 17.69 16.32 -36.47
CA TYR C 51 17.32 17.65 -36.01
C TYR C 51 16.03 18.13 -36.69
N ALA C 52 15.37 19.08 -36.05
CA ALA C 52 14.25 19.81 -36.62
C ALA C 52 14.74 21.05 -37.35
N MET C 53 13.95 21.50 -38.33
CA MET C 53 14.36 22.58 -39.21
C MET C 53 13.32 23.69 -39.23
N HIS C 54 13.78 24.91 -39.51
CA HIS C 54 12.93 26.09 -39.48
C HIS C 54 13.20 26.97 -40.70
N TRP C 55 12.19 27.75 -41.07
CA TRP C 55 12.34 28.85 -42.03
C TRP C 55 12.05 30.17 -41.32
N VAL C 56 12.93 31.15 -41.48
CA VAL C 56 12.76 32.45 -40.85
C VAL C 56 12.96 33.54 -41.90
N ARG C 57 12.03 34.49 -41.98
CA ARG C 57 12.11 35.54 -42.98
C ARG C 57 12.31 36.90 -42.33
N GLN C 58 12.96 37.80 -43.08
CA GLN C 58 13.21 39.16 -42.65
C GLN C 58 12.84 40.10 -43.79
N ALA C 59 11.88 40.99 -43.54
CA ALA C 59 11.52 42.02 -44.50
C ALA C 59 12.64 43.05 -44.59
N PRO C 60 12.78 43.74 -45.75
CA PRO C 60 13.86 44.73 -45.88
C PRO C 60 13.75 45.88 -44.87
N GLY C 61 14.74 45.96 -43.99
CA GLY C 61 14.80 46.99 -42.98
C GLY C 61 14.04 46.70 -41.71
N LYS C 62 13.36 45.57 -41.61
CA LYS C 62 12.55 45.21 -40.45
C LYS C 62 13.20 44.06 -39.69
N GLY C 63 12.50 43.56 -38.67
CA GLY C 63 13.02 42.53 -37.80
C GLY C 63 12.79 41.12 -38.33
N LEU C 64 13.11 40.15 -37.47
CA LEU C 64 13.02 38.74 -37.82
C LEU C 64 11.61 38.21 -37.53
N GLU C 65 11.16 37.28 -38.38
CA GLU C 65 9.84 36.69 -38.27
C GLU C 65 9.92 35.20 -38.56
N TRP C 66 9.41 34.38 -37.64
CA TRP C 66 9.37 32.94 -37.83
C TRP C 66 8.25 32.56 -38.79
N VAL C 67 8.53 31.58 -39.65
CA VAL C 67 7.61 31.17 -40.71
C VAL C 67 7.07 29.76 -40.48
N ALA C 68 7.94 28.75 -40.51
CA ALA C 68 7.48 27.38 -40.46
C ALA C 68 8.53 26.49 -39.81
N ARG C 69 8.06 25.39 -39.23
CA ARG C 69 8.90 24.41 -38.54
C ARG C 69 8.51 23.01 -38.97
N ILE C 70 9.51 22.15 -39.20
CA ILE C 70 9.28 20.74 -39.45
C ILE C 70 10.15 19.92 -38.49
N ARG C 71 9.59 18.83 -37.98
CA ARG C 71 10.27 17.98 -37.01
C ARG C 71 10.82 16.73 -37.68
N SER C 72 11.47 15.89 -36.88
CA SER C 72 12.17 14.72 -37.40
C SER C 72 11.24 13.52 -37.53
N LYS C 73 11.81 12.38 -37.92
CA LYS C 73 11.00 11.18 -38.16
C LYS C 73 10.50 10.58 -36.85
N SER C 74 11.23 10.77 -35.75
CA SER C 74 10.80 10.21 -34.47
C SER C 74 9.56 10.91 -33.92
N SER C 75 9.25 12.12 -34.40
CA SER C 75 8.05 12.84 -34.00
C SER C 75 7.01 12.90 -35.11
N ASN C 76 7.03 11.92 -36.03
CA ASN C 76 6.03 11.76 -37.09
C ASN C 76 5.97 12.98 -38.03
N TYR C 77 7.09 13.67 -38.20
CA TYR C 77 7.24 14.76 -39.17
C TYR C 77 6.19 15.86 -38.95
N ALA C 78 5.98 16.24 -37.69
CA ALA C 78 4.99 17.26 -37.37
C ALA C 78 5.41 18.61 -37.92
N THR C 79 4.46 19.35 -38.48
CA THR C 79 4.71 20.63 -39.11
C THR C 79 3.91 21.73 -38.42
N TYR C 80 4.51 22.93 -38.38
CA TYR C 80 3.87 24.10 -37.79
C TYR C 80 4.08 25.29 -38.70
N TYR C 81 3.07 26.15 -38.79
CA TYR C 81 3.09 27.30 -39.68
C TYR C 81 2.65 28.54 -38.91
N ALA C 82 3.08 29.70 -39.40
CA ALA C 82 2.66 30.97 -38.86
C ALA C 82 1.25 31.32 -39.37
N ASP C 83 0.64 32.33 -38.73
CA ASP C 83 -0.72 32.70 -39.07
C ASP C 83 -0.83 33.27 -40.48
N SER C 84 0.15 34.09 -40.88
CA SER C 84 0.06 34.79 -42.16
C SER C 84 0.23 33.87 -43.36
N VAL C 85 0.82 32.68 -43.17
CA VAL C 85 1.12 31.79 -44.29
C VAL C 85 0.57 30.40 -44.00
N LYS C 86 -0.47 30.31 -43.17
CA LYS C 86 -0.92 29.03 -42.67
C LYS C 86 -1.47 28.13 -43.78
N ASP C 87 -2.25 28.69 -44.70
CA ASP C 87 -2.89 27.91 -45.76
C ASP C 87 -2.23 28.08 -47.11
N ARG C 88 -1.12 28.80 -47.20
CA ARG C 88 -0.45 29.06 -48.47
C ARG C 88 0.92 28.41 -48.59
N PHE C 89 1.57 28.11 -47.48
CA PHE C 89 2.94 27.61 -47.48
C PHE C 89 2.95 26.14 -47.07
N THR C 90 3.95 25.41 -47.57
CA THR C 90 4.13 24.00 -47.23
C THR C 90 5.62 23.73 -47.03
N ILE C 91 5.97 23.17 -45.88
CA ILE C 91 7.36 22.84 -45.56
C ILE C 91 7.53 21.33 -45.64
N SER C 92 8.64 20.90 -46.23
CA SER C 92 8.91 19.48 -46.40
C SER C 92 10.41 19.22 -46.29
N ARG C 93 10.75 17.96 -46.07
CA ARG C 93 12.15 17.57 -45.95
C ARG C 93 12.37 16.24 -46.65
N ASP C 94 13.61 16.02 -47.09
CA ASP C 94 14.03 14.77 -47.72
C ASP C 94 15.32 14.33 -47.04
N ASP C 95 15.22 13.27 -46.23
CA ASP C 95 16.35 12.87 -45.40
C ASP C 95 17.44 12.16 -46.21
N SER C 96 17.06 11.45 -47.27
CA SER C 96 18.05 10.76 -48.08
C SER C 96 18.99 11.73 -48.79
N GLN C 97 18.44 12.83 -49.33
CA GLN C 97 19.23 13.86 -49.97
C GLN C 97 19.64 14.98 -49.02
N SER C 98 19.17 14.94 -47.77
CA SER C 98 19.44 15.99 -46.77
C SER C 98 19.03 17.36 -47.29
N MET C 99 17.77 17.48 -47.71
CA MET C 99 17.26 18.70 -48.32
C MET C 99 16.02 19.18 -47.59
N LEU C 100 15.83 20.50 -47.59
CA LEU C 100 14.64 21.13 -47.02
C LEU C 100 13.97 21.96 -48.09
N TYR C 101 12.64 21.92 -48.15
CA TYR C 101 11.90 22.60 -49.20
C TYR C 101 10.76 23.43 -48.59
N LEU C 102 10.54 24.60 -49.20
CA LEU C 102 9.42 25.46 -48.84
C LEU C 102 8.68 25.81 -50.13
N GLN C 103 7.48 25.26 -50.30
CA GLN C 103 6.65 25.55 -51.46
C GLN C 103 5.62 26.62 -51.08
N MET C 104 5.56 27.69 -51.87
CA MET C 104 4.76 28.86 -51.57
C MET C 104 3.81 29.14 -52.72
N ASN C 105 2.52 29.25 -52.40
CA ASN C 105 1.48 29.53 -53.37
C ASN C 105 0.71 30.76 -52.95
N ASN C 106 0.04 31.38 -53.94
CA ASN C 106 -0.76 32.58 -53.72
C ASN C 106 0.07 33.71 -53.10
N LEU C 107 1.23 33.94 -53.69
CA LEU C 107 2.18 34.90 -53.14
C LEU C 107 1.62 36.33 -53.24
N LYS C 108 1.90 37.12 -52.20
CA LYS C 108 1.43 38.49 -52.10
C LYS C 108 2.61 39.44 -52.03
N THR C 109 2.30 40.74 -52.07
CA THR C 109 3.35 41.75 -52.02
C THR C 109 3.98 41.86 -50.64
N GLU C 110 3.35 41.26 -49.63
CA GLU C 110 3.89 41.29 -48.27
C GLU C 110 4.95 40.21 -48.04
N ASP C 111 5.20 39.34 -49.03
CA ASP C 111 6.12 38.23 -48.85
C ASP C 111 7.53 38.51 -49.36
N THR C 112 7.81 39.71 -49.85
CA THR C 112 9.15 40.03 -50.35
C THR C 112 10.10 40.17 -49.18
N ALA C 113 11.08 39.28 -49.08
CA ALA C 113 11.92 39.22 -47.90
C ALA C 113 13.14 38.36 -48.17
N MET C 114 14.05 38.34 -47.20
CA MET C 114 15.16 37.40 -47.18
C MET C 114 14.77 36.21 -46.31
N TYR C 115 14.97 35.00 -46.84
CA TYR C 115 14.57 33.78 -46.17
C TYR C 115 15.81 33.00 -45.74
N TYR C 116 15.75 32.47 -44.51
CA TYR C 116 16.86 31.77 -43.88
C TYR C 116 16.43 30.36 -43.50
N CYS C 117 17.28 29.40 -43.82
CA CYS C 117 17.17 28.01 -43.40
C CYS C 117 17.87 27.88 -42.04
N VAL C 118 17.15 27.42 -41.03
CA VAL C 118 17.63 27.45 -39.65
C VAL C 118 17.66 26.02 -39.09
N ARG C 119 18.82 25.64 -38.57
CA ARG C 119 19.03 24.39 -37.86
C ARG C 119 18.76 24.62 -36.38
N GLU C 120 17.84 23.84 -35.82
CA GLU C 120 17.46 23.93 -34.41
C GLU C 120 18.30 22.95 -33.60
N GLY C 121 19.07 23.47 -32.65
CA GLY C 121 19.82 22.63 -31.73
C GLY C 121 19.29 22.80 -30.32
N GLY C 122 19.06 21.69 -29.63
CA GLY C 122 18.32 21.79 -28.38
C GLY C 122 16.90 22.20 -28.70
N TYR C 123 16.43 23.28 -28.08
CA TYR C 123 15.17 23.89 -28.45
C TYR C 123 15.35 25.29 -29.02
N TYR C 124 16.57 25.81 -29.05
CA TYR C 124 16.88 27.13 -29.58
C TYR C 124 17.42 27.02 -31.00
N PHE C 125 17.49 28.17 -31.68
CA PHE C 125 17.97 28.21 -33.06
C PHE C 125 19.48 28.18 -33.07
N ASP C 126 20.05 27.09 -33.58
CA ASP C 126 21.49 26.84 -33.48
C ASP C 126 22.26 27.46 -34.64
N TYR C 127 21.90 27.12 -35.88
CA TYR C 127 22.67 27.54 -37.04
C TYR C 127 21.77 28.22 -38.07
N TRP C 128 22.34 29.19 -38.78
CA TRP C 128 21.63 29.99 -39.76
C TRP C 128 22.36 29.91 -41.10
N GLY C 129 21.59 29.93 -42.19
CA GLY C 129 22.16 29.98 -43.52
C GLY C 129 22.39 31.41 -43.99
N GLN C 130 22.81 31.53 -45.25
CA GLN C 130 23.07 32.84 -45.83
C GLN C 130 21.77 33.56 -46.20
N GLY C 131 20.76 32.83 -46.67
CA GLY C 131 19.49 33.41 -47.02
C GLY C 131 19.35 33.65 -48.51
N THR C 132 18.11 33.67 -48.97
CA THR C 132 17.78 33.93 -50.38
C THR C 132 16.67 34.96 -50.46
N THR C 133 16.66 35.71 -51.56
CA THR C 133 15.80 36.88 -51.71
C THR C 133 14.56 36.54 -52.53
N LEU C 134 13.39 36.90 -52.00
CA LEU C 134 12.14 36.81 -52.72
C LEU C 134 11.58 38.21 -52.95
N THR C 135 11.28 38.53 -54.21
CA THR C 135 10.66 39.78 -54.58
C THR C 135 9.36 39.49 -55.30
N VAL C 136 8.27 40.11 -54.86
CA VAL C 136 6.96 39.96 -55.47
C VAL C 136 6.54 41.33 -56.00
N SER C 137 6.33 41.41 -57.31
CA SER C 137 5.95 42.66 -57.95
C SER C 137 5.27 42.41 -59.29
N ILE D 27 -25.27 -16.41 3.69
CA ILE D 27 -25.76 -17.12 2.53
C ILE D 27 -24.62 -17.42 1.56
N LEU D 28 -23.44 -17.71 2.12
CA LEU D 28 -22.29 -18.08 1.31
C LEU D 28 -22.42 -19.53 0.83
N HIS D 29 -22.07 -19.77 -0.43
CA HIS D 29 -22.13 -21.09 -1.03
C HIS D 29 -20.78 -21.78 -0.81
N TYR D 30 -20.69 -22.53 0.28
CA TYR D 30 -19.40 -23.05 0.72
C TYR D 30 -18.88 -24.17 -0.17
N GLU D 31 -19.78 -24.95 -0.78
CA GLU D 31 -19.36 -26.08 -1.62
C GLU D 31 -18.63 -25.58 -2.87
N LYS D 32 -19.21 -24.62 -3.58
CA LYS D 32 -18.58 -24.08 -4.79
C LYS D 32 -17.29 -23.33 -4.46
N LEU D 33 -17.29 -22.57 -3.36
CA LEU D 33 -16.08 -21.87 -2.94
C LEU D 33 -14.97 -22.85 -2.60
N SER D 34 -15.31 -23.97 -1.95
CA SER D 34 -14.31 -25.01 -1.69
C SER D 34 -13.81 -25.63 -2.99
N LYS D 35 -14.71 -25.83 -3.95
CA LYS D 35 -14.30 -26.34 -5.26
C LYS D 35 -13.38 -25.38 -6.00
N ILE D 36 -13.47 -24.08 -5.72
CA ILE D 36 -12.58 -23.11 -6.34
C ILE D 36 -11.36 -22.81 -5.47
N GLY D 37 -11.22 -23.50 -4.34
CA GLY D 37 -10.03 -23.38 -3.51
C GLY D 37 -10.18 -22.55 -2.26
N LEU D 38 -11.39 -22.16 -1.88
CA LEU D 38 -11.62 -21.32 -0.71
C LEU D 38 -12.32 -22.17 0.35
N VAL D 39 -11.54 -22.73 1.26
CA VAL D 39 -12.05 -23.66 2.25
C VAL D 39 -12.46 -22.88 3.49
N LYS D 40 -13.65 -23.13 4.00
CA LYS D 40 -14.16 -22.31 5.09
C LYS D 40 -13.40 -22.60 6.39
N GLY D 41 -13.13 -21.53 7.13
CA GLY D 41 -12.41 -21.58 8.38
C GLY D 41 -13.33 -21.41 9.58
N VAL D 42 -12.80 -20.81 10.64
CA VAL D 42 -13.58 -20.61 11.85
C VAL D 42 -14.44 -19.37 11.72
N THR D 43 -15.47 -19.29 12.57
CA THR D 43 -16.38 -18.16 12.63
C THR D 43 -16.12 -17.39 13.92
N ARG D 44 -16.03 -16.07 13.82
CA ARG D 44 -15.70 -15.24 14.96
C ARG D 44 -16.79 -14.21 15.20
N LYS D 45 -16.87 -13.76 16.45
CA LYS D 45 -17.82 -12.73 16.86
C LYS D 45 -17.24 -11.34 16.67
N TYR D 46 -18.12 -10.34 16.65
CA TYR D 46 -17.76 -8.96 16.40
C TYR D 46 -18.11 -8.13 17.63
N LYS D 47 -17.14 -7.40 18.17
CA LYS D 47 -17.37 -6.59 19.35
C LYS D 47 -16.56 -5.31 19.29
N ILE D 48 -17.16 -4.22 19.78
CA ILE D 48 -16.58 -2.89 19.70
C ILE D 48 -16.60 -2.25 21.10
N LYS D 49 -15.70 -1.31 21.32
CA LYS D 49 -15.63 -0.63 22.61
C LYS D 49 -16.75 0.42 22.75
N SER D 50 -17.16 0.64 23.99
CA SER D 50 -18.20 1.62 24.32
C SER D 50 -18.21 1.86 25.82
N ASN D 51 -18.86 2.97 26.22
CA ASN D 51 -19.16 3.31 27.61
C ASN D 51 -17.92 3.39 28.49
N PRO D 52 -17.08 4.40 28.34
CA PRO D 52 -15.85 4.46 29.15
C PRO D 52 -16.06 5.12 30.50
N LEU D 53 -15.27 4.68 31.48
CA LEU D 53 -15.14 5.36 32.77
C LEU D 53 -13.83 6.12 32.79
N THR D 54 -13.77 7.16 33.63
CA THR D 54 -12.64 8.09 33.61
C THR D 54 -11.89 8.08 34.93
N LYS D 55 -10.57 8.24 34.84
CA LYS D 55 -9.72 8.47 36.01
C LYS D 55 -8.70 9.54 35.68
N ASP D 56 -8.12 10.14 36.71
CA ASP D 56 -7.16 11.23 36.52
C ASP D 56 -5.84 10.89 37.19
N ILE D 57 -4.73 11.18 36.50
CA ILE D 57 -3.39 10.97 37.02
C ILE D 57 -2.55 12.21 36.75
N VAL D 58 -1.46 12.32 37.50
CA VAL D 58 -0.48 13.40 37.38
C VAL D 58 0.86 12.78 37.02
N ILE D 59 1.49 13.31 35.96
CA ILE D 59 2.80 12.83 35.54
C ILE D 59 3.79 13.99 35.64
N LYS D 60 4.84 13.80 36.42
CA LYS D 60 5.91 14.77 36.58
C LYS D 60 7.06 14.43 35.66
N MET D 61 7.55 15.42 34.92
CA MET D 61 8.61 15.21 33.94
C MET D 61 9.98 15.65 34.45
N ILE D 62 10.09 16.01 35.72
CA ILE D 62 11.38 16.42 36.28
C ILE D 62 11.55 15.75 37.65
N PRO D 63 12.70 15.12 37.91
CA PRO D 63 12.89 14.43 39.19
C PRO D 63 13.35 15.38 40.30
N ASN D 64 13.30 14.86 41.52
CA ASN D 64 13.71 15.59 42.71
C ASN D 64 15.17 15.23 43.04
N VAL D 65 16.04 16.23 43.04
CA VAL D 65 17.46 16.01 43.22
C VAL D 65 17.97 16.72 44.47
N SER D 66 17.12 16.83 45.49
CA SER D 66 17.48 17.59 46.68
C SER D 66 18.55 16.89 47.51
N ASN D 67 18.72 15.58 47.36
CA ASN D 67 19.68 14.82 48.14
C ASN D 67 21.02 14.63 47.43
N MET D 68 21.21 15.24 46.26
CA MET D 68 22.50 15.30 45.59
C MET D 68 22.82 16.72 45.14
N SER D 69 22.03 17.68 45.63
CA SER D 69 22.10 19.07 45.19
C SER D 69 23.44 19.72 45.48
N GLN D 70 24.35 19.03 46.19
CA GLN D 70 25.70 19.53 46.33
C GLN D 70 26.39 19.68 44.98
N CYS D 71 26.23 18.71 44.08
CA CYS D 71 26.89 18.81 42.78
C CYS D 71 25.98 18.37 41.65
N THR D 72 24.77 18.93 41.59
CA THR D 72 23.98 18.87 40.37
C THR D 72 24.51 19.77 39.28
N GLY D 73 25.44 20.66 39.61
CA GLY D 73 26.02 21.55 38.60
C GLY D 73 25.00 22.56 38.10
N SER D 74 24.90 22.65 36.77
CA SER D 74 23.90 23.51 36.14
C SER D 74 23.13 22.76 35.06
N VAL D 75 23.05 21.43 35.15
CA VAL D 75 22.33 20.66 34.14
C VAL D 75 20.83 20.80 34.31
N MET D 76 20.37 21.10 35.53
CA MET D 76 18.94 21.22 35.77
C MET D 76 18.35 22.43 35.06
N GLU D 77 19.08 23.55 35.03
CA GLU D 77 18.59 24.75 34.34
C GLU D 77 18.46 24.52 32.84
N ASN D 78 19.47 23.87 32.23
CA ASN D 78 19.42 23.57 30.81
C ASN D 78 18.28 22.60 30.50
N TYR D 79 18.09 21.59 31.36
CA TYR D 79 16.99 20.65 31.18
C TYR D 79 15.64 21.36 31.29
N LYS D 80 15.51 22.30 32.24
CA LYS D 80 14.28 23.06 32.38
C LYS D 80 14.00 23.91 31.14
N THR D 81 15.04 24.55 30.59
CA THR D 81 14.86 25.34 29.38
C THR D 81 14.40 24.48 28.20
N ARG D 82 15.03 23.31 28.02
CA ARG D 82 14.63 22.43 26.93
C ARG D 82 13.21 21.90 27.13
N LEU D 83 12.86 21.52 28.36
CA LEU D 83 11.53 21.01 28.64
C LEU D 83 10.47 22.08 28.45
N ASN D 84 10.76 23.33 28.85
CA ASN D 84 9.82 24.42 28.62
C ASN D 84 9.60 24.65 27.13
N GLY D 85 10.69 24.62 26.35
CA GLY D 85 10.54 24.74 24.91
C GLY D 85 9.72 23.61 24.30
N ILE D 86 9.83 22.40 24.86
CA ILE D 86 9.02 21.28 24.38
C ILE D 86 7.55 21.47 24.75
N LEU D 87 7.28 21.92 25.98
CA LEU D 87 5.93 21.90 26.52
C LEU D 87 5.08 23.12 26.18
N THR D 88 5.69 24.23 25.75
CA THR D 88 4.91 25.43 25.45
C THR D 88 3.85 25.25 24.35
N PRO D 89 4.14 24.64 23.19
CA PRO D 89 3.10 24.54 22.14
C PRO D 89 1.87 23.75 22.56
N ILE D 90 2.01 22.75 23.43
CA ILE D 90 0.84 21.97 23.87
C ILE D 90 -0.11 22.86 24.67
N LYS D 91 0.43 23.65 25.59
CA LYS D 91 -0.41 24.59 26.34
C LYS D 91 -1.01 25.64 25.43
N GLY D 92 -0.25 26.11 24.44
CA GLY D 92 -0.81 27.03 23.47
C GLY D 92 -1.98 26.44 22.69
N ALA D 93 -1.89 25.16 22.35
CA ALA D 93 -2.99 24.51 21.63
C ALA D 93 -4.21 24.31 22.53
N LEU D 94 -3.99 24.00 23.80
CA LEU D 94 -5.13 23.82 24.71
C LEU D 94 -5.81 25.15 25.03
N GLU D 95 -5.05 26.26 25.03
CA GLU D 95 -5.62 27.56 25.36
C GLU D 95 -6.66 28.00 24.33
N ILE D 96 -6.58 27.49 23.11
CA ILE D 96 -7.55 27.87 22.07
C ILE D 96 -8.96 27.43 22.48
N TYR D 97 -9.09 26.21 23.00
CA TYR D 97 -10.40 25.74 23.44
C TYR D 97 -10.74 26.18 24.85
N LYS D 98 -9.74 26.37 25.72
CA LYS D 98 -10.05 26.76 27.09
C LYS D 98 -10.58 28.19 27.19
N ASN D 99 -10.13 29.09 26.31
CA ASN D 99 -10.60 30.47 26.36
C ASN D 99 -12.00 30.65 25.80
N ASN D 100 -12.43 29.82 24.85
CA ASN D 100 -13.66 30.03 24.10
C ASN D 100 -14.78 29.06 24.52
N THR D 101 -14.71 28.51 25.73
CA THR D 101 -15.72 27.59 26.22
C THR D 101 -16.23 28.06 27.57
N HIS D 102 -17.54 27.98 27.77
CA HIS D 102 -18.16 28.42 29.01
C HIS D 102 -19.50 27.69 29.16
N ASP D 103 -20.23 28.02 30.23
CA ASP D 103 -21.54 27.44 30.47
C ASP D 103 -22.60 28.21 29.70
N CYS D 104 -23.56 27.47 29.14
CA CYS D 104 -24.57 28.08 28.27
C CYS D 104 -25.97 27.89 28.85
N GLY D 112 -24.94 21.39 28.15
CA GLY D 112 -24.88 22.72 28.74
C GLY D 112 -23.56 23.42 28.49
N VAL D 113 -22.83 22.94 27.49
CA VAL D 113 -21.52 23.47 27.14
C VAL D 113 -21.68 24.39 25.93
N CYS D 114 -21.14 25.61 26.03
CA CYS D 114 -21.32 26.63 25.02
C CYS D 114 -19.97 26.97 24.40
N MET D 115 -19.93 27.04 23.07
CA MET D 115 -18.69 27.29 22.35
C MET D 115 -18.87 28.46 21.39
N ALA D 116 -17.81 29.24 21.23
CA ALA D 116 -17.79 30.38 20.31
C ALA D 116 -17.17 29.92 19.00
N GLY D 117 -17.99 29.80 17.96
CA GLY D 117 -17.51 29.25 16.70
C GLY D 117 -16.68 30.22 15.90
N VAL D 118 -16.90 31.52 16.09
CA VAL D 118 -16.12 32.53 15.35
C VAL D 118 -14.68 32.54 15.82
N ALA D 119 -14.46 32.44 17.14
CA ALA D 119 -13.11 32.44 17.67
C ALA D 119 -12.35 31.18 17.28
N ILE D 120 -13.02 30.02 17.30
CA ILE D 120 -12.37 28.77 16.93
C ILE D 120 -12.05 28.76 15.44
N GLY D 121 -13.02 29.14 14.61
CA GLY D 121 -12.81 29.26 13.18
C GLY D 121 -12.95 27.98 12.39
N ILE D 122 -11.96 27.09 12.48
CA ILE D 122 -11.93 25.86 11.70
C ILE D 122 -11.73 24.69 12.64
N ALA D 123 -12.60 23.69 12.54
CA ALA D 123 -12.50 22.51 13.40
C ALA D 123 -13.28 21.36 12.76
N THR D 124 -12.96 20.15 13.21
CA THR D 124 -13.72 18.96 12.87
C THR D 124 -14.67 18.60 14.01
N ALA D 125 -15.55 17.64 13.75
CA ALA D 125 -16.50 17.20 14.76
C ALA D 125 -15.79 16.53 15.93
N ALA D 126 -14.77 15.73 15.65
CA ALA D 126 -14.02 15.06 16.70
C ALA D 126 -13.33 16.07 17.61
N GLN D 127 -12.76 17.13 17.03
CA GLN D 127 -12.12 18.17 17.83
C GLN D 127 -13.11 18.88 18.74
N ILE D 128 -14.33 19.13 18.23
CA ILE D 128 -15.35 19.80 19.04
C ILE D 128 -15.81 18.90 20.19
N THR D 129 -16.01 17.61 19.92
CA THR D 129 -16.37 16.67 20.98
C THR D 129 -15.26 16.58 22.03
N ALA D 130 -14.00 16.54 21.59
CA ALA D 130 -12.89 16.49 22.52
C ALA D 130 -12.79 17.78 23.33
N GLY D 131 -13.12 18.92 22.73
CA GLY D 131 -13.16 20.16 23.48
C GLY D 131 -14.24 20.18 24.54
N VAL D 132 -15.40 19.58 24.23
CA VAL D 132 -16.45 19.43 25.24
C VAL D 132 -15.96 18.58 26.40
N ALA D 133 -15.29 17.46 26.10
CA ALA D 133 -14.73 16.62 27.16
C ALA D 133 -13.67 17.37 27.98
N LEU D 134 -12.84 18.17 27.30
CA LEU D 134 -11.82 18.97 27.99
C LEU D 134 -12.45 19.96 28.94
N TYR D 135 -13.54 20.60 28.52
CA TYR D 135 -14.26 21.49 29.42
C TYR D 135 -14.85 20.73 30.60
N GLU D 136 -15.33 19.50 30.36
CA GLU D 136 -15.91 18.72 31.44
C GLU D 136 -14.88 18.31 32.48
N ALA D 137 -13.63 18.08 32.07
CA ALA D 137 -12.58 17.66 33.00
C ALA D 137 -12.02 18.79 33.86
N MET D 138 -12.43 20.04 33.61
CA MET D 138 -11.77 21.19 34.23
C MET D 138 -12.03 21.28 35.73
N LYS D 139 -13.19 20.82 36.20
CA LYS D 139 -13.47 20.89 37.64
C LYS D 139 -12.52 19.99 38.43
N ASN D 140 -12.35 18.75 37.98
CA ASN D 140 -11.39 17.85 38.62
C ASN D 140 -9.96 18.36 38.46
N ALA D 141 -9.64 18.97 37.31
CA ALA D 141 -8.31 19.55 37.16
C ALA D 141 -8.06 20.66 38.18
N ASP D 142 -9.06 21.51 38.40
CA ASP D 142 -8.93 22.58 39.38
C ASP D 142 -8.81 22.03 40.80
N ASN D 143 -9.55 20.95 41.09
CA ASN D 143 -9.41 20.32 42.40
C ASN D 143 -8.01 19.74 42.60
N ILE D 144 -7.44 19.13 41.56
CA ILE D 144 -6.11 18.56 41.67
C ILE D 144 -5.06 19.67 41.81
N ASN D 145 -5.25 20.79 41.12
CA ASN D 145 -4.22 21.84 41.08
C ASN D 145 -4.02 22.53 42.42
N LYS D 146 -4.90 22.31 43.39
CA LYS D 146 -4.71 22.89 44.72
C LYS D 146 -3.62 22.19 45.53
N LEU D 147 -3.12 21.04 45.08
CA LEU D 147 -2.07 20.30 45.76
C LEU D 147 -0.70 20.52 45.11
N LYS D 148 -0.46 21.71 44.58
CA LYS D 148 0.78 21.98 43.84
C LYS D 148 2.01 21.85 44.73
N SER D 149 1.92 22.35 45.96
CA SER D 149 3.05 22.27 46.88
C SER D 149 3.40 20.83 47.22
N SER D 150 2.38 19.99 47.43
CA SER D 150 2.62 18.58 47.71
C SER D 150 3.16 17.86 46.47
N ILE D 151 2.68 18.23 45.29
CA ILE D 151 3.18 17.61 44.05
C ILE D 151 4.65 17.94 43.86
N GLU D 152 5.04 19.19 44.13
CA GLU D 152 6.42 19.62 43.90
C GLU D 152 7.42 18.97 44.86
N SER D 153 6.95 18.39 45.96
CA SER D 153 7.84 17.87 46.99
C SER D 153 7.90 16.36 47.06
N THR D 154 7.28 15.65 46.11
CA THR D 154 7.37 14.19 46.10
C THR D 154 8.78 13.75 45.74
N ASN D 155 9.24 12.67 46.37
CA ASN D 155 10.57 12.13 46.13
C ASN D 155 10.54 10.62 45.96
N GLU D 156 9.42 10.07 45.50
CA GLU D 156 9.31 8.65 45.16
C GLU D 156 8.70 8.52 43.78
N ALA D 157 8.92 7.35 43.17
CA ALA D 157 8.45 7.13 41.81
C ALA D 157 6.92 7.12 41.73
N VAL D 158 6.26 6.49 42.70
CA VAL D 158 4.80 6.44 42.77
C VAL D 158 4.37 6.96 44.13
N VAL D 159 3.56 8.01 44.14
CA VAL D 159 3.11 8.63 45.39
C VAL D 159 1.59 8.80 45.34
N LYS D 160 0.92 8.45 46.43
CA LYS D 160 -0.52 8.64 46.55
C LYS D 160 -0.78 9.90 47.39
N LEU D 161 -1.49 10.86 46.80
CA LEU D 161 -1.94 12.05 47.52
C LEU D 161 -3.38 11.83 47.95
N GLN D 162 -3.60 11.86 49.26
CA GLN D 162 -4.86 11.46 49.88
C GLN D 162 -5.30 12.49 50.92
N GLU D 163 -5.25 13.77 50.56
CA GLU D 163 -5.67 14.82 51.48
C GLU D 163 -7.17 14.74 51.76
N THR D 164 -7.97 14.67 50.71
CA THR D 164 -9.41 14.44 50.82
C THR D 164 -9.82 13.41 49.79
N ALA D 165 -10.97 12.78 50.03
CA ALA D 165 -11.48 11.78 49.09
C ALA D 165 -11.86 12.39 47.75
N GLU D 166 -12.08 13.70 47.70
CA GLU D 166 -12.45 14.36 46.45
C GLU D 166 -11.28 14.38 45.47
N LYS D 167 -10.04 14.46 45.96
CA LYS D 167 -8.86 14.60 45.11
C LYS D 167 -7.79 13.58 45.51
N THR D 168 -8.20 12.32 45.64
CA THR D 168 -7.25 11.23 45.83
C THR D 168 -6.58 10.91 44.50
N VAL D 169 -5.31 11.25 44.37
CA VAL D 169 -4.64 11.21 43.06
C VAL D 169 -3.32 10.47 43.19
N TYR D 170 -2.80 10.00 42.07
CA TYR D 170 -1.51 9.34 42.01
C TYR D 170 -0.52 10.17 41.19
N VAL D 171 0.70 10.28 41.69
CA VAL D 171 1.77 11.04 41.06
C VAL D 171 2.88 10.09 40.66
N PHE D 172 3.30 10.18 39.40
CA PHE D 172 4.36 9.37 38.83
C PHE D 172 5.49 10.28 38.38
N THR D 173 6.72 10.01 38.85
CA THR D 173 7.89 10.82 38.52
C THR D 173 8.84 10.02 37.63
N ALA D 174 9.34 10.67 36.59
CA ALA D 174 9.93 9.96 35.45
C ALA D 174 11.21 9.21 35.83
N LEU D 175 12.16 9.89 36.48
CA LEU D 175 13.48 9.30 36.72
C LEU D 175 13.82 9.22 38.20
N GLN D 176 12.80 9.18 39.08
CA GLN D 176 13.07 9.22 40.51
C GLN D 176 13.73 7.93 41.00
N ASP D 177 13.32 6.78 40.46
CA ASP D 177 13.86 5.50 40.91
C ASP D 177 15.35 5.38 40.59
N TYR D 178 15.77 5.80 39.40
CA TYR D 178 17.17 5.73 39.02
C TYR D 178 18.04 6.59 39.93
N ILE D 179 17.57 7.81 40.23
CA ILE D 179 18.31 8.70 41.10
C ILE D 179 18.38 8.14 42.52
N ASN D 180 17.26 7.58 43.00
CA ASN D 180 17.20 7.09 44.37
C ASN D 180 18.05 5.84 44.57
N THR D 181 18.15 5.00 43.54
CA THR D 181 18.82 3.71 43.72
C THR D 181 20.22 3.66 43.13
N ASN D 182 20.61 4.60 42.27
CA ASN D 182 21.94 4.56 41.66
C ASN D 182 22.82 5.73 42.06
N LEU D 183 22.37 6.97 41.84
CA LEU D 183 23.24 8.12 42.00
C LEU D 183 23.47 8.47 43.47
N VAL D 184 22.41 8.43 44.29
CA VAL D 184 22.55 8.82 45.69
C VAL D 184 23.49 7.90 46.49
N PRO D 185 23.38 6.57 46.42
CA PRO D 185 24.30 5.73 47.19
C PRO D 185 25.75 5.80 46.73
N THR D 186 26.01 6.29 45.52
CA THR D 186 27.35 6.35 44.96
C THR D 186 28.00 7.71 45.18
N ILE D 187 27.36 8.59 45.95
CA ILE D 187 27.81 9.98 46.06
C ILE D 187 29.15 10.06 46.81
N ASP D 188 29.46 9.06 47.61
CA ASP D 188 30.70 9.08 48.40
C ASP D 188 31.79 8.17 47.85
N LYS D 189 31.58 7.53 46.70
CA LYS D 189 32.54 6.57 46.17
C LYS D 189 33.29 7.10 44.95
N ILE D 190 32.59 7.75 44.02
CA ILE D 190 33.21 8.25 42.80
C ILE D 190 33.29 9.78 42.87
N PRO D 191 34.20 10.42 42.14
CA PRO D 191 34.13 11.87 42.00
C PRO D 191 32.81 12.28 41.36
N CYS D 192 32.16 13.29 41.92
CA CYS D 192 30.79 13.55 41.54
C CYS D 192 30.68 14.46 40.31
N LYS D 193 31.80 14.84 39.70
CA LYS D 193 31.77 15.26 38.30
C LYS D 193 31.22 14.15 37.43
N GLN D 194 31.62 12.91 37.69
CA GLN D 194 31.05 11.76 37.00
C GLN D 194 29.57 11.60 37.34
N THR D 195 29.17 11.91 38.57
CA THR D 195 27.75 11.88 38.92
C THR D 195 26.96 12.92 38.12
N GLU D 196 27.52 14.12 37.97
CA GLU D 196 26.86 15.15 37.18
C GLU D 196 26.75 14.72 35.71
N LEU D 197 27.80 14.14 35.16
CA LEU D 197 27.75 13.67 33.78
C LEU D 197 26.74 12.54 33.61
N SER D 198 26.65 11.64 34.59
CA SER D 198 25.68 10.55 34.53
C SER D 198 24.25 11.08 34.58
N LEU D 199 23.99 12.07 35.45
CA LEU D 199 22.67 12.68 35.50
C LEU D 199 22.32 13.36 34.19
N ASP D 200 23.28 14.08 33.60
CA ASP D 200 23.05 14.73 32.31
C ASP D 200 22.74 13.70 31.22
N LEU D 201 23.48 12.59 31.19
CA LEU D 201 23.23 11.56 30.19
C LEU D 201 21.86 10.93 30.38
N ALA D 202 21.45 10.67 31.62
CA ALA D 202 20.13 10.09 31.86
C ALA D 202 19.02 11.02 31.42
N LEU D 203 19.14 12.32 31.72
CA LEU D 203 18.14 13.28 31.29
C LEU D 203 18.07 13.39 29.78
N SER D 204 19.24 13.37 29.11
CA SER D 204 19.25 13.45 27.66
C SER D 204 18.64 12.21 27.01
N LYS D 205 18.89 11.03 27.58
CA LYS D 205 18.27 9.81 27.08
C LYS D 205 16.75 9.86 27.24
N TYR D 206 16.29 10.37 28.39
CA TYR D 206 14.86 10.52 28.62
C TYR D 206 14.23 11.46 27.59
N LEU D 207 14.89 12.58 27.30
CA LEU D 207 14.38 13.50 26.29
C LEU D 207 14.37 12.88 24.91
N SER D 208 15.41 12.11 24.57
CA SER D 208 15.46 11.44 23.27
C SER D 208 14.31 10.46 23.12
N ASP D 209 13.96 9.74 24.19
CA ASP D 209 12.79 8.87 24.13
C ASP D 209 11.50 9.66 24.05
N LEU D 210 11.42 10.80 24.74
CA LEU D 210 10.17 11.56 24.82
C LEU D 210 9.82 12.26 23.50
N LEU D 211 10.84 12.71 22.75
CA LEU D 211 10.59 13.56 21.59
C LEU D 211 9.81 12.86 20.49
N PHE D 212 9.83 11.53 20.44
CA PHE D 212 9.06 10.82 19.41
C PHE D 212 7.56 11.03 19.58
N VAL D 213 7.08 11.05 20.82
CA VAL D 213 5.65 11.16 21.09
C VAL D 213 5.24 12.61 21.33
N PHE D 214 6.00 13.35 22.14
CA PHE D 214 5.56 14.66 22.59
C PHE D 214 6.21 15.82 21.83
N GLY D 215 6.83 15.54 20.70
CA GLY D 215 7.45 16.59 19.91
C GLY D 215 6.47 17.26 18.97
N PRO D 216 6.98 17.85 17.88
CA PRO D 216 6.10 18.51 16.91
C PRO D 216 5.19 17.56 16.14
N ASN D 217 5.35 16.24 16.29
CA ASN D 217 4.35 15.31 15.75
C ASN D 217 3.00 15.51 16.41
N LEU D 218 2.98 15.88 17.69
CA LEU D 218 1.73 16.15 18.41
C LEU D 218 1.20 17.49 17.96
N GLN D 219 0.37 17.45 16.93
CA GLN D 219 -0.24 18.65 16.36
C GLN D 219 -1.59 18.97 16.97
N ASP D 220 -2.34 17.95 17.38
CA ASP D 220 -3.71 18.11 17.89
C ASP D 220 -3.82 17.40 19.24
N PRO D 221 -3.37 18.04 20.33
CA PRO D 221 -3.50 17.41 21.66
C PRO D 221 -4.91 17.44 22.22
N VAL D 222 -5.85 18.14 21.58
CA VAL D 222 -7.20 18.25 22.12
C VAL D 222 -7.91 16.90 22.07
N SER D 223 -7.66 16.11 21.04
CA SER D 223 -8.35 14.83 20.85
C SER D 223 -8.03 13.85 21.97
N ASN D 224 -8.79 12.75 22.00
CA ASN D 224 -8.63 11.72 23.01
C ASN D 224 -8.35 10.35 22.39
N SER D 225 -7.71 10.33 21.22
CA SER D 225 -7.42 9.09 20.51
C SER D 225 -6.03 8.55 20.78
N MET D 226 -5.24 9.19 21.64
CA MET D 226 -3.89 8.72 21.92
C MET D 226 -3.92 7.62 22.98
N THR D 227 -3.24 6.52 22.69
CA THR D 227 -3.27 5.35 23.55
C THR D 227 -2.44 5.56 24.82
N ILE D 228 -2.72 4.71 25.83
CA ILE D 228 -2.00 4.79 27.10
C ILE D 228 -0.53 4.37 26.91
N GLN D 229 -0.26 3.50 25.93
CA GLN D 229 1.12 3.09 25.67
C GLN D 229 1.96 4.26 25.18
N ALA D 230 1.40 5.11 24.32
CA ALA D 230 2.12 6.28 23.85
C ALA D 230 2.30 7.31 24.97
N ILE D 231 1.27 7.47 25.82
CA ILE D 231 1.35 8.41 26.93
C ILE D 231 2.40 7.96 27.95
N SER D 232 2.58 6.65 28.13
CA SER D 232 3.52 6.13 29.12
C SER D 232 4.98 6.43 28.80
N GLN D 233 5.27 6.93 27.59
CA GLN D 233 6.63 7.36 27.28
C GLN D 233 7.11 8.50 28.16
N ALA D 234 6.19 9.28 28.75
CA ALA D 234 6.56 10.26 29.75
C ALA D 234 6.92 9.63 31.09
N PHE D 235 6.69 8.33 31.25
CA PHE D 235 7.06 7.58 32.45
C PHE D 235 8.00 6.43 32.09
N GLY D 236 8.75 6.58 31.00
CA GLY D 236 9.69 5.56 30.59
C GLY D 236 9.10 4.35 29.90
N GLY D 237 7.87 4.46 29.39
CA GLY D 237 7.24 3.34 28.73
C GLY D 237 6.66 2.28 29.63
N ASN D 238 6.49 2.58 30.93
CA ASN D 238 5.98 1.61 31.89
C ASN D 238 4.48 1.85 32.13
N TYR D 239 3.67 1.41 31.16
CA TYR D 239 2.22 1.54 31.30
C TYR D 239 1.64 0.48 32.23
N GLU D 240 2.36 -0.61 32.47
CA GLU D 240 1.90 -1.64 33.40
C GLU D 240 1.79 -1.08 34.81
N THR D 241 2.75 -0.27 35.23
CA THR D 241 2.70 0.34 36.56
C THR D 241 1.48 1.24 36.70
N LEU D 242 1.22 2.08 35.69
CA LEU D 242 0.06 2.97 35.73
C LEU D 242 -1.24 2.18 35.81
N LEU D 243 -1.39 1.16 34.95
CA LEU D 243 -2.64 0.41 34.92
C LEU D 243 -2.83 -0.41 36.20
N ARG D 244 -1.75 -0.95 36.75
CA ARG D 244 -1.87 -1.73 37.98
C ARG D 244 -2.16 -0.84 39.18
N THR D 245 -1.60 0.37 39.19
CA THR D 245 -1.90 1.30 40.28
C THR D 245 -3.32 1.83 40.18
N LEU D 246 -3.87 1.95 38.97
CA LEU D 246 -5.21 2.51 38.82
C LEU D 246 -6.30 1.46 39.07
N GLY D 247 -6.32 0.40 38.26
CA GLY D 247 -7.45 -0.52 38.30
C GLY D 247 -7.08 -1.99 38.43
N TYR D 248 -7.67 -2.82 37.57
CA TYR D 248 -7.52 -4.27 37.64
C TYR D 248 -7.10 -4.82 36.30
N ALA D 249 -6.85 -6.14 36.27
CA ALA D 249 -6.39 -6.83 35.06
C ALA D 249 -7.15 -8.13 34.91
N THR D 250 -7.65 -8.39 33.70
CA THR D 250 -8.33 -9.63 33.33
C THR D 250 -7.91 -10.01 31.92
N GLU D 251 -8.61 -10.99 31.34
CA GLU D 251 -8.40 -11.32 29.94
C GLU D 251 -9.00 -10.25 29.03
N ASP D 252 -10.20 -9.76 29.37
CA ASP D 252 -10.79 -8.65 28.63
C ASP D 252 -9.96 -7.39 28.77
N PHE D 253 -9.29 -7.21 29.90
CA PHE D 253 -8.38 -6.07 30.05
C PHE D 253 -7.22 -6.16 29.07
N ASP D 254 -6.64 -7.35 28.90
CA ASP D 254 -5.55 -7.51 27.94
C ASP D 254 -6.06 -7.35 26.51
N ASP D 255 -7.26 -7.83 26.23
CA ASP D 255 -7.85 -7.66 24.90
C ASP D 255 -8.12 -6.20 24.60
N LEU D 256 -8.58 -5.44 25.58
CA LEU D 256 -8.76 -3.99 25.42
C LEU D 256 -7.43 -3.28 25.22
N LEU D 257 -6.41 -3.69 25.98
CA LEU D 257 -5.09 -3.08 25.88
C LEU D 257 -4.48 -3.31 24.50
N GLU D 258 -4.62 -4.52 23.96
CA GLU D 258 -3.98 -4.85 22.69
C GLU D 258 -4.77 -4.37 21.48
N SER D 259 -6.02 -3.96 21.66
CA SER D 259 -6.83 -3.42 20.57
C SER D 259 -6.77 -1.90 20.50
N ASP D 260 -5.93 -1.27 21.31
CA ASP D 260 -5.78 0.19 21.38
C ASP D 260 -7.10 0.86 21.74
N SER D 261 -7.80 0.32 22.73
CA SER D 261 -9.05 0.90 23.21
C SER D 261 -8.89 1.73 24.46
N ILE D 262 -7.80 1.57 25.20
CA ILE D 262 -7.54 2.35 26.41
C ILE D 262 -6.76 3.58 26.00
N THR D 263 -7.39 4.75 26.10
CA THR D 263 -6.82 6.00 25.61
C THR D 263 -6.73 7.02 26.75
N GLY D 264 -6.11 8.15 26.45
CA GLY D 264 -5.97 9.22 27.41
C GLY D 264 -5.93 10.56 26.74
N GLN D 265 -6.21 11.61 27.53
CA GLN D 265 -6.27 12.97 27.05
C GLN D 265 -5.55 13.89 28.03
N ILE D 266 -4.73 14.80 27.50
CA ILE D 266 -4.06 15.80 28.33
C ILE D 266 -5.02 16.94 28.59
N ILE D 267 -5.21 17.29 29.86
CA ILE D 267 -6.15 18.33 30.23
C ILE D 267 -5.49 19.52 30.93
N TYR D 268 -4.26 19.39 31.42
CA TYR D 268 -3.60 20.52 32.06
C TYR D 268 -2.09 20.35 31.98
N VAL D 269 -1.40 21.45 31.68
CA VAL D 269 0.06 21.51 31.60
C VAL D 269 0.54 22.62 32.53
N ASP D 270 1.54 22.32 33.34
CA ASP D 270 2.15 23.31 34.22
C ASP D 270 3.56 23.61 33.72
N LEU D 271 3.84 24.89 33.48
CA LEU D 271 5.14 25.31 32.96
C LEU D 271 6.09 25.80 34.05
N SER D 272 5.67 25.77 35.31
CA SER D 272 6.53 26.17 36.43
C SER D 272 7.01 24.99 37.25
N SER D 273 6.13 24.01 37.52
CA SER D 273 6.51 22.79 38.20
C SER D 273 6.73 21.62 37.25
N TYR D 274 6.41 21.80 35.96
CA TYR D 274 6.67 20.81 34.91
C TYR D 274 5.97 19.48 35.19
N TYR D 275 4.64 19.52 35.19
CA TYR D 275 3.84 18.31 35.28
C TYR D 275 2.62 18.45 34.37
N ILE D 276 1.99 17.30 34.08
CA ILE D 276 0.79 17.25 33.27
C ILE D 276 -0.26 16.43 34.00
N ILE D 277 -1.52 16.72 33.67
CA ILE D 277 -2.67 15.97 34.17
C ILE D 277 -3.30 15.23 33.01
N VAL D 278 -3.52 13.93 33.18
CA VAL D 278 -4.02 13.07 32.12
C VAL D 278 -5.28 12.38 32.61
N ARG D 279 -6.31 12.38 31.77
CA ARG D 279 -7.54 11.63 32.01
C ARG D 279 -7.53 10.35 31.19
N VAL D 280 -7.66 9.22 31.87
CA VAL D 280 -7.59 7.90 31.26
C VAL D 280 -9.00 7.33 31.16
N TYR D 281 -9.33 6.77 30.00
CA TYR D 281 -10.64 6.21 29.70
C TYR D 281 -10.56 4.69 29.65
N PHE D 282 -11.44 4.02 30.38
CA PHE D 282 -11.55 2.56 30.40
C PHE D 282 -12.91 2.15 29.84
N PRO D 283 -12.99 1.69 28.61
CA PRO D 283 -14.27 1.27 28.04
C PRO D 283 -14.57 -0.20 28.35
N ILE D 284 -15.70 -0.66 27.83
CA ILE D 284 -16.11 -2.06 27.89
C ILE D 284 -16.40 -2.53 26.47
N LEU D 285 -16.31 -3.83 26.26
CA LEU D 285 -16.54 -4.42 24.95
C LEU D 285 -17.98 -4.90 24.83
N THR D 286 -18.71 -4.37 23.87
CA THR D 286 -20.07 -4.81 23.59
C THR D 286 -20.11 -5.61 22.30
N GLU D 287 -20.82 -6.73 22.36
CA GLU D 287 -20.98 -7.64 21.23
C GLU D 287 -22.14 -7.17 20.36
N ILE D 288 -21.92 -7.14 19.05
CA ILE D 288 -22.96 -6.71 18.11
C ILE D 288 -23.78 -7.92 17.72
N GLN D 289 -25.10 -7.81 17.86
CA GLN D 289 -25.99 -8.94 17.65
C GLN D 289 -26.22 -9.18 16.16
N GLN D 290 -26.42 -10.46 15.82
CA GLN D 290 -26.68 -10.91 14.45
C GLN D 290 -25.55 -10.51 13.50
N ALA D 291 -24.31 -10.60 13.98
CA ALA D 291 -23.14 -10.28 13.18
C ALA D 291 -22.05 -11.28 13.43
N TYR D 292 -21.33 -11.65 12.37
CA TYR D 292 -20.19 -12.55 12.52
C TYR D 292 -19.19 -12.30 11.40
N ILE D 293 -17.98 -12.83 11.60
CA ILE D 293 -16.90 -12.71 10.64
C ILE D 293 -16.44 -14.11 10.25
N GLN D 294 -16.41 -14.36 8.94
CA GLN D 294 -16.06 -15.66 8.39
C GLN D 294 -14.70 -15.59 7.71
N GLU D 295 -13.86 -16.58 7.98
CA GLU D 295 -12.51 -16.67 7.41
C GLU D 295 -12.48 -17.75 6.33
N LEU D 296 -11.73 -17.49 5.26
CA LEU D 296 -11.53 -18.44 4.19
C LEU D 296 -10.04 -18.75 4.04
N LEU D 297 -9.70 -20.02 3.96
CA LEU D 297 -8.33 -20.48 3.75
C LEU D 297 -8.13 -20.75 2.27
N PRO D 298 -7.15 -20.12 1.63
CA PRO D 298 -6.93 -20.34 0.20
C PRO D 298 -6.07 -21.56 -0.06
N VAL D 299 -6.49 -22.35 -1.06
CA VAL D 299 -5.76 -23.54 -1.49
C VAL D 299 -5.59 -23.46 -3.01
N SER D 300 -4.38 -23.76 -3.47
CA SER D 300 -4.12 -23.77 -4.91
C SER D 300 -4.85 -24.93 -5.59
N PHE D 301 -5.28 -24.69 -6.83
CA PHE D 301 -6.01 -25.69 -7.60
C PHE D 301 -5.43 -25.81 -9.00
N ASN D 302 -5.78 -26.91 -9.66
CA ASN D 302 -5.21 -27.27 -10.96
C ASN D 302 -6.15 -26.87 -12.09
N ASN D 303 -5.57 -26.32 -13.16
CA ASN D 303 -6.30 -26.03 -14.39
C ASN D 303 -5.31 -25.88 -15.53
N ASP D 304 -5.42 -26.76 -16.54
CA ASP D 304 -4.64 -26.67 -17.77
C ASP D 304 -3.13 -26.69 -17.51
N ASN D 305 -2.69 -27.70 -16.76
CA ASN D 305 -1.28 -27.89 -16.41
C ASN D 305 -0.70 -26.67 -15.68
N SER D 306 -1.51 -26.03 -14.85
CA SER D 306 -1.07 -24.82 -14.14
C SER D 306 -1.68 -24.81 -12.74
N GLU D 307 -1.11 -23.96 -11.91
CA GLU D 307 -1.52 -23.80 -10.52
C GLU D 307 -2.09 -22.39 -10.32
N TRP D 308 -3.22 -22.30 -9.64
CA TRP D 308 -3.97 -21.05 -9.55
C TRP D 308 -4.41 -20.80 -8.12
N ILE D 309 -4.58 -19.51 -7.79
CA ILE D 309 -5.08 -19.09 -6.48
C ILE D 309 -6.16 -18.04 -6.70
N SER D 310 -7.31 -18.23 -6.04
CA SER D 310 -8.43 -17.30 -6.18
C SER D 310 -8.12 -15.97 -5.49
N ILE D 311 -8.52 -14.88 -6.13
CA ILE D 311 -8.33 -13.53 -5.58
C ILE D 311 -9.67 -13.13 -4.98
N VAL D 312 -9.84 -13.46 -3.70
CA VAL D 312 -11.08 -13.24 -2.94
C VAL D 312 -10.70 -12.81 -1.53
N PRO D 313 -11.45 -11.87 -0.95
CA PRO D 313 -11.17 -11.46 0.44
C PRO D 313 -11.24 -12.65 1.39
N ASN D 314 -10.30 -12.70 2.32
CA ASN D 314 -10.19 -13.80 3.26
C ASN D 314 -11.02 -13.62 4.52
N PHE D 315 -11.54 -12.41 4.77
CA PHE D 315 -12.41 -12.15 5.91
C PHE D 315 -13.67 -11.44 5.41
N ILE D 316 -14.83 -11.99 5.75
CA ILE D 316 -16.11 -11.48 5.29
C ILE D 316 -16.96 -11.14 6.51
N LEU D 317 -17.57 -9.96 6.52
CA LEU D 317 -18.43 -9.55 7.62
C LEU D 317 -19.89 -9.71 7.21
N VAL D 318 -20.67 -10.39 8.04
CA VAL D 318 -22.10 -10.59 7.80
C VAL D 318 -22.86 -9.96 8.95
N ARG D 319 -23.74 -9.01 8.63
CA ARG D 319 -24.58 -8.32 9.60
C ARG D 319 -26.01 -8.30 9.07
N ASN D 320 -26.91 -9.01 9.74
CA ASN D 320 -28.33 -9.06 9.39
C ASN D 320 -28.53 -9.46 7.93
N THR D 321 -27.86 -10.54 7.54
CA THR D 321 -27.82 -11.08 6.17
C THR D 321 -27.26 -10.09 5.15
N LEU D 322 -26.49 -9.11 5.59
CA LEU D 322 -25.80 -8.19 4.68
C LEU D 322 -24.32 -8.53 4.68
N ILE D 323 -23.74 -8.66 3.48
CA ILE D 323 -22.37 -9.11 3.29
C ILE D 323 -21.51 -7.89 2.95
N SER D 324 -20.39 -7.74 3.64
CA SER D 324 -19.52 -6.61 3.38
C SER D 324 -18.07 -6.97 3.70
N ASN D 325 -17.17 -6.08 3.29
CA ASN D 325 -15.76 -6.16 3.62
C ASN D 325 -15.50 -5.60 5.00
N ILE D 326 -14.29 -5.82 5.50
CA ILE D 326 -13.86 -5.26 6.77
C ILE D 326 -12.35 -5.03 6.69
N GLU D 327 -11.91 -3.87 7.15
CA GLU D 327 -10.49 -3.55 7.21
C GLU D 327 -9.97 -4.13 8.51
N ILE D 328 -9.45 -5.36 8.43
CA ILE D 328 -9.10 -6.11 9.63
C ILE D 328 -7.68 -5.85 10.11
N GLY D 329 -6.90 -5.08 9.36
CA GLY D 329 -5.56 -4.75 9.80
C GLY D 329 -5.53 -3.83 11.01
N PHE D 330 -6.60 -3.08 11.23
CA PHE D 330 -6.72 -2.21 12.40
C PHE D 330 -7.34 -2.91 13.60
N CYS D 331 -7.78 -4.15 13.47
CA CYS D 331 -8.45 -4.86 14.55
C CYS D 331 -7.54 -5.93 15.13
N LEU D 332 -7.96 -6.48 16.26
CA LEU D 332 -7.26 -7.57 16.94
C LEU D 332 -8.03 -8.87 16.72
N ILE D 333 -7.33 -9.89 16.24
CA ILE D 333 -7.94 -11.18 15.93
C ILE D 333 -7.55 -12.17 17.01
N THR D 334 -8.54 -12.65 17.76
CA THR D 334 -8.36 -13.72 18.73
C THR D 334 -8.96 -15.00 18.15
N LYS D 335 -8.90 -16.07 18.95
CA LYS D 335 -9.39 -17.37 18.49
C LYS D 335 -10.90 -17.38 18.33
N ARG D 336 -11.62 -16.58 19.11
CA ARG D 336 -13.08 -16.63 19.11
C ARG D 336 -13.78 -15.33 18.73
N SER D 337 -13.05 -14.21 18.60
CA SER D 337 -13.72 -12.96 18.28
C SER D 337 -12.73 -12.01 17.63
N VAL D 338 -13.29 -11.01 16.95
CA VAL D 338 -12.53 -9.89 16.37
C VAL D 338 -12.89 -8.63 17.15
N ILE D 339 -11.88 -7.94 17.65
CA ILE D 339 -12.07 -6.81 18.57
C ILE D 339 -11.50 -5.56 17.92
N CYS D 340 -12.33 -4.53 17.82
CA CYS D 340 -11.95 -3.26 17.23
C CYS D 340 -12.41 -2.11 18.12
N ASN D 341 -11.70 -0.99 18.03
CA ASN D 341 -12.07 0.22 18.75
C ASN D 341 -13.04 1.11 17.98
N GLN D 342 -13.40 0.71 16.76
CA GLN D 342 -14.34 1.45 15.92
C GLN D 342 -14.86 0.51 14.84
N ASP D 343 -16.02 0.85 14.30
CA ASP D 343 -16.60 0.07 13.21
C ASP D 343 -15.78 0.25 11.93
N TYR D 344 -15.35 -0.86 11.33
CA TYR D 344 -14.47 -0.83 10.15
C TYR D 344 -15.12 -1.50 8.94
N ALA D 345 -16.43 -1.44 8.83
CA ALA D 345 -17.10 -2.02 7.68
C ALA D 345 -16.86 -1.19 6.42
N THR D 346 -16.66 -1.87 5.30
CA THR D 346 -16.41 -1.23 4.00
C THR D 346 -17.27 -1.89 2.93
N PRO D 347 -17.61 -1.16 1.87
CA PRO D 347 -18.51 -1.70 0.85
C PRO D 347 -17.81 -2.74 -0.03
N MET D 348 -18.64 -3.47 -0.77
CA MET D 348 -18.18 -4.52 -1.67
C MET D 348 -18.95 -4.43 -2.98
N THR D 349 -18.26 -4.72 -4.08
CA THR D 349 -18.88 -4.65 -5.40
C THR D 349 -19.93 -5.74 -5.57
N ASN D 350 -20.81 -5.54 -6.56
CA ASN D 350 -21.87 -6.51 -6.81
C ASN D 350 -21.33 -7.80 -7.39
N ASN D 351 -20.29 -7.72 -8.22
CA ASN D 351 -19.72 -8.92 -8.82
C ASN D 351 -19.08 -9.83 -7.77
N MET D 352 -18.36 -9.23 -6.81
CA MET D 352 -17.78 -10.03 -5.74
C MET D 352 -18.84 -10.66 -4.85
N ARG D 353 -19.92 -9.92 -4.59
CA ARG D 353 -21.02 -10.47 -3.81
C ARG D 353 -21.70 -11.63 -4.54
N GLU D 354 -21.85 -11.51 -5.86
CA GLU D 354 -22.41 -12.62 -6.63
C GLU D 354 -21.46 -13.82 -6.68
N CYS D 355 -20.16 -13.56 -6.75
CA CYS D 355 -19.18 -14.63 -6.72
C CYS D 355 -19.22 -15.38 -5.38
N LEU D 356 -19.39 -14.65 -4.29
CA LEU D 356 -19.44 -15.28 -2.97
C LEU D 356 -20.72 -16.09 -2.75
N THR D 357 -21.77 -15.84 -3.53
CA THR D 357 -23.03 -16.53 -3.35
C THR D 357 -23.26 -17.66 -4.35
N GLY D 358 -22.28 -17.95 -5.22
CA GLY D 358 -22.41 -19.10 -6.09
C GLY D 358 -21.91 -18.93 -7.51
N SER D 359 -21.75 -17.70 -7.98
CA SER D 359 -21.32 -17.45 -9.35
C SER D 359 -19.80 -17.51 -9.43
N THR D 360 -19.28 -18.74 -9.56
CA THR D 360 -17.84 -18.96 -9.56
C THR D 360 -17.17 -18.41 -10.82
N GLU D 361 -17.92 -18.19 -11.90
CA GLU D 361 -17.33 -17.64 -13.12
C GLU D 361 -16.97 -16.16 -12.99
N LYS D 362 -17.39 -15.51 -11.91
CA LYS D 362 -17.05 -14.11 -11.66
C LYS D 362 -15.93 -13.94 -10.65
N CYS D 363 -15.31 -15.03 -10.19
CA CYS D 363 -14.25 -14.95 -9.19
C CYS D 363 -12.89 -14.92 -9.87
N PRO D 364 -12.09 -13.88 -9.69
CA PRO D 364 -10.77 -13.82 -10.35
C PRO D 364 -9.78 -14.80 -9.75
N ARG D 365 -8.78 -15.15 -10.56
CA ARG D 365 -7.74 -16.08 -10.18
C ARG D 365 -6.39 -15.58 -10.69
N GLU D 366 -5.32 -16.01 -10.01
CA GLU D 366 -3.96 -15.60 -10.34
C GLU D 366 -3.07 -16.83 -10.47
N LEU D 367 -2.18 -16.79 -11.45
CA LEU D 367 -1.23 -17.87 -11.69
C LEU D 367 -0.20 -17.97 -10.57
N VAL D 368 0.24 -19.19 -10.30
CA VAL D 368 1.26 -19.46 -9.29
C VAL D 368 2.55 -19.81 -10.01
N VAL D 369 3.60 -19.03 -9.76
CA VAL D 369 4.92 -19.30 -10.32
C VAL D 369 5.95 -19.65 -9.26
N SER D 370 5.61 -19.59 -7.99
CA SER D 370 6.50 -19.95 -6.90
C SER D 370 6.26 -21.40 -6.48
N SER D 371 7.25 -21.97 -5.79
CA SER D 371 7.15 -23.33 -5.29
C SER D 371 6.67 -23.40 -3.84
N HIS D 372 6.35 -22.28 -3.22
CA HIS D 372 5.91 -22.23 -1.83
C HIS D 372 4.47 -21.71 -1.78
N VAL D 373 3.52 -22.62 -1.94
CA VAL D 373 2.10 -22.31 -1.76
C VAL D 373 1.42 -23.42 -0.99
N PRO D 374 0.40 -23.07 -0.20
CA PRO D 374 -0.40 -24.11 0.45
C PRO D 374 -1.16 -24.94 -0.57
N ARG D 375 -1.20 -26.25 -0.33
CA ARG D 375 -1.78 -27.17 -1.30
C ARG D 375 -2.86 -28.07 -0.73
N PHE D 376 -3.14 -28.00 0.57
CA PHE D 376 -4.27 -28.73 1.14
C PHE D 376 -4.69 -28.05 2.43
N ALA D 377 -5.92 -28.35 2.85
CA ALA D 377 -6.47 -27.80 4.08
C ALA D 377 -7.44 -28.78 4.68
N LEU D 378 -7.71 -28.61 5.97
CA LEU D 378 -8.61 -29.45 6.74
C LEU D 378 -9.78 -28.62 7.25
N SER D 379 -10.99 -29.11 7.02
CA SER D 379 -12.20 -28.42 7.45
C SER D 379 -13.21 -29.45 7.94
N ASN D 380 -13.60 -29.36 9.21
CA ASN D 380 -14.57 -30.26 9.84
C ASN D 380 -14.15 -31.72 9.70
N GLY D 381 -12.84 -31.97 9.80
CA GLY D 381 -12.32 -33.32 9.65
C GLY D 381 -12.29 -33.85 8.24
N VAL D 382 -12.40 -32.98 7.23
CA VAL D 382 -12.42 -33.40 5.83
C VAL D 382 -11.27 -32.69 5.13
N LEU D 383 -10.56 -33.41 4.25
CA LEU D 383 -9.38 -32.88 3.58
C LEU D 383 -9.75 -32.37 2.20
N PHE D 384 -9.27 -31.18 1.86
CA PHE D 384 -9.35 -30.64 0.51
C PHE D 384 -7.94 -30.45 0.00
N ALA D 385 -7.58 -31.20 -1.06
CA ALA D 385 -6.20 -31.28 -1.49
C ALA D 385 -6.08 -31.23 -3.01
N ASN D 386 -5.00 -30.60 -3.46
CA ASN D 386 -4.61 -30.60 -4.88
C ASN D 386 -3.64 -31.76 -5.08
N CYS D 387 -4.21 -32.93 -5.40
CA CYS D 387 -3.40 -34.15 -5.50
C CYS D 387 -2.68 -34.29 -6.83
N ILE D 388 -2.87 -33.36 -7.76
CA ILE D 388 -2.01 -33.30 -8.94
C ILE D 388 -0.60 -32.86 -8.54
N SER D 389 -0.50 -31.84 -7.69
CA SER D 389 0.79 -31.27 -7.32
C SER D 389 1.38 -31.87 -6.06
N VAL D 390 0.59 -32.53 -5.22
CA VAL D 390 1.09 -33.17 -4.02
C VAL D 390 0.73 -34.65 -4.09
N THR D 391 1.52 -35.48 -3.40
CA THR D 391 1.36 -36.92 -3.44
C THR D 391 0.38 -37.36 -2.35
N CYS D 392 -0.75 -37.93 -2.77
CA CYS D 392 -1.78 -38.40 -1.86
C CYS D 392 -1.91 -39.91 -1.99
N GLN D 393 -1.99 -40.61 -0.87
CA GLN D 393 -2.23 -42.04 -0.87
C GLN D 393 -2.98 -42.45 0.38
N CYS D 394 -3.65 -43.59 0.30
CA CYS D 394 -4.50 -44.09 1.38
C CYS D 394 -3.77 -45.21 2.12
N GLN D 395 -3.67 -45.05 3.44
CA GLN D 395 -2.97 -46.05 4.26
C GLN D 395 -3.81 -47.30 4.47
N THR D 396 -5.15 -47.18 4.42
CA THR D 396 -6.02 -48.32 4.68
C THR D 396 -5.86 -49.38 3.60
N THR D 397 -5.76 -48.97 2.33
CA THR D 397 -5.62 -49.91 1.23
C THR D 397 -4.22 -49.96 0.63
N GLY D 398 -3.37 -49.00 0.96
CA GLY D 398 -2.03 -48.97 0.41
C GLY D 398 -1.92 -48.42 -0.99
N ARG D 399 -3.03 -47.93 -1.56
CA ARG D 399 -3.05 -47.45 -2.94
C ARG D 399 -2.96 -45.93 -2.96
N ALA D 400 -2.54 -45.41 -4.12
CA ALA D 400 -2.46 -43.97 -4.30
C ALA D 400 -3.83 -43.39 -4.62
N ILE D 401 -4.02 -42.12 -4.26
CA ILE D 401 -5.24 -41.39 -4.56
C ILE D 401 -4.96 -40.52 -5.78
N SER D 402 -5.69 -40.79 -6.87
CA SER D 402 -5.42 -40.18 -8.17
C SER D 402 -6.47 -39.12 -8.49
N GLN D 403 -6.03 -37.98 -9.00
CA GLN D 403 -6.90 -36.90 -9.42
C GLN D 403 -6.82 -36.77 -10.94
N SER D 404 -7.97 -36.62 -11.57
CA SER D 404 -8.00 -36.40 -13.01
C SER D 404 -7.47 -35.02 -13.37
N GLY D 405 -6.95 -34.91 -14.59
CA GLY D 405 -6.47 -33.62 -15.07
C GLY D 405 -7.57 -32.62 -15.33
N GLU D 406 -8.82 -33.06 -15.36
CA GLU D 406 -9.97 -32.17 -15.55
C GLU D 406 -10.52 -31.61 -14.24
N GLN D 407 -10.02 -32.06 -13.10
CA GLN D 407 -10.56 -31.63 -11.81
C GLN D 407 -9.66 -30.56 -11.19
N THR D 408 -10.28 -29.69 -10.38
CA THR D 408 -9.56 -28.63 -9.68
C THR D 408 -8.97 -29.13 -8.37
N LEU D 409 -9.81 -29.64 -7.47
CA LEU D 409 -9.36 -30.15 -6.18
C LEU D 409 -9.87 -31.57 -6.01
N LEU D 410 -9.57 -32.14 -4.84
CA LEU D 410 -10.11 -33.42 -4.42
C LEU D 410 -10.56 -33.31 -2.98
N MET D 411 -11.78 -33.77 -2.71
CA MET D 411 -12.33 -33.88 -1.37
C MET D 411 -12.13 -35.30 -0.87
N ILE D 412 -11.53 -35.44 0.30
CA ILE D 412 -11.19 -36.73 0.87
C ILE D 412 -11.81 -36.82 2.26
N ASP D 413 -12.63 -37.83 2.47
CA ASP D 413 -13.25 -38.14 3.75
C ASP D 413 -13.24 -39.66 3.94
N ASN D 414 -13.83 -40.14 5.04
CA ASN D 414 -13.63 -41.54 5.41
C ASN D 414 -14.54 -42.50 4.66
N THR D 415 -15.45 -41.99 3.82
CA THR D 415 -16.22 -42.90 2.97
C THR D 415 -15.33 -43.57 1.93
N THR D 416 -14.33 -42.84 1.42
CA THR D 416 -13.39 -43.38 0.45
C THR D 416 -12.06 -43.77 1.07
N CYS D 417 -11.54 -42.96 2.00
CA CYS D 417 -10.23 -43.19 2.60
C CYS D 417 -10.31 -42.86 4.09
N PRO D 418 -10.40 -43.88 4.95
CA PRO D 418 -10.48 -43.61 6.40
C PRO D 418 -9.26 -42.92 6.97
N THR D 419 -8.06 -43.20 6.44
CA THR D 419 -6.83 -42.62 6.96
C THR D 419 -5.92 -42.30 5.79
N ALA D 420 -5.53 -41.04 5.67
CA ALA D 420 -4.72 -40.56 4.56
C ALA D 420 -3.34 -40.13 5.02
N VAL D 421 -2.33 -40.42 4.21
CA VAL D 421 -0.95 -40.05 4.49
C VAL D 421 -0.49 -39.07 3.43
N LEU D 422 0.03 -37.93 3.87
CA LEU D 422 0.52 -36.87 2.98
C LEU D 422 1.93 -36.49 3.41
N GLY D 423 2.92 -37.21 2.88
CA GLY D 423 4.29 -36.97 3.29
C GLY D 423 4.61 -37.59 4.63
N ASN D 424 4.92 -36.76 5.62
CA ASN D 424 5.27 -37.23 6.95
C ASN D 424 4.09 -37.25 7.93
N VAL D 425 2.89 -36.89 7.49
CA VAL D 425 1.73 -36.82 8.36
C VAL D 425 0.73 -37.90 7.95
N ILE D 426 0.20 -38.60 8.93
CA ILE D 426 -0.86 -39.60 8.76
C ILE D 426 -2.05 -39.13 9.58
N ILE D 427 -3.18 -38.91 8.93
CA ILE D 427 -4.33 -38.27 9.55
C ILE D 427 -5.59 -39.10 9.27
N SER D 428 -6.37 -39.35 10.31
CA SER D 428 -7.68 -39.99 10.19
C SER D 428 -8.75 -38.94 9.94
N LEU D 429 -9.77 -39.31 9.18
CA LEU D 429 -10.72 -38.36 8.64
C LEU D 429 -12.15 -38.68 9.08
N GLY D 430 -12.98 -37.66 9.07
CA GLY D 430 -14.39 -37.78 9.37
C GLY D 430 -15.24 -37.92 8.13
N LYS D 431 -16.53 -37.64 8.29
CA LYS D 431 -17.51 -37.78 7.22
C LYS D 431 -17.91 -36.41 6.70
N TYR D 432 -17.93 -36.26 5.38
CA TYR D 432 -18.26 -34.99 4.76
C TYR D 432 -19.77 -34.76 4.76
N LEU D 433 -20.17 -33.54 5.14
CA LEU D 433 -21.56 -33.13 5.10
C LEU D 433 -21.77 -32.28 3.85
N GLY D 434 -22.63 -32.74 2.96
CA GLY D 434 -22.84 -32.08 1.69
C GLY D 434 -23.24 -33.10 0.64
N SER D 435 -23.00 -32.72 -0.62
CA SER D 435 -23.38 -33.57 -1.74
C SER D 435 -22.56 -34.86 -1.76
N VAL D 436 -23.24 -35.96 -2.03
CA VAL D 436 -22.56 -37.26 -2.14
C VAL D 436 -21.75 -37.35 -3.42
N ASN D 437 -22.12 -36.57 -4.45
CA ASN D 437 -21.44 -36.59 -5.74
C ASN D 437 -20.54 -35.39 -5.93
N TYR D 438 -19.81 -35.00 -4.86
CA TYR D 438 -18.94 -33.83 -4.92
C TYR D 438 -17.87 -33.97 -6.00
N ASN D 439 -17.21 -35.13 -6.04
CA ASN D 439 -16.08 -35.31 -6.95
C ASN D 439 -16.49 -35.63 -8.38
N SER D 440 -17.78 -35.81 -8.64
CA SER D 440 -18.27 -36.08 -9.99
C SER D 440 -18.86 -34.85 -10.66
N GLU D 441 -18.85 -33.69 -10.01
CA GLU D 441 -19.47 -32.48 -10.53
C GLU D 441 -18.41 -31.40 -10.70
N GLY D 442 -18.33 -30.83 -11.90
CA GLY D 442 -17.36 -29.80 -12.19
C GLY D 442 -17.84 -28.41 -11.82
N ILE D 443 -16.96 -27.43 -12.06
CA ILE D 443 -17.22 -26.04 -11.71
C ILE D 443 -16.80 -25.16 -12.89
N ALA D 444 -17.37 -23.96 -12.94
CA ALA D 444 -17.01 -22.96 -13.92
C ALA D 444 -15.92 -22.04 -13.37
N ILE D 445 -14.94 -21.73 -14.21
CA ILE D 445 -13.73 -21.04 -13.81
C ILE D 445 -13.87 -19.55 -14.11
N GLY D 446 -13.08 -18.73 -13.42
CA GLY D 446 -13.09 -17.30 -13.62
C GLY D 446 -11.94 -16.84 -14.48
N PRO D 447 -11.88 -15.52 -14.70
CA PRO D 447 -10.84 -14.96 -15.56
C PRO D 447 -9.55 -14.71 -14.79
N PRO D 448 -8.40 -14.96 -15.41
CA PRO D 448 -7.12 -14.67 -14.74
C PRO D 448 -6.86 -13.18 -14.62
N VAL D 449 -6.15 -12.81 -13.55
CA VAL D 449 -5.82 -11.43 -13.25
C VAL D 449 -4.35 -11.32 -12.83
N PHE D 450 -3.86 -10.10 -12.79
CA PHE D 450 -2.53 -9.78 -12.27
C PHE D 450 -2.67 -8.66 -11.24
N THR D 451 -2.08 -8.85 -10.07
CA THR D 451 -2.29 -7.94 -8.95
C THR D 451 -1.08 -7.05 -8.65
N ASP D 452 -0.06 -7.05 -9.51
CA ASP D 452 1.08 -6.18 -9.30
C ASP D 452 0.74 -4.73 -9.65
N LYS D 453 1.33 -3.79 -8.92
CA LYS D 453 1.01 -2.38 -9.09
C LYS D 453 1.42 -1.88 -10.47
N VAL D 454 2.65 -2.17 -10.88
CA VAL D 454 3.10 -1.81 -12.23
C VAL D 454 2.27 -2.55 -13.27
N ASP D 455 1.91 -3.80 -12.98
CA ASP D 455 1.02 -4.54 -13.87
C ASP D 455 -0.36 -3.89 -13.93
N ILE D 456 -0.83 -3.34 -12.81
CA ILE D 456 -2.11 -2.63 -12.81
C ILE D 456 -2.05 -1.41 -13.72
N SER D 457 -0.96 -0.65 -13.64
CA SER D 457 -0.81 0.51 -14.52
C SER D 457 -0.73 0.10 -15.99
N SER D 458 0.01 -0.98 -16.28
CA SER D 458 0.12 -1.47 -17.65
C SER D 458 -1.22 -1.94 -18.20
N GLN D 459 -1.99 -2.64 -17.37
CA GLN D 459 -3.31 -3.10 -17.79
C GLN D 459 -4.25 -1.93 -18.04
N ILE D 460 -4.18 -0.90 -17.20
CA ILE D 460 -4.98 0.30 -17.40
C ILE D 460 -4.65 0.95 -18.74
N SER D 461 -3.35 1.09 -19.05
CA SER D 461 -2.95 1.69 -20.31
C SER D 461 -3.41 0.85 -21.50
N SER D 462 -3.26 -0.47 -21.40
CA SER D 462 -3.66 -1.35 -22.50
C SER D 462 -5.16 -1.27 -22.76
N MET D 463 -5.96 -1.28 -21.68
CA MET D 463 -7.41 -1.18 -21.85
C MET D 463 -7.80 0.17 -22.43
N ASN D 464 -7.13 1.25 -22.01
CA ASN D 464 -7.46 2.57 -22.57
C ASN D 464 -7.13 2.63 -24.05
N GLN D 465 -5.99 2.06 -24.47
CA GLN D 465 -5.64 2.07 -25.88
C GLN D 465 -6.62 1.22 -26.70
N SER D 466 -7.03 0.07 -26.17
CA SER D 466 -8.02 -0.75 -26.88
C SER D 466 -9.36 -0.03 -27.00
N LEU D 467 -9.78 0.67 -25.93
CA LEU D 467 -11.01 1.44 -25.99
C LEU D 467 -10.92 2.56 -27.01
N GLN D 468 -9.75 3.22 -27.09
CA GLN D 468 -9.56 4.28 -28.08
C GLN D 468 -9.63 3.72 -29.50
N GLN D 469 -9.05 2.54 -29.73
CA GLN D 469 -9.15 1.91 -31.04
C GLN D 469 -10.59 1.56 -31.38
N SER D 470 -11.34 1.03 -30.40
CA SER D 470 -12.74 0.69 -30.64
C SER D 470 -13.57 1.93 -30.95
N LYS D 471 -13.31 3.04 -30.25
CA LYS D 471 -13.97 4.30 -30.58
C LYS D 471 -13.57 4.80 -31.96
N ASP D 472 -12.32 4.59 -32.36
CA ASP D 472 -11.87 4.98 -33.69
C ASP D 472 -12.63 4.22 -34.77
N TYR D 473 -12.89 2.93 -34.55
CA TYR D 473 -13.74 2.19 -35.47
C TYR D 473 -15.17 2.75 -35.47
N ILE D 474 -15.65 3.14 -34.31
CA ILE D 474 -16.99 3.70 -34.18
C ILE D 474 -17.07 5.06 -34.87
N ASP E 20 -41.60 -5.04 -1.35
CA ASP E 20 -42.54 -4.18 -0.64
C ASP E 20 -42.71 -4.64 0.80
N ILE E 21 -42.89 -3.67 1.70
CA ILE E 21 -43.05 -3.93 3.13
C ILE E 21 -44.50 -3.66 3.50
N VAL E 22 -45.11 -4.61 4.21
CA VAL E 22 -46.53 -4.56 4.56
C VAL E 22 -46.65 -4.05 5.99
N MET E 23 -47.57 -3.11 6.21
CA MET E 23 -47.73 -2.43 7.48
C MET E 23 -49.04 -2.87 8.12
N SER E 24 -49.01 -3.20 9.42
CA SER E 24 -50.21 -3.65 10.12
C SER E 24 -50.34 -2.89 11.44
N GLN E 25 -51.59 -2.68 11.86
CA GLN E 25 -51.88 -1.89 13.05
C GLN E 25 -52.80 -2.66 13.99
N SER E 26 -52.69 -2.37 15.29
CA SER E 26 -53.53 -3.03 16.28
C SER E 26 -53.73 -2.14 17.48
N PRO E 27 -54.95 -2.04 18.04
CA PRO E 27 -56.21 -2.62 17.56
C PRO E 27 -56.87 -1.75 16.50
N SER E 28 -57.91 -2.25 15.82
CA SER E 28 -58.63 -1.43 14.85
C SER E 28 -59.39 -0.30 15.54
N SER E 29 -59.98 -0.59 16.70
CA SER E 29 -60.72 0.42 17.46
C SER E 29 -60.45 0.20 18.95
N LEU E 30 -60.59 1.27 19.73
CA LEU E 30 -60.34 1.21 21.16
C LEU E 30 -61.05 2.36 21.84
N ALA E 31 -61.79 2.05 22.91
CA ALA E 31 -62.55 3.05 23.66
C ALA E 31 -61.83 3.34 24.97
N VAL E 32 -61.58 4.62 25.24
CA VAL E 32 -60.83 5.05 26.40
C VAL E 32 -61.65 6.09 27.15
N SER E 33 -61.34 6.25 28.45
CA SER E 33 -61.93 7.28 29.27
C SER E 33 -60.97 8.45 29.41
N VAL E 34 -61.51 9.60 29.81
CA VAL E 34 -60.70 10.81 29.97
C VAL E 34 -59.73 10.63 31.13
N GLY E 35 -58.45 10.93 30.88
CA GLY E 35 -57.41 10.78 31.88
C GLY E 35 -56.73 9.43 31.88
N GLU E 36 -57.15 8.50 31.03
CA GLU E 36 -56.60 7.15 31.00
C GLU E 36 -55.41 7.10 30.04
N LYS E 37 -54.48 6.19 30.33
CA LYS E 37 -53.33 5.96 29.47
C LYS E 37 -53.71 4.96 28.37
N VAL E 38 -53.28 5.25 27.14
CA VAL E 38 -53.63 4.43 25.99
C VAL E 38 -52.36 4.12 25.19
N THR E 39 -52.44 3.03 24.42
CA THR E 39 -51.29 2.48 23.71
C THR E 39 -51.78 1.75 22.48
N MET E 40 -51.15 2.00 21.33
CA MET E 40 -51.45 1.30 20.09
C MET E 40 -50.14 0.84 19.45
N SER E 41 -50.23 -0.21 18.63
CA SER E 41 -49.06 -0.88 18.10
C SER E 41 -49.09 -0.94 16.59
N CYS E 42 -47.91 -0.82 15.99
CA CYS E 42 -47.70 -0.91 14.55
C CYS E 42 -46.57 -1.90 14.28
N LYS E 43 -46.74 -2.70 13.24
CA LYS E 43 -45.81 -3.76 12.90
C LYS E 43 -45.50 -3.73 11.41
N SER E 44 -44.26 -4.10 11.07
CA SER E 44 -43.80 -4.15 9.71
C SER E 44 -43.23 -5.54 9.41
N SER E 45 -43.37 -5.97 8.15
CA SER E 45 -42.86 -7.27 7.75
C SER E 45 -41.34 -7.31 7.66
N GLN E 46 -40.69 -6.15 7.53
CA GLN E 46 -39.25 -6.09 7.41
C GLN E 46 -38.73 -4.96 8.29
N SER E 47 -37.43 -5.04 8.61
CA SER E 47 -36.81 -4.05 9.47
C SER E 47 -36.74 -2.69 8.77
N LEU E 48 -37.04 -1.63 9.52
CA LEU E 48 -37.01 -0.26 9.03
C LEU E 48 -35.78 0.50 9.50
N LEU E 49 -34.82 -0.18 10.12
CA LEU E 49 -33.64 0.49 10.66
C LEU E 49 -32.60 0.69 9.57
N HIS E 50 -32.09 1.91 9.48
CA HIS E 50 -31.08 2.24 8.48
C HIS E 50 -29.71 1.77 8.93
N VAL E 51 -28.92 1.28 7.98
CA VAL E 51 -27.66 0.62 8.32
C VAL E 51 -26.62 1.62 8.81
N SER E 52 -26.56 2.81 8.20
CA SER E 52 -25.47 3.73 8.48
C SER E 52 -25.79 4.69 9.63
N ASN E 53 -26.90 5.42 9.53
CA ASN E 53 -27.21 6.44 10.52
C ASN E 53 -28.06 5.93 11.68
N GLN E 54 -28.47 4.65 11.65
CA GLN E 54 -29.20 4.01 12.75
C GLN E 54 -30.50 4.74 13.09
N LYS E 55 -31.30 5.03 12.06
CA LYS E 55 -32.58 5.68 12.23
C LYS E 55 -33.71 4.78 11.70
N ASN E 56 -34.88 4.91 12.31
CA ASN E 56 -36.06 4.14 11.92
C ASN E 56 -36.97 5.03 11.08
N TYR E 57 -37.36 4.53 9.91
CA TYR E 57 -38.13 5.31 8.94
C TYR E 57 -39.63 5.02 9.11
N LEU E 58 -40.15 5.44 10.26
CA LEU E 58 -41.55 5.24 10.61
C LEU E 58 -42.16 6.55 11.09
N ALA E 59 -43.40 6.82 10.67
CA ALA E 59 -44.10 8.04 11.02
C ALA E 59 -45.51 7.72 11.53
N TRP E 60 -45.99 8.57 12.44
CA TRP E 60 -47.34 8.51 12.98
C TRP E 60 -48.07 9.79 12.62
N TYR E 61 -49.26 9.63 12.02
CA TYR E 61 -50.12 10.73 11.59
C TYR E 61 -51.45 10.65 12.32
N GLN E 62 -52.08 11.81 12.51
CA GLN E 62 -53.38 11.93 13.16
C GLN E 62 -54.35 12.63 12.23
N GLN E 63 -55.57 12.12 12.12
CA GLN E 63 -56.63 12.73 11.32
C GLN E 63 -57.88 12.86 12.17
N LYS E 64 -58.29 14.09 12.44
CA LYS E 64 -59.54 14.37 13.13
C LYS E 64 -60.70 14.32 12.14
N PRO E 65 -61.92 14.10 12.62
CA PRO E 65 -63.07 14.03 11.71
C PRO E 65 -63.29 15.35 10.97
N GLY E 66 -63.41 15.25 9.65
CA GLY E 66 -63.63 16.42 8.82
C GLY E 66 -62.41 17.26 8.55
N GLN E 67 -61.21 16.77 8.87
CA GLN E 67 -59.98 17.53 8.71
C GLN E 67 -58.97 16.73 7.92
N SER E 68 -57.92 17.41 7.49
CA SER E 68 -56.82 16.77 6.80
C SER E 68 -55.91 16.04 7.79
N PRO E 69 -55.18 15.02 7.33
CA PRO E 69 -54.21 14.36 8.22
C PRO E 69 -53.10 15.33 8.64
N LYS E 70 -52.59 15.10 9.85
CA LYS E 70 -51.53 15.92 10.42
C LYS E 70 -50.42 15.03 10.96
N LEU E 71 -49.17 15.43 10.71
CA LEU E 71 -48.02 14.65 11.14
C LEU E 71 -47.80 14.83 12.64
N LEU E 72 -47.67 13.72 13.35
CA LEU E 72 -47.38 13.71 14.78
C LEU E 72 -45.92 13.35 15.06
N ILE E 73 -45.48 12.19 14.59
CA ILE E 73 -44.12 11.71 14.80
C ILE E 73 -43.52 11.42 13.44
N TYR E 74 -42.33 11.93 13.16
CA TYR E 74 -41.75 11.68 11.84
C TYR E 74 -40.60 10.68 11.86
N TRP E 75 -39.71 10.76 12.85
CA TRP E 75 -38.84 9.62 13.07
C TRP E 75 -39.52 8.64 14.01
N ALA E 76 -38.74 7.70 14.55
CA ALA E 76 -39.33 6.72 15.46
C ALA E 76 -39.88 7.37 16.71
N SER E 77 -39.20 8.38 17.24
CA SER E 77 -39.60 8.98 18.51
C SER E 77 -39.47 10.50 18.55
N THR E 78 -39.41 11.17 17.40
CA THR E 78 -39.20 12.62 17.36
C THR E 78 -40.52 13.34 17.08
N ARG E 79 -40.87 14.25 17.98
CA ARG E 79 -42.16 14.94 17.90
C ARG E 79 -42.09 16.15 16.98
N GLU E 80 -43.13 16.31 16.16
CA GLU E 80 -43.26 17.48 15.32
C GLU E 80 -43.57 18.71 16.17
N SER E 81 -43.13 19.88 15.71
CA SER E 81 -43.35 21.11 16.45
C SER E 81 -44.85 21.40 16.61
N GLY E 82 -45.25 21.79 17.82
CA GLY E 82 -46.64 22.03 18.14
C GLY E 82 -47.39 20.83 18.69
N VAL E 83 -46.79 19.64 18.67
CA VAL E 83 -47.44 18.45 19.21
C VAL E 83 -47.35 18.48 20.74
N PRO E 84 -48.43 18.18 21.45
CA PRO E 84 -48.38 18.21 22.92
C PRO E 84 -47.44 17.13 23.47
N ASP E 85 -46.96 17.39 24.69
CA ASP E 85 -45.94 16.55 25.31
C ASP E 85 -46.46 15.15 25.67
N ARG E 86 -47.78 14.94 25.68
CA ARG E 86 -48.33 13.67 26.13
C ARG E 86 -48.25 12.55 25.10
N PHE E 87 -47.86 12.86 23.86
CA PHE E 87 -47.69 11.84 22.83
C PHE E 87 -46.27 11.31 22.87
N THR E 88 -46.12 9.99 22.83
CA THR E 88 -44.79 9.38 22.88
C THR E 88 -44.72 8.22 21.87
N GLY E 89 -43.72 8.27 21.00
CA GLY E 89 -43.45 7.18 20.09
C GLY E 89 -42.23 6.39 20.57
N SER E 90 -42.27 5.08 20.37
CA SER E 90 -41.18 4.24 20.80
C SER E 90 -41.14 2.99 19.93
N GLY E 91 -40.04 2.25 20.04
CA GLY E 91 -39.89 0.99 19.35
C GLY E 91 -38.68 0.98 18.44
N SER E 92 -38.51 -0.15 17.76
CA SER E 92 -37.38 -0.35 16.87
C SER E 92 -37.64 -1.57 16.01
N GLY E 93 -36.77 -1.77 15.02
CA GLY E 93 -36.83 -2.94 14.17
C GLY E 93 -38.12 -3.06 13.40
N THR E 94 -38.97 -3.99 13.83
CA THR E 94 -40.27 -4.20 13.21
C THR E 94 -41.44 -3.90 14.14
N ASP E 95 -41.18 -3.47 15.37
CA ASP E 95 -42.23 -3.24 16.36
C ASP E 95 -42.19 -1.80 16.84
N PHE E 96 -43.34 -1.11 16.75
CA PHE E 96 -43.40 0.29 17.13
C PHE E 96 -44.69 0.54 17.91
N THR E 97 -44.66 1.54 18.78
CA THR E 97 -45.73 1.80 19.73
C THR E 97 -45.97 3.30 19.88
N LEU E 98 -47.23 3.69 19.87
CA LEU E 98 -47.65 5.06 20.14
C LEU E 98 -48.45 5.07 21.44
N THR E 99 -48.03 5.93 22.38
CA THR E 99 -48.58 5.95 23.73
C THR E 99 -49.04 7.36 24.08
N ILE E 100 -50.26 7.47 24.59
CA ILE E 100 -50.77 8.73 25.14
C ILE E 100 -50.92 8.55 26.64
N SER E 101 -50.26 9.43 27.40
CA SER E 101 -50.26 9.30 28.86
C SER E 101 -51.62 9.61 29.45
N SER E 102 -52.30 10.63 28.95
CA SER E 102 -53.60 11.03 29.47
C SER E 102 -54.42 11.59 28.32
N VAL E 103 -55.36 10.79 27.82
CA VAL E 103 -56.12 11.19 26.64
C VAL E 103 -57.16 12.24 27.02
N LYS E 104 -57.18 13.34 26.29
CA LYS E 104 -58.18 14.39 26.46
C LYS E 104 -59.33 14.18 25.49
N ALA E 105 -60.33 15.05 25.60
CA ALA E 105 -61.48 14.97 24.70
C ALA E 105 -61.13 15.36 23.27
N GLU E 106 -60.04 16.10 23.07
CA GLU E 106 -59.64 16.55 21.74
C GLU E 106 -58.82 15.51 20.99
N ASP E 107 -58.55 14.34 21.59
CA ASP E 107 -57.80 13.29 20.93
C ASP E 107 -58.68 12.34 20.12
N LEU E 108 -59.96 12.66 19.96
CA LEU E 108 -60.88 11.89 19.14
C LEU E 108 -60.45 12.02 17.68
N ALA E 109 -59.81 10.98 17.15
CA ALA E 109 -59.24 11.01 15.81
C ALA E 109 -58.88 9.58 15.41
N VAL E 110 -58.36 9.45 14.19
CA VAL E 110 -57.85 8.18 13.68
C VAL E 110 -56.36 8.33 13.45
N TYR E 111 -55.59 7.34 13.91
CA TYR E 111 -54.13 7.40 13.89
C TYR E 111 -53.60 6.38 12.90
N TYR E 112 -52.63 6.79 12.08
CA TYR E 112 -52.03 5.97 11.05
C TYR E 112 -50.52 5.86 11.25
N CYS E 113 -49.98 4.67 11.00
CA CYS E 113 -48.53 4.49 10.95
C CYS E 113 -48.11 4.25 9.50
N GLN E 114 -47.00 4.84 9.11
CA GLN E 114 -46.52 4.77 7.74
C GLN E 114 -45.01 4.53 7.73
N GLN E 115 -44.55 3.77 6.74
CA GLN E 115 -43.13 3.59 6.52
C GLN E 115 -42.74 4.36 5.25
N TYR E 116 -41.64 5.12 5.34
CA TYR E 116 -41.13 5.88 4.21
C TYR E 116 -39.70 5.46 3.88
N TYR E 117 -39.37 4.20 4.15
CA TYR E 117 -38.04 3.68 3.82
C TYR E 117 -37.87 3.51 2.32
N SER E 118 -38.88 2.98 1.63
CA SER E 118 -38.74 2.62 0.23
C SER E 118 -40.11 2.57 -0.42
N TYR E 119 -40.11 2.33 -1.74
CA TYR E 119 -41.34 2.21 -2.51
C TYR E 119 -42.14 1.00 -2.03
N PRO E 120 -43.48 1.08 -2.00
CA PRO E 120 -44.34 2.19 -2.42
C PRO E 120 -44.82 3.10 -1.29
N TRP E 121 -44.11 3.14 -0.16
CA TRP E 121 -44.45 3.98 0.98
C TRP E 121 -45.90 3.79 1.45
N PRO E 122 -46.28 2.59 1.90
CA PRO E 122 -47.68 2.34 2.24
C PRO E 122 -48.04 2.82 3.63
N PHE E 123 -49.31 3.20 3.77
CA PHE E 123 -49.88 3.55 5.07
C PHE E 123 -50.39 2.30 5.79
N GLY E 124 -50.65 2.45 7.08
CA GLY E 124 -51.26 1.40 7.85
C GLY E 124 -52.77 1.38 7.71
N GLY E 125 -53.39 0.44 8.41
CA GLY E 125 -54.84 0.33 8.37
C GLY E 125 -55.56 1.39 9.17
N GLY E 126 -54.95 1.89 10.24
CA GLY E 126 -55.58 2.92 11.06
C GLY E 126 -56.17 2.36 12.33
N THR E 127 -56.14 3.18 13.38
CA THR E 127 -56.70 2.83 14.67
C THR E 127 -57.61 3.95 15.12
N LYS E 128 -58.88 3.66 15.32
CA LYS E 128 -59.85 4.65 15.75
C LYS E 128 -59.91 4.68 17.27
N LEU E 129 -59.94 5.90 17.82
CA LEU E 129 -60.02 6.11 19.26
C LEU E 129 -61.40 6.63 19.61
N GLU E 130 -61.99 6.09 20.68
CA GLU E 130 -63.31 6.48 21.14
C GLU E 130 -63.23 6.93 22.59
N ILE E 131 -64.05 7.91 22.95
CA ILE E 131 -64.05 8.51 24.28
C ILE E 131 -65.30 8.04 25.02
N LYS E 132 -65.11 7.48 26.20
CA LYS E 132 -66.23 7.02 27.02
C LYS E 132 -66.82 8.16 27.84
N ASP F 20 -0.15 32.52 -26.44
CA ASP F 20 1.07 33.09 -27.00
C ASP F 20 1.68 34.10 -26.06
N ILE F 21 3.01 34.15 -26.03
CA ILE F 21 3.76 35.05 -25.17
C ILE F 21 4.38 36.15 -26.02
N VAL F 22 4.21 37.40 -25.59
CA VAL F 22 4.63 38.57 -26.35
C VAL F 22 5.95 39.07 -25.77
N MET F 23 6.91 39.38 -26.65
CA MET F 23 8.23 39.83 -26.26
C MET F 23 8.40 41.31 -26.58
N SER F 24 8.99 42.06 -25.64
CA SER F 24 9.26 43.48 -25.83
C SER F 24 10.69 43.78 -25.45
N GLN F 25 11.28 44.77 -26.13
CA GLN F 25 12.69 45.11 -25.94
C GLN F 25 12.82 46.60 -25.65
N SER F 26 13.87 46.95 -24.89
CA SER F 26 14.10 48.35 -24.58
C SER F 26 15.59 48.59 -24.34
N PRO F 27 16.16 49.69 -24.87
CA PRO F 27 15.55 50.69 -25.76
C PRO F 27 15.58 50.25 -27.22
N SER F 28 14.86 50.94 -28.11
CA SER F 28 14.93 50.62 -29.53
C SER F 28 16.32 50.93 -30.10
N SER F 29 16.90 52.06 -29.70
CA SER F 29 18.24 52.44 -30.15
C SER F 29 19.00 53.04 -28.98
N LEU F 30 20.33 52.95 -29.05
CA LEU F 30 21.18 53.46 -27.99
C LEU F 30 22.58 53.71 -28.53
N ALA F 31 23.12 54.89 -28.26
CA ALA F 31 24.44 55.28 -28.73
C ALA F 31 25.43 55.22 -27.57
N VAL F 32 26.54 54.51 -27.79
CA VAL F 32 27.54 54.29 -26.75
C VAL F 32 28.91 54.70 -27.29
N SER F 33 29.82 55.00 -26.38
CA SER F 33 31.20 55.30 -26.73
C SER F 33 32.07 54.07 -26.48
N VAL F 34 33.25 54.07 -27.10
CA VAL F 34 34.18 52.96 -26.99
C VAL F 34 34.69 52.86 -25.56
N GLY F 35 34.63 51.66 -24.98
CA GLY F 35 35.05 51.44 -23.62
C GLY F 35 33.97 51.60 -22.58
N GLU F 36 32.76 51.98 -22.97
CA GLU F 36 31.66 52.22 -22.05
C GLU F 36 30.87 50.95 -21.81
N LYS F 37 30.25 50.86 -20.64
CA LYS F 37 29.39 49.74 -20.30
C LYS F 37 27.96 50.01 -20.77
N VAL F 38 27.33 48.99 -21.35
CA VAL F 38 26.00 49.15 -21.93
C VAL F 38 25.12 47.99 -21.47
N THR F 39 23.81 48.24 -21.48
CA THR F 39 22.83 47.30 -20.94
C THR F 39 21.51 47.48 -21.68
N MET F 40 20.90 46.38 -22.11
CA MET F 40 19.60 46.39 -22.74
C MET F 40 18.71 45.35 -22.07
N SER F 41 17.39 45.55 -22.18
CA SER F 41 16.42 44.77 -21.43
C SER F 41 15.39 44.14 -22.35
N CYS F 42 14.97 42.93 -21.98
CA CYS F 42 13.94 42.18 -22.67
C CYS F 42 12.90 41.73 -21.66
N LYS F 43 11.62 41.80 -22.05
CA LYS F 43 10.51 41.51 -21.17
C LYS F 43 9.52 40.59 -21.88
N SER F 44 8.92 39.69 -21.10
CA SER F 44 7.94 38.75 -21.61
C SER F 44 6.65 38.88 -20.81
N SER F 45 5.53 38.60 -21.48
CA SER F 45 4.22 38.71 -20.83
C SER F 45 3.97 37.57 -19.84
N GLN F 46 4.68 36.45 -19.98
CA GLN F 46 4.50 35.31 -19.10
C GLN F 46 5.86 34.76 -18.71
N SER F 47 5.87 33.99 -17.62
CA SER F 47 7.11 33.42 -17.11
C SER F 47 7.67 32.37 -18.06
N LEU F 48 8.99 32.42 -18.26
CA LEU F 48 9.68 31.47 -19.13
C LEU F 48 10.44 30.41 -18.34
N LEU F 49 10.23 30.32 -17.03
CA LEU F 49 10.95 29.37 -16.20
C LEU F 49 10.28 28.01 -16.26
N HIS F 50 11.08 26.98 -16.50
CA HIS F 50 10.57 25.61 -16.58
C HIS F 50 10.37 25.04 -15.18
N VAL F 51 9.29 24.28 -15.02
CA VAL F 51 8.88 23.83 -13.69
C VAL F 51 9.84 22.79 -13.13
N SER F 52 10.32 21.88 -13.96
CA SER F 52 11.08 20.74 -13.45
C SER F 52 12.58 21.01 -13.38
N ASN F 53 13.19 21.44 -14.49
CA ASN F 53 14.64 21.60 -14.54
C ASN F 53 15.10 23.01 -14.18
N GLN F 54 14.16 23.94 -13.92
CA GLN F 54 14.47 25.30 -13.47
C GLN F 54 15.37 26.05 -14.45
N LYS F 55 15.01 26.02 -15.72
CA LYS F 55 15.74 26.72 -16.77
C LYS F 55 14.85 27.75 -17.45
N ASN F 56 15.47 28.83 -17.92
CA ASN F 56 14.76 29.90 -18.61
C ASN F 56 14.99 29.77 -20.11
N TYR F 57 13.90 29.75 -20.87
CA TYR F 57 13.95 29.49 -22.31
C TYR F 57 14.00 30.81 -23.08
N LEU F 58 15.13 31.50 -22.91
CA LEU F 58 15.35 32.79 -23.55
C LEU F 58 16.72 32.82 -24.22
N ALA F 59 16.78 33.39 -25.42
CA ALA F 59 18.01 33.47 -26.19
C ALA F 59 18.25 34.88 -26.71
N TRP F 60 19.52 35.23 -26.83
CA TRP F 60 19.97 36.50 -27.39
C TRP F 60 20.78 36.23 -28.65
N TYR F 61 20.41 36.92 -29.74
CA TYR F 61 21.05 36.81 -31.04
C TYR F 61 21.62 38.17 -31.45
N GLN F 62 22.68 38.12 -32.25
CA GLN F 62 23.33 39.32 -32.78
C GLN F 62 23.36 39.26 -34.29
N GLN F 63 23.04 40.37 -34.95
CA GLN F 63 23.08 40.47 -36.41
C GLN F 63 23.86 41.72 -36.79
N LYS F 64 25.01 41.53 -37.43
CA LYS F 64 25.80 42.61 -37.97
C LYS F 64 25.26 43.04 -39.33
N PRO F 65 25.54 44.28 -39.75
CA PRO F 65 25.03 44.74 -41.04
C PRO F 65 25.55 43.92 -42.21
N GLY F 66 24.62 43.45 -43.04
CA GLY F 66 24.98 42.65 -44.20
C GLY F 66 25.32 41.21 -43.90
N GLN F 67 25.00 40.72 -42.71
CA GLN F 67 25.36 39.37 -42.29
C GLN F 67 24.13 38.66 -41.73
N SER F 68 24.25 37.33 -41.62
CA SER F 68 23.21 36.53 -41.03
C SER F 68 23.22 36.68 -39.50
N PRO F 69 22.08 36.45 -38.85
CA PRO F 69 22.07 36.47 -37.38
C PRO F 69 22.94 35.37 -36.79
N LYS F 70 23.51 35.65 -35.62
CA LYS F 70 24.37 34.71 -34.93
C LYS F 70 23.93 34.60 -33.47
N LEU F 71 23.92 33.36 -32.97
CA LEU F 71 23.50 33.10 -31.59
C LEU F 71 24.58 33.54 -30.61
N LEU F 72 24.18 34.32 -29.61
CA LEU F 72 25.08 34.75 -28.54
C LEU F 72 24.84 34.00 -27.25
N ILE F 73 23.60 34.04 -26.75
CA ILE F 73 23.23 33.37 -25.49
C ILE F 73 22.05 32.46 -25.81
N TYR F 74 22.13 31.19 -25.39
CA TYR F 74 21.02 30.29 -25.70
C TYR F 74 20.16 29.96 -24.49
N TRP F 75 20.76 29.71 -23.33
CA TRP F 75 19.96 29.73 -22.13
C TRP F 75 19.90 31.16 -21.59
N ALA F 76 19.46 31.30 -20.34
CA ALA F 76 19.37 32.64 -19.76
C ALA F 76 20.74 33.29 -19.64
N SER F 77 21.78 32.51 -19.29
CA SER F 77 23.09 33.10 -19.04
C SER F 77 24.25 32.26 -19.57
N THR F 78 24.01 31.36 -20.52
CA THR F 78 25.05 30.47 -21.02
C THR F 78 25.57 30.96 -22.37
N ARG F 79 26.88 31.17 -22.45
CA ARG F 79 27.48 31.75 -23.65
C ARG F 79 27.78 30.68 -24.69
N GLU F 80 27.47 31.01 -25.94
CA GLU F 80 27.81 30.13 -27.06
C GLU F 80 29.32 30.12 -27.26
N SER F 81 29.83 28.99 -27.77
CA SER F 81 31.25 28.85 -28.02
C SER F 81 31.74 29.89 -29.03
N GLY F 82 32.88 30.52 -28.73
CA GLY F 82 33.43 31.56 -29.56
C GLY F 82 32.98 32.96 -29.22
N VAL F 83 32.00 33.11 -28.32
CA VAL F 83 31.53 34.44 -27.93
C VAL F 83 32.53 35.07 -26.97
N PRO F 84 32.90 36.34 -27.15
CA PRO F 84 33.83 36.98 -26.21
C PRO F 84 33.27 37.07 -24.80
N ASP F 85 34.19 37.11 -23.83
CA ASP F 85 33.82 37.06 -22.42
C ASP F 85 33.11 38.32 -21.94
N ARG F 86 33.11 39.40 -22.72
CA ARG F 86 32.53 40.66 -22.26
C ARG F 86 31.02 40.69 -22.37
N PHE F 87 30.39 39.70 -22.99
CA PHE F 87 28.93 39.62 -23.07
C PHE F 87 28.41 38.86 -21.86
N THR F 88 27.36 39.37 -21.23
CA THR F 88 26.77 38.72 -20.07
C THR F 88 25.26 38.76 -20.17
N GLY F 89 24.62 37.62 -19.93
CA GLY F 89 23.17 37.56 -19.85
C GLY F 89 22.75 37.27 -18.43
N SER F 90 21.64 37.88 -18.02
CA SER F 90 21.15 37.70 -16.66
C SER F 90 19.65 37.90 -16.63
N GLY F 91 19.05 37.50 -15.53
CA GLY F 91 17.62 37.70 -15.30
C GLY F 91 16.90 36.39 -15.05
N SER F 92 15.60 36.53 -14.86
CA SER F 92 14.74 35.38 -14.57
C SER F 92 13.29 35.79 -14.74
N GLY F 93 12.41 34.79 -14.69
CA GLY F 93 10.99 35.04 -14.74
C GLY F 93 10.54 35.69 -16.03
N THR F 94 10.21 36.98 -15.95
CA THR F 94 9.79 37.76 -17.09
C THR F 94 10.76 38.89 -17.43
N ASP F 95 11.86 39.05 -16.68
CA ASP F 95 12.77 40.16 -16.87
C ASP F 95 14.17 39.64 -17.18
N PHE F 96 14.75 40.11 -18.29
CA PHE F 96 16.06 39.64 -18.71
C PHE F 96 16.89 40.81 -19.22
N THR F 97 18.21 40.68 -19.08
CA THR F 97 19.12 41.78 -19.33
C THR F 97 20.38 41.27 -20.03
N LEU F 98 20.80 41.99 -21.07
CA LEU F 98 22.05 41.74 -21.75
C LEU F 98 23.00 42.90 -21.51
N THR F 99 24.21 42.60 -21.03
CA THR F 99 25.17 43.60 -20.58
C THR F 99 26.50 43.41 -21.28
N ILE F 100 27.05 44.48 -21.83
CA ILE F 100 28.40 44.48 -22.38
C ILE F 100 29.26 45.38 -21.50
N SER F 101 30.34 44.81 -20.96
CA SER F 101 31.19 45.54 -20.02
C SER F 101 31.96 46.67 -20.71
N SER F 102 32.47 46.41 -21.92
CA SER F 102 33.26 47.40 -22.65
C SER F 102 33.02 47.20 -24.13
N VAL F 103 32.19 48.06 -24.72
CA VAL F 103 31.80 47.88 -26.11
C VAL F 103 32.95 48.31 -27.02
N LYS F 104 33.30 47.43 -27.96
CA LYS F 104 34.31 47.72 -28.96
C LYS F 104 33.66 48.23 -30.23
N ALA F 105 34.50 48.58 -31.21
CA ALA F 105 33.98 49.05 -32.50
C ALA F 105 33.31 47.95 -33.30
N GLU F 106 33.62 46.68 -32.99
CA GLU F 106 33.04 45.55 -33.73
C GLU F 106 31.68 45.13 -33.19
N ASP F 107 31.18 45.78 -32.15
CA ASP F 107 29.87 45.45 -31.59
C ASP F 107 28.73 46.19 -32.27
N LEU F 108 29.01 46.91 -33.35
CA LEU F 108 27.99 47.59 -34.14
C LEU F 108 27.10 46.55 -34.79
N ALA F 109 25.90 46.36 -34.24
CA ALA F 109 24.99 45.31 -34.69
C ALA F 109 23.61 45.57 -34.09
N VAL F 110 22.66 44.70 -34.42
CA VAL F 110 21.32 44.73 -33.85
C VAL F 110 21.12 43.45 -33.05
N TYR F 111 20.60 43.60 -31.84
CA TYR F 111 20.47 42.48 -30.90
C TYR F 111 19.00 42.14 -30.71
N TYR F 112 18.68 40.84 -30.73
CA TYR F 112 17.32 40.35 -30.61
C TYR F 112 17.22 39.39 -29.43
N CYS F 113 16.10 39.45 -28.72
CA CYS F 113 15.76 38.46 -27.71
C CYS F 113 14.60 37.61 -28.21
N GLN F 114 14.66 36.31 -27.94
CA GLN F 114 13.68 35.36 -28.43
C GLN F 114 13.33 34.38 -27.32
N GLN F 115 12.08 33.94 -27.30
CA GLN F 115 11.65 32.88 -26.41
C GLN F 115 11.36 31.63 -27.24
N TYR F 116 11.86 30.49 -26.78
CA TYR F 116 11.64 29.21 -27.45
C TYR F 116 10.95 28.23 -26.52
N TYR F 117 10.14 28.74 -25.60
CA TYR F 117 9.40 27.89 -24.68
C TYR F 117 8.25 27.17 -25.39
N SER F 118 7.53 27.87 -26.26
CA SER F 118 6.33 27.31 -26.86
C SER F 118 6.02 28.05 -28.16
N TYR F 119 4.99 27.56 -28.85
CA TYR F 119 4.53 28.17 -30.09
C TYR F 119 4.03 29.59 -29.82
N PRO F 120 4.24 30.54 -30.74
CA PRO F 120 4.90 30.44 -32.05
C PRO F 120 6.37 30.86 -32.07
N TRP F 121 7.06 30.82 -30.93
CA TRP F 121 8.47 31.18 -30.83
C TRP F 121 8.79 32.56 -31.42
N PRO F 122 8.22 33.64 -30.89
CA PRO F 122 8.41 34.95 -31.52
C PRO F 122 9.72 35.61 -31.12
N PHE F 123 10.23 36.41 -32.03
CA PHE F 123 11.39 37.24 -31.79
C PHE F 123 10.98 38.57 -31.15
N GLY F 124 11.97 39.28 -30.61
CA GLY F 124 11.74 40.61 -30.09
C GLY F 124 11.80 41.66 -31.18
N GLY F 125 11.60 42.91 -30.76
CA GLY F 125 11.64 44.02 -31.71
C GLY F 125 13.04 44.40 -32.15
N GLY F 126 14.04 44.15 -31.32
CA GLY F 126 15.41 44.49 -31.68
C GLY F 126 15.89 45.79 -31.05
N THR F 127 17.18 45.83 -30.74
CA THR F 127 17.81 47.01 -30.18
C THR F 127 19.06 47.31 -31.00
N LYS F 128 19.09 48.49 -31.61
CA LYS F 128 20.22 48.90 -32.42
C LYS F 128 21.26 49.63 -31.56
N LEU F 129 22.52 49.29 -31.76
CA LEU F 129 23.62 49.89 -31.03
C LEU F 129 24.39 50.83 -31.96
N GLU F 130 24.74 52.01 -31.46
CA GLU F 130 25.48 53.00 -32.23
C GLU F 130 26.75 53.38 -31.49
N ILE F 131 27.81 53.65 -32.24
CA ILE F 131 29.12 53.97 -31.69
C ILE F 131 29.38 55.46 -31.89
N LYS F 132 29.71 56.15 -30.80
CA LYS F 132 30.02 57.58 -30.85
C LYS F 132 31.47 57.81 -31.24
N ILE G 27 17.28 -12.42 -21.64
CA ILE G 27 17.07 -11.92 -22.99
C ILE G 27 16.52 -10.49 -22.97
N LEU G 28 16.99 -9.71 -22.00
CA LEU G 28 16.59 -8.31 -21.92
C LEU G 28 17.36 -7.48 -22.95
N HIS G 29 16.65 -6.55 -23.60
CA HIS G 29 17.24 -5.68 -24.61
C HIS G 29 17.74 -4.43 -23.92
N TYR G 30 19.02 -4.45 -23.53
CA TYR G 30 19.55 -3.40 -22.68
C TYR G 30 19.74 -2.08 -23.41
N GLU G 31 20.00 -2.10 -24.71
CA GLU G 31 20.21 -0.86 -25.46
C GLU G 31 18.94 -0.03 -25.53
N LYS G 32 17.81 -0.65 -25.89
CA LYS G 32 16.55 0.08 -25.98
C LYS G 32 16.07 0.52 -24.61
N LEU G 33 16.26 -0.32 -23.59
CA LEU G 33 15.88 0.06 -22.23
C LEU G 33 16.71 1.24 -21.74
N SER G 34 18.00 1.27 -22.07
CA SER G 34 18.82 2.43 -21.74
C SER G 34 18.36 3.67 -22.49
N LYS G 35 17.95 3.51 -23.75
CA LYS G 35 17.42 4.64 -24.52
C LYS G 35 16.12 5.15 -23.93
N ILE G 36 15.37 4.32 -23.22
CA ILE G 36 14.13 4.77 -22.58
C ILE G 36 14.36 5.16 -21.11
N GLY G 37 15.61 5.17 -20.66
CA GLY G 37 15.95 5.65 -19.34
C GLY G 37 16.19 4.59 -18.29
N LEU G 38 16.28 3.33 -18.66
CA LEU G 38 16.47 2.23 -17.71
C LEU G 38 17.88 1.67 -17.92
N VAL G 39 18.82 2.14 -17.11
CA VAL G 39 20.23 1.80 -17.25
C VAL G 39 20.52 0.57 -16.41
N LYS G 40 21.18 -0.43 -16.99
CA LYS G 40 21.36 -1.68 -16.28
C LYS G 40 22.35 -1.54 -15.13
N GLY G 41 22.03 -2.16 -14.01
CA GLY G 41 22.84 -2.14 -12.82
C GLY G 41 23.61 -3.42 -12.61
N VAL G 42 23.80 -3.79 -11.34
CA VAL G 42 24.55 -4.99 -11.02
C VAL G 42 23.64 -6.22 -11.09
N THR G 43 24.27 -7.38 -11.21
CA THR G 43 23.58 -8.66 -11.25
C THR G 43 23.86 -9.41 -9.95
N ARG G 44 22.80 -9.95 -9.34
CA ARG G 44 22.93 -10.61 -8.06
C ARG G 44 22.44 -12.05 -8.14
N LYS G 45 22.95 -12.87 -7.23
CA LYS G 45 22.58 -14.28 -7.12
C LYS G 45 21.36 -14.44 -6.22
N TYR G 46 20.70 -15.59 -6.35
CA TYR G 46 19.48 -15.92 -5.63
C TYR G 46 19.73 -17.11 -4.73
N LYS G 47 19.46 -16.96 -3.44
CA LYS G 47 19.70 -18.04 -2.49
C LYS G 47 18.61 -18.05 -1.42
N ILE G 48 18.19 -19.25 -1.03
CA ILE G 48 17.09 -19.46 -0.09
C ILE G 48 17.56 -20.40 1.01
N LYS G 49 16.95 -20.27 2.19
CA LYS G 49 17.30 -21.12 3.32
C LYS G 49 16.74 -22.54 3.15
N SER G 50 17.44 -23.49 3.75
CA SER G 50 17.06 -24.90 3.70
C SER G 50 17.88 -25.68 4.73
N ASN G 51 17.41 -26.88 5.06
CA ASN G 51 18.11 -27.89 5.86
C ASN G 51 18.51 -27.37 7.25
N PRO G 52 17.57 -27.17 8.17
CA PRO G 52 17.93 -26.62 9.48
C PRO G 52 18.37 -27.70 10.47
N LEU G 53 19.26 -27.31 11.38
CA LEU G 53 19.60 -28.09 12.55
C LEU G 53 18.90 -27.50 13.77
N THR G 54 18.72 -28.32 14.80
CA THR G 54 17.91 -27.92 15.94
C THR G 54 18.73 -27.92 17.23
N LYS G 55 18.40 -26.97 18.11
CA LYS G 55 18.93 -26.95 19.47
C LYS G 55 17.79 -26.58 20.42
N ASP G 56 17.99 -26.84 21.71
CA ASP G 56 16.95 -26.59 22.70
C ASP G 56 17.50 -25.73 23.84
N ILE G 57 16.69 -24.74 24.26
CA ILE G 57 17.04 -23.86 25.36
C ILE G 57 15.85 -23.74 26.31
N VAL G 58 16.16 -23.31 27.53
CA VAL G 58 15.18 -23.05 28.56
C VAL G 58 15.24 -21.58 28.93
N ILE G 59 14.09 -20.91 28.95
CA ILE G 59 14.01 -19.49 29.32
C ILE G 59 13.12 -19.37 30.54
N LYS G 60 13.67 -18.82 31.61
CA LYS G 60 12.94 -18.57 32.85
C LYS G 60 12.47 -17.12 32.88
N MET G 61 11.19 -16.92 33.19
CA MET G 61 10.61 -15.59 33.20
C MET G 61 10.45 -15.01 34.60
N ILE G 62 11.01 -15.67 35.62
CA ILE G 62 10.94 -15.15 36.99
C ILE G 62 12.31 -15.26 37.63
N PRO G 63 12.82 -14.19 38.24
CA PRO G 63 14.16 -14.23 38.83
C PRO G 63 14.16 -14.82 40.24
N ASN G 64 15.36 -15.15 40.70
CA ASN G 64 15.57 -15.71 42.03
C ASN G 64 15.90 -14.58 43.00
N VAL G 65 15.06 -14.42 44.02
CA VAL G 65 15.19 -13.31 44.96
C VAL G 65 15.46 -13.83 46.37
N SER G 66 16.16 -14.97 46.47
CA SER G 66 16.37 -15.58 47.78
C SER G 66 17.34 -14.80 48.65
N ASN G 67 18.16 -13.93 48.06
CA ASN G 67 19.14 -13.16 48.82
C ASN G 67 18.65 -11.75 49.16
N MET G 68 17.39 -11.43 48.87
CA MET G 68 16.76 -10.19 49.33
C MET G 68 15.38 -10.49 49.92
N SER G 69 15.09 -11.76 50.16
CA SER G 69 13.77 -12.21 50.58
C SER G 69 13.34 -11.65 51.92
N GLN G 70 14.23 -10.93 52.61
CA GLN G 70 13.80 -10.22 53.81
C GLN G 70 12.72 -9.19 53.50
N CYS G 71 12.86 -8.44 52.40
CA CYS G 71 11.84 -7.45 52.09
C CYS G 71 11.50 -7.43 50.60
N THR G 72 11.19 -8.58 50.03
CA THR G 72 10.52 -8.62 48.75
C THR G 72 9.06 -8.20 48.84
N GLY G 73 8.52 -8.08 50.05
CA GLY G 73 7.14 -7.65 50.22
C GLY G 73 6.17 -8.70 49.71
N SER G 74 5.21 -8.26 48.88
CA SER G 74 4.27 -9.17 48.24
C SER G 74 4.17 -8.91 46.74
N VAL G 75 5.23 -8.37 46.13
CA VAL G 75 5.19 -8.10 44.70
C VAL G 75 5.37 -9.38 43.90
N MET G 76 6.01 -10.40 44.48
CA MET G 76 6.24 -11.64 43.77
C MET G 76 4.94 -12.39 43.49
N GLU G 77 4.01 -12.38 44.46
CA GLU G 77 2.72 -13.04 44.27
C GLU G 77 1.90 -12.38 43.17
N ASN G 78 1.87 -11.04 43.16
CA ASN G 78 1.14 -10.33 42.11
C ASN G 78 1.78 -10.57 40.75
N TYR G 79 3.11 -10.57 40.69
CA TYR G 79 3.80 -10.86 39.44
C TYR G 79 3.50 -12.27 38.96
N LYS G 80 3.46 -13.24 39.88
CA LYS G 80 3.14 -14.61 39.51
C LYS G 80 1.72 -14.72 38.97
N THR G 81 0.77 -14.02 39.60
CA THR G 81 -0.62 -14.04 39.10
C THR G 81 -0.71 -13.45 37.69
N ARG G 82 -0.06 -12.30 37.46
CA ARG G 82 -0.08 -11.70 36.14
C ARG G 82 0.59 -12.59 35.08
N LEU G 83 1.73 -13.19 35.44
CA LEU G 83 2.44 -14.06 34.51
C LEU G 83 1.64 -15.32 34.19
N ASN G 84 0.96 -15.88 35.19
CA ASN G 84 0.11 -17.04 34.95
C ASN G 84 -1.03 -16.69 34.01
N GLY G 85 -1.65 -15.53 34.22
CA GLY G 85 -2.69 -15.08 33.31
C GLY G 85 -2.18 -14.88 31.89
N ILE G 86 -0.93 -14.43 31.75
CA ILE G 86 -0.36 -14.27 30.42
C ILE G 86 -0.08 -15.64 29.78
N LEU G 87 0.45 -16.58 30.56
CA LEU G 87 0.97 -17.82 30.00
C LEU G 87 -0.07 -18.93 29.80
N THR G 88 -1.24 -18.82 30.44
CA THR G 88 -2.25 -19.88 30.30
C THR G 88 -2.73 -20.11 28.87
N PRO G 89 -3.08 -19.09 28.06
CA PRO G 89 -3.59 -19.38 26.70
C PRO G 89 -2.60 -20.10 25.80
N ILE G 90 -1.30 -19.86 25.96
CA ILE G 90 -0.31 -20.54 25.12
C ILE G 90 -0.32 -22.04 25.38
N LYS G 91 -0.35 -22.42 26.66
CA LYS G 91 -0.44 -23.83 27.01
C LYS G 91 -1.75 -24.43 26.54
N GLY G 92 -2.84 -23.66 26.64
CA GLY G 92 -4.12 -24.14 26.13
C GLY G 92 -4.08 -24.39 24.63
N ALA G 93 -3.37 -23.55 23.88
CA ALA G 93 -3.25 -23.73 22.44
C ALA G 93 -2.38 -24.93 22.11
N LEU G 94 -1.31 -25.16 22.87
CA LEU G 94 -0.45 -26.32 22.61
C LEU G 94 -1.15 -27.64 22.96
N GLU G 95 -2.04 -27.61 23.96
CA GLU G 95 -2.72 -28.83 24.39
C GLU G 95 -3.62 -29.40 23.31
N ILE G 96 -4.07 -28.58 22.36
CA ILE G 96 -4.93 -29.05 21.29
C ILE G 96 -4.19 -30.06 20.43
N TYR G 97 -2.94 -29.78 20.09
CA TYR G 97 -2.15 -30.71 19.29
C TYR G 97 -1.48 -31.79 20.13
N LYS G 98 -1.16 -31.50 21.40
CA LYS G 98 -0.49 -32.51 22.20
C LYS G 98 -1.42 -33.67 22.57
N ASN G 99 -2.71 -33.41 22.74
CA ASN G 99 -3.64 -34.48 23.10
C ASN G 99 -4.01 -35.39 21.93
N ASN G 100 -3.95 -34.89 20.69
CA ASN G 100 -4.47 -35.62 19.54
C ASN G 100 -3.36 -36.13 18.63
N THR G 101 -2.17 -36.38 19.15
CA THR G 101 -1.06 -36.87 18.37
C THR G 101 -0.42 -38.07 19.07
N HIS G 102 -0.08 -39.10 18.30
CA HIS G 102 0.50 -40.31 18.85
C HIS G 102 1.28 -41.03 17.74
N ASP G 103 1.85 -42.17 18.09
CA ASP G 103 2.56 -43.01 17.12
C ASP G 103 1.56 -43.86 16.35
N CYS G 104 1.86 -44.11 15.09
CA CYS G 104 0.84 -44.66 14.20
C CYS G 104 1.34 -45.92 13.51
N GLY G 112 5.74 -41.52 10.80
CA GLY G 112 5.14 -42.36 11.82
C GLY G 112 4.31 -41.60 12.81
N VAL G 113 4.00 -40.36 12.47
CA VAL G 113 3.20 -39.47 13.33
C VAL G 113 1.76 -39.55 12.88
N CYS G 114 0.85 -39.73 13.83
CA CYS G 114 -0.55 -40.01 13.54
C CYS G 114 -1.41 -38.92 14.19
N MET G 115 -2.33 -38.35 13.42
CA MET G 115 -3.15 -37.24 13.91
C MET G 115 -4.62 -37.56 13.75
N ALA G 116 -5.42 -37.10 14.72
CA ALA G 116 -6.86 -37.25 14.71
C ALA G 116 -7.48 -36.00 14.10
N GLY G 117 -7.97 -36.10 12.87
CA GLY G 117 -8.46 -34.93 12.17
C GLY G 117 -9.81 -34.45 12.67
N VAL G 118 -10.61 -35.35 13.25
CA VAL G 118 -11.92 -34.97 13.76
C VAL G 118 -11.78 -34.09 14.99
N ALA G 119 -10.85 -34.43 15.89
CA ALA G 119 -10.64 -33.63 17.09
C ALA G 119 -10.05 -32.26 16.76
N ILE G 120 -9.10 -32.21 15.82
CA ILE G 120 -8.50 -30.94 15.43
C ILE G 120 -9.52 -30.05 14.71
N GLY G 121 -10.24 -30.63 13.76
CA GLY G 121 -11.31 -29.91 13.09
C GLY G 121 -10.89 -29.05 11.93
N ILE G 122 -10.29 -27.89 12.21
CA ILE G 122 -9.91 -26.92 11.19
C ILE G 122 -8.44 -26.59 11.37
N ALA G 123 -7.66 -26.71 10.29
CA ALA G 123 -6.24 -26.42 10.34
C ALA G 123 -5.74 -26.15 8.92
N THR G 124 -4.59 -25.49 8.85
CA THR G 124 -3.85 -25.31 7.61
C THR G 124 -2.73 -26.34 7.52
N ALA G 125 -2.11 -26.40 6.35
CA ALA G 125 -1.00 -27.34 6.14
C ALA G 125 0.21 -26.98 7.01
N ALA G 126 0.49 -25.67 7.14
CA ALA G 126 1.61 -25.23 7.96
C ALA G 126 1.40 -25.60 9.42
N GLN G 127 0.17 -25.46 9.92
CA GLN G 127 -0.13 -25.83 11.30
C GLN G 127 0.06 -27.32 11.52
N ILE G 128 -0.33 -28.15 10.55
CA ILE G 128 -0.17 -29.59 10.69
C ILE G 128 1.30 -29.99 10.68
N THR G 129 2.09 -29.37 9.79
CA THR G 129 3.53 -29.63 9.78
C THR G 129 4.19 -29.20 11.09
N ALA G 130 3.79 -28.04 11.62
CA ALA G 130 4.32 -27.57 12.89
C ALA G 130 3.92 -28.49 14.04
N GLY G 131 2.71 -29.05 13.97
CA GLY G 131 2.30 -30.02 14.98
C GLY G 131 3.11 -31.30 14.93
N VAL G 132 3.46 -31.75 13.72
CA VAL G 132 4.36 -32.89 13.58
C VAL G 132 5.71 -32.60 14.21
N ALA G 133 6.26 -31.40 13.95
CA ALA G 133 7.52 -31.02 14.57
C ALA G 133 7.41 -30.94 16.09
N LEU G 134 6.29 -30.43 16.59
CA LEU G 134 6.05 -30.35 18.03
C LEU G 134 6.02 -31.73 18.66
N TYR G 135 5.39 -32.70 17.99
CA TYR G 135 5.41 -34.07 18.48
C TYR G 135 6.83 -34.63 18.46
N GLU G 136 7.62 -34.28 17.44
CA GLU G 136 8.98 -34.79 17.37
C GLU G 136 9.87 -34.24 18.48
N ALA G 137 9.60 -33.01 18.95
CA ALA G 137 10.42 -32.42 20.00
C ALA G 137 10.11 -32.92 21.41
N MET G 138 9.07 -33.75 21.57
CA MET G 138 8.57 -34.07 22.91
C MET G 138 9.53 -34.97 23.69
N LYS G 139 10.31 -35.81 23.01
CA LYS G 139 11.25 -36.68 23.73
C LYS G 139 12.33 -35.86 24.42
N ASN G 140 12.92 -34.91 23.69
CA ASN G 140 13.91 -34.03 24.30
C ASN G 140 13.28 -33.12 25.34
N ALA G 141 12.02 -32.69 25.13
CA ALA G 141 11.34 -31.91 26.16
C ALA G 141 11.18 -32.71 27.45
N ASP G 142 10.81 -33.98 27.34
CA ASP G 142 10.67 -34.85 28.51
C ASP G 142 12.01 -35.08 29.19
N ASN G 143 13.08 -35.23 28.40
CA ASN G 143 14.41 -35.37 29.00
C ASN G 143 14.82 -34.13 29.76
N ILE G 144 14.51 -32.94 29.22
CA ILE G 144 14.86 -31.70 29.89
C ILE G 144 14.03 -31.52 31.16
N ASN G 145 12.76 -31.91 31.13
CA ASN G 145 11.86 -31.64 32.24
C ASN G 145 12.22 -32.41 33.52
N LYS G 146 13.13 -33.39 33.43
CA LYS G 146 13.56 -34.10 34.63
C LYS G 146 14.49 -33.29 35.50
N LEU G 147 14.99 -32.14 35.03
CA LEU G 147 15.88 -31.27 35.79
C LEU G 147 15.14 -30.07 36.38
N LYS G 148 13.88 -30.26 36.77
CA LYS G 148 13.06 -29.14 37.22
C LYS G 148 13.60 -28.52 38.50
N SER G 149 14.06 -29.37 39.44
CA SER G 149 14.61 -28.87 40.70
C SER G 149 15.86 -28.04 40.47
N SER G 150 16.73 -28.48 39.55
CA SER G 150 17.93 -27.71 39.24
C SER G 150 17.58 -26.41 38.51
N ILE G 151 16.57 -26.45 37.63
CA ILE G 151 16.15 -25.24 36.93
C ILE G 151 15.61 -24.21 37.91
N GLU G 152 14.83 -24.65 38.89
CA GLU G 152 14.20 -23.72 39.83
C GLU G 152 15.21 -23.06 40.77
N SER G 153 16.42 -23.60 40.89
CA SER G 153 17.39 -23.11 41.87
C SER G 153 18.55 -22.32 41.25
N THR G 154 18.50 -22.04 39.95
CA THR G 154 19.56 -21.24 39.33
C THR G 154 19.49 -19.80 39.82
N ASN G 155 20.66 -19.18 40.00
CA ASN G 155 20.75 -17.80 40.48
C ASN G 155 21.76 -17.00 39.67
N GLU G 156 21.98 -17.38 38.41
CA GLU G 156 22.81 -16.61 37.49
C GLU G 156 22.04 -16.40 36.19
N ALA G 157 22.48 -15.40 35.41
CA ALA G 157 21.78 -15.06 34.19
C ALA G 157 21.90 -16.17 33.14
N VAL G 158 23.08 -16.77 33.02
CA VAL G 158 23.31 -17.88 32.09
C VAL G 158 23.90 -19.04 32.88
N VAL G 159 23.22 -20.19 32.85
CA VAL G 159 23.65 -21.37 33.59
C VAL G 159 23.66 -22.57 32.65
N LYS G 160 24.72 -23.36 32.72
CA LYS G 160 24.80 -24.60 31.95
C LYS G 160 24.47 -25.79 32.85
N LEU G 161 23.45 -26.55 32.49
CA LEU G 161 23.10 -27.79 33.17
C LEU G 161 23.71 -28.94 32.39
N GLN G 162 24.58 -29.69 33.06
CA GLN G 162 25.43 -30.71 32.45
C GLN G 162 25.41 -32.00 33.26
N GLU G 163 24.22 -32.45 33.66
CA GLU G 163 24.11 -33.69 34.44
C GLU G 163 24.52 -34.89 33.59
N THR G 164 23.95 -35.02 32.40
CA THR G 164 24.34 -36.03 31.44
C THR G 164 24.45 -35.39 30.07
N ALA G 165 25.22 -36.03 29.18
CA ALA G 165 25.37 -35.53 27.83
C ALA G 165 24.07 -35.53 27.04
N GLU G 166 23.09 -36.33 27.46
CA GLU G 166 21.81 -36.40 26.77
C GLU G 166 21.02 -35.11 26.93
N LYS G 167 21.16 -34.43 28.07
CA LYS G 167 20.36 -33.25 28.39
C LYS G 167 21.26 -32.10 28.85
N THR G 168 22.32 -31.84 28.09
CA THR G 168 23.16 -30.66 28.33
C THR G 168 22.43 -29.44 27.80
N VAL G 169 21.95 -28.58 28.71
CA VAL G 169 21.04 -27.51 28.33
C VAL G 169 21.54 -26.19 28.92
N TYR G 170 21.06 -25.08 28.36
CA TYR G 170 21.37 -23.75 28.86
C TYR G 170 20.11 -23.08 29.38
N VAL G 171 20.22 -22.43 30.54
CA VAL G 171 19.12 -21.75 31.19
C VAL G 171 19.44 -20.26 31.23
N PHE G 172 18.49 -19.44 30.77
CA PHE G 172 18.59 -18.00 30.75
C PHE G 172 17.49 -17.41 31.63
N THR G 173 17.86 -16.55 32.57
CA THR G 173 16.92 -15.93 33.49
C THR G 173 16.82 -14.43 33.21
N ALA G 174 15.58 -13.92 33.21
CA ALA G 174 15.28 -12.65 32.57
C ALA G 174 15.94 -11.47 33.28
N LEU G 175 15.78 -11.38 34.61
CA LEU G 175 16.23 -10.20 35.35
C LEU G 175 17.24 -10.53 36.43
N GLN G 176 17.97 -11.64 36.29
CA GLN G 176 18.88 -12.08 37.34
C GLN G 176 20.08 -11.15 37.48
N ASP G 177 20.60 -10.66 36.36
CA ASP G 177 21.79 -9.81 36.39
C ASP G 177 21.51 -8.49 37.12
N TYR G 178 20.37 -7.88 36.85
CA TYR G 178 20.02 -6.61 37.49
C TYR G 178 19.88 -6.78 38.99
N ILE G 179 19.24 -7.87 39.44
CA ILE G 179 19.08 -8.13 40.86
C ILE G 179 20.43 -8.41 41.51
N ASN G 180 21.29 -9.18 40.82
CA ASN G 180 22.56 -9.56 41.41
C ASN G 180 23.53 -8.38 41.51
N THR G 181 23.46 -7.44 40.55
CA THR G 181 24.46 -6.37 40.51
C THR G 181 23.95 -5.04 41.04
N ASN G 182 22.64 -4.85 41.19
CA ASN G 182 22.12 -3.56 41.66
C ASN G 182 21.43 -3.66 43.01
N LEU G 183 20.42 -4.52 43.15
CA LEU G 183 19.59 -4.52 44.35
C LEU G 183 20.30 -5.13 45.56
N VAL G 184 21.00 -6.25 45.35
CA VAL G 184 21.63 -6.95 46.49
C VAL G 184 22.73 -6.12 47.16
N PRO G 185 23.69 -5.52 46.44
CA PRO G 185 24.72 -4.74 47.16
C PRO G 185 24.20 -3.47 47.81
N THR G 186 23.01 -3.00 47.42
CA THR G 186 22.43 -1.75 47.91
C THR G 186 21.60 -1.97 49.17
N ILE G 187 21.37 -3.23 49.55
CA ILE G 187 20.38 -3.59 50.57
C ILE G 187 20.67 -2.89 51.90
N ASP G 188 21.93 -2.80 52.29
CA ASP G 188 22.29 -2.20 53.57
C ASP G 188 22.44 -0.69 53.51
N LYS G 189 22.23 -0.06 52.36
CA LYS G 189 22.48 1.37 52.21
C LYS G 189 21.21 2.21 52.22
N ILE G 190 20.18 1.80 51.48
CA ILE G 190 18.94 2.57 51.39
C ILE G 190 17.86 1.84 52.19
N PRO G 191 16.80 2.52 52.62
CA PRO G 191 15.63 1.81 53.15
C PRO G 191 15.06 0.90 52.07
N CYS G 192 14.72 -0.33 52.47
CA CYS G 192 14.43 -1.33 51.45
C CYS G 192 12.96 -1.34 51.05
N LYS G 193 12.15 -0.42 51.56
CA LYS G 193 10.91 -0.06 50.88
C LYS G 193 11.20 0.46 49.48
N GLN G 194 12.26 1.26 49.35
CA GLN G 194 12.70 1.69 48.03
C GLN G 194 13.20 0.52 47.21
N THR G 195 13.83 -0.47 47.84
CA THR G 195 14.25 -1.67 47.13
C THR G 195 13.06 -2.44 46.60
N GLU G 196 12.00 -2.56 47.41
CA GLU G 196 10.78 -3.24 46.97
C GLU G 196 10.14 -2.49 45.81
N LEU G 197 10.08 -1.16 45.89
CA LEU G 197 9.51 -0.38 44.81
C LEU G 197 10.33 -0.51 43.54
N SER G 198 11.67 -0.54 43.66
CA SER G 198 12.54 -0.71 42.50
C SER G 198 12.32 -2.07 41.84
N LEU G 199 12.21 -3.13 42.65
CA LEU G 199 11.94 -4.45 42.10
C LEU G 199 10.59 -4.50 41.39
N ASP G 200 9.58 -3.87 41.99
CA ASP G 200 8.26 -3.82 41.36
C ASP G 200 8.30 -3.09 40.02
N LEU G 201 9.02 -1.95 39.97
CA LEU G 201 9.15 -1.20 38.74
C LEU G 201 9.88 -1.99 37.66
N ALA G 202 10.95 -2.70 38.04
CA ALA G 202 11.69 -3.50 37.07
C ALA G 202 10.82 -4.62 36.50
N LEU G 203 10.06 -5.30 37.37
CA LEU G 203 9.17 -6.36 36.90
C LEU G 203 8.09 -5.81 35.97
N SER G 204 7.52 -4.65 36.31
CA SER G 204 6.49 -4.05 35.47
C SER G 204 7.04 -3.62 34.11
N LYS G 205 8.26 -3.06 34.09
CA LYS G 205 8.89 -2.71 32.82
C LYS G 205 9.14 -3.95 31.96
N TYR G 206 9.59 -5.03 32.58
CA TYR G 206 9.79 -6.29 31.85
C TYR G 206 8.48 -6.79 31.26
N LEU G 207 7.38 -6.74 32.03
CA LEU G 207 6.09 -7.17 31.51
C LEU G 207 5.62 -6.26 30.38
N SER G 208 5.84 -4.95 30.49
CA SER G 208 5.46 -4.03 29.43
C SER G 208 6.19 -4.34 28.14
N ASP G 209 7.49 -4.68 28.23
CA ASP G 209 8.22 -5.10 27.04
C ASP G 209 7.71 -6.44 26.51
N LEU G 210 7.36 -7.37 27.40
CA LEU G 210 6.98 -8.72 26.98
C LEU G 210 5.63 -8.76 26.27
N LEU G 211 4.70 -7.89 26.67
CA LEU G 211 3.32 -8.00 26.19
C LEU G 211 3.17 -7.78 24.69
N PHE G 212 4.11 -7.09 24.05
CA PHE G 212 4.02 -6.89 22.61
C PHE G 212 4.15 -8.21 21.85
N VAL G 213 5.01 -9.10 22.30
CA VAL G 213 5.26 -10.35 21.60
C VAL G 213 4.41 -11.49 22.16
N PHE G 214 4.33 -11.63 23.48
CA PHE G 214 3.71 -12.81 24.07
C PHE G 214 2.28 -12.56 24.56
N GLY G 215 1.65 -11.47 24.15
CA GLY G 215 0.30 -11.18 24.55
C GLY G 215 -0.72 -11.83 23.65
N PRO G 216 -1.92 -11.25 23.58
CA PRO G 216 -2.98 -11.81 22.72
C PRO G 216 -2.69 -11.74 21.24
N ASN G 217 -1.63 -11.04 20.81
CA ASN G 217 -1.20 -11.10 19.41
C ASN G 217 -0.77 -12.50 19.03
N LEU G 218 -0.18 -13.26 19.96
CA LEU G 218 0.23 -14.63 19.72
C LEU G 218 -1.00 -15.51 19.71
N GLN G 219 -1.59 -15.66 18.52
CA GLN G 219 -2.78 -16.48 18.35
C GLN G 219 -2.46 -17.92 17.98
N ASP G 220 -1.35 -18.15 17.27
CA ASP G 220 -0.98 -19.47 16.79
C ASP G 220 0.46 -19.79 17.20
N PRO G 221 0.67 -20.24 18.44
CA PRO G 221 2.03 -20.59 18.87
C PRO G 221 2.54 -21.91 18.32
N VAL G 222 1.70 -22.69 17.62
CA VAL G 222 2.13 -23.99 17.13
C VAL G 222 3.18 -23.83 16.03
N SER G 223 3.03 -22.80 15.19
CA SER G 223 3.92 -22.60 14.05
C SER G 223 5.36 -22.36 14.49
N ASN G 224 6.26 -22.39 13.52
CA ASN G 224 7.69 -22.19 13.76
C ASN G 224 8.25 -21.04 12.93
N SER G 225 7.42 -20.06 12.60
CA SER G 225 7.83 -18.92 11.78
C SER G 225 8.25 -17.71 12.60
N MET G 226 8.28 -17.80 13.93
CA MET G 226 8.65 -16.66 14.76
C MET G 226 10.17 -16.59 14.90
N THR G 227 10.73 -15.40 14.70
CA THR G 227 12.18 -15.22 14.67
C THR G 227 12.78 -15.24 16.07
N ILE G 228 14.09 -15.46 16.12
CA ILE G 228 14.80 -15.48 17.39
C ILE G 228 14.84 -14.09 18.02
N GLN G 229 14.79 -13.03 17.21
CA GLN G 229 14.75 -11.68 17.75
C GLN G 229 13.47 -11.43 18.56
N ALA G 230 12.33 -11.92 18.05
CA ALA G 230 11.09 -11.78 18.79
C ALA G 230 11.07 -12.64 20.05
N ILE G 231 11.65 -13.85 19.97
CA ILE G 231 11.73 -14.73 21.13
C ILE G 231 12.60 -14.13 22.23
N SER G 232 13.66 -13.40 21.84
CA SER G 232 14.59 -12.84 22.81
C SER G 232 13.98 -11.76 23.69
N GLN G 233 12.76 -11.29 23.38
CA GLN G 233 12.10 -10.33 24.25
C GLN G 233 11.82 -10.91 25.64
N ALA G 234 11.71 -12.24 25.74
CA ALA G 234 11.63 -12.89 27.05
C ALA G 234 12.94 -12.87 27.80
N PHE G 235 14.03 -12.48 27.16
CA PHE G 235 15.34 -12.33 27.79
C PHE G 235 15.85 -10.90 27.67
N GLY G 236 14.92 -9.94 27.54
CA GLY G 236 15.30 -8.55 27.45
C GLY G 236 15.79 -8.08 26.09
N GLY G 237 15.52 -8.85 25.03
CA GLY G 237 15.97 -8.49 23.70
C GLY G 237 17.42 -8.78 23.40
N ASN G 238 18.07 -9.61 24.21
CA ASN G 238 19.49 -9.92 24.02
C ASN G 238 19.64 -11.27 23.31
N TYR G 239 19.41 -11.25 22.00
CA TYR G 239 19.56 -12.46 21.20
C TYR G 239 21.03 -12.78 20.90
N GLU G 240 21.90 -11.78 21.01
CA GLU G 240 23.33 -12.02 20.81
C GLU G 240 23.89 -12.99 21.85
N THR G 241 23.46 -12.85 23.11
CA THR G 241 23.92 -13.77 24.14
C THR G 241 23.47 -15.20 23.86
N LEU G 242 22.21 -15.37 23.46
CA LEU G 242 21.70 -16.70 23.14
C LEU G 242 22.48 -17.33 21.98
N LEU G 243 22.66 -16.56 20.90
CA LEU G 243 23.34 -17.12 19.73
C LEU G 243 24.81 -17.39 20.00
N ARG G 244 25.47 -16.54 20.79
CA ARG G 244 26.87 -16.76 21.11
C ARG G 244 27.05 -17.96 22.04
N THR G 245 26.12 -18.14 22.99
CA THR G 245 26.19 -19.30 23.87
C THR G 245 25.90 -20.59 23.13
N LEU G 246 25.04 -20.54 22.10
CA LEU G 246 24.67 -21.76 21.39
C LEU G 246 25.73 -22.17 20.36
N GLY G 247 25.97 -21.33 19.36
CA GLY G 247 26.79 -21.72 18.24
C GLY G 247 27.92 -20.79 17.88
N TYR G 248 28.01 -20.41 16.60
CA TYR G 248 29.11 -19.62 16.08
C TYR G 248 28.57 -18.45 15.27
N ALA G 249 29.50 -17.59 14.83
CA ALA G 249 29.16 -16.39 14.07
C ALA G 249 30.10 -16.26 12.87
N THR G 250 29.52 -15.98 11.70
CA THR G 250 30.26 -15.73 10.47
C THR G 250 29.55 -14.61 9.71
N GLU G 251 29.96 -14.41 8.45
CA GLU G 251 29.24 -13.48 7.59
C GLU G 251 27.91 -14.07 7.13
N ASP G 252 27.91 -15.37 6.79
CA ASP G 252 26.66 -16.04 6.46
C ASP G 252 25.74 -16.11 7.66
N PHE G 253 26.30 -16.18 8.87
CA PHE G 253 25.46 -16.13 10.06
C PHE G 253 24.75 -14.79 10.18
N ASP G 254 25.45 -13.69 9.90
CA ASP G 254 24.81 -12.37 9.93
C ASP G 254 23.78 -12.23 8.82
N ASP G 255 24.07 -12.79 7.65
CA ASP G 255 23.10 -12.76 6.55
C ASP G 255 21.84 -13.56 6.90
N LEU G 256 22.01 -14.71 7.55
CA LEU G 256 20.87 -15.50 7.99
C LEU G 256 20.07 -14.76 9.07
N LEU G 257 20.77 -14.10 9.99
CA LEU G 257 20.11 -13.36 11.05
C LEU G 257 19.31 -12.19 10.50
N GLU G 258 19.85 -11.47 9.53
CA GLU G 258 19.18 -10.28 9.02
C GLU G 258 18.11 -10.59 7.99
N SER G 259 18.06 -11.81 7.46
CA SER G 259 17.01 -12.21 6.53
C SER G 259 15.84 -12.90 7.21
N ASP G 260 15.84 -12.94 8.55
CA ASP G 260 14.79 -13.60 9.35
C ASP G 260 14.67 -15.08 9.00
N SER G 261 15.82 -15.76 8.92
CA SER G 261 15.84 -17.19 8.66
C SER G 261 16.05 -18.03 9.92
N ILE G 262 16.54 -17.44 11.00
CA ILE G 262 16.75 -18.15 12.26
C ILE G 262 15.47 -18.00 13.08
N THR G 263 14.75 -19.11 13.27
CA THR G 263 13.45 -19.09 13.91
C THR G 263 13.45 -20.01 15.13
N GLY G 264 12.33 -20.00 15.85
CA GLY G 264 12.18 -20.84 17.02
C GLY G 264 10.73 -21.19 17.26
N GLN G 265 10.54 -22.26 18.04
CA GLN G 265 9.21 -22.77 18.33
C GLN G 265 9.11 -23.13 19.81
N ILE G 266 8.00 -22.74 20.44
CA ILE G 266 7.75 -23.08 21.83
C ILE G 266 7.19 -24.49 21.89
N ILE G 267 7.80 -25.35 22.70
CA ILE G 267 7.39 -26.74 22.81
C ILE G 267 6.91 -27.14 24.20
N TYR G 268 7.20 -26.35 25.24
CA TYR G 268 6.72 -26.69 26.57
C TYR G 268 6.63 -25.42 27.42
N VAL G 269 5.55 -25.32 28.18
CA VAL G 269 5.28 -24.21 29.09
C VAL G 269 5.05 -24.79 30.48
N ASP G 270 5.70 -24.23 31.50
CA ASP G 270 5.50 -24.63 32.88
C ASP G 270 4.79 -23.52 33.62
N LEU G 271 3.65 -23.83 34.24
CA LEU G 271 2.85 -22.86 34.96
C LEU G 271 3.13 -22.84 36.46
N SER G 272 4.02 -23.68 36.95
CA SER G 272 4.40 -23.72 38.36
C SER G 272 5.77 -23.12 38.63
N SER G 273 6.75 -23.40 37.77
CA SER G 273 8.07 -22.79 37.88
C SER G 273 8.26 -21.64 36.91
N TYR G 274 7.32 -21.42 35.99
CA TYR G 274 7.31 -20.28 35.07
C TYR G 274 8.55 -20.26 34.17
N TYR G 275 8.66 -21.29 33.34
CA TYR G 275 9.69 -21.32 32.31
C TYR G 275 9.11 -21.92 31.03
N ILE G 276 9.84 -21.72 29.94
CA ILE G 276 9.47 -22.26 28.64
C ILE G 276 10.68 -22.97 28.03
N ILE G 277 10.38 -23.92 27.15
CA ILE G 277 11.39 -24.64 26.38
C ILE G 277 11.23 -24.25 24.92
N VAL G 278 12.32 -23.82 24.29
CA VAL G 278 12.30 -23.31 22.92
C VAL G 278 13.27 -24.12 22.08
N ARG G 279 12.81 -24.55 20.90
CA ARG G 279 13.66 -25.20 19.92
C ARG G 279 14.05 -24.19 18.84
N VAL G 280 15.34 -24.02 18.65
CA VAL G 280 15.91 -23.04 17.72
C VAL G 280 16.42 -23.77 16.48
N TYR G 281 16.07 -23.24 15.31
CA TYR G 281 16.43 -23.81 14.02
C TYR G 281 17.50 -22.97 13.35
N PHE G 282 18.58 -23.62 12.92
CA PHE G 282 19.67 -22.97 12.19
C PHE G 282 19.75 -23.56 10.79
N PRO G 283 19.29 -22.85 9.78
CA PRO G 283 19.35 -23.36 8.41
C PRO G 283 20.67 -22.98 7.74
N ILE G 284 20.79 -23.39 6.47
CA ILE G 284 21.90 -23.01 5.62
C ILE G 284 21.33 -22.39 4.34
N LEU G 285 22.13 -21.55 3.70
CA LEU G 285 21.72 -20.88 2.49
C LEU G 285 22.17 -21.69 1.28
N THR G 286 21.22 -22.04 0.42
CA THR G 286 21.50 -22.77 -0.80
C THR G 286 21.23 -21.88 -2.01
N GLU G 287 22.10 -21.98 -3.01
CA GLU G 287 22.05 -21.14 -4.20
C GLU G 287 21.27 -21.85 -5.29
N ILE G 288 20.33 -21.14 -5.89
CA ILE G 288 19.50 -21.71 -6.95
C ILE G 288 20.22 -21.55 -8.28
N GLN G 289 20.38 -22.66 -9.00
CA GLN G 289 21.17 -22.67 -10.21
C GLN G 289 20.39 -22.08 -11.39
N GLN G 290 21.13 -21.44 -12.30
CA GLN G 290 20.57 -20.81 -13.51
C GLN G 290 19.52 -19.76 -13.17
N ALA G 291 19.77 -18.99 -12.10
CA ALA G 291 18.87 -17.93 -11.69
C ALA G 291 19.68 -16.71 -11.28
N TYR G 292 19.14 -15.53 -11.61
CA TYR G 292 19.78 -14.29 -11.20
C TYR G 292 18.74 -13.18 -11.11
N ILE G 293 19.14 -12.09 -10.45
CA ILE G 293 18.29 -10.92 -10.27
C ILE G 293 19.01 -9.72 -10.87
N GLN G 294 18.32 -9.00 -11.75
CA GLN G 294 18.87 -7.85 -12.45
C GLN G 294 18.21 -6.58 -11.96
N GLU G 295 19.03 -5.56 -11.71
CA GLU G 295 18.57 -4.25 -11.23
C GLU G 295 18.66 -3.23 -12.36
N LEU G 296 17.67 -2.34 -12.42
CA LEU G 296 17.63 -1.25 -13.37
C LEU G 296 17.58 0.07 -12.63
N LEU G 297 18.44 1.01 -13.04
CA LEU G 297 18.49 2.35 -12.48
C LEU G 297 17.67 3.28 -13.37
N PRO G 298 16.67 3.97 -12.84
CA PRO G 298 15.86 4.87 -13.67
C PRO G 298 16.49 6.24 -13.83
N VAL G 299 16.46 6.74 -15.07
CA VAL G 299 16.96 8.06 -15.41
C VAL G 299 15.86 8.81 -16.17
N SER G 300 15.65 10.07 -15.83
CA SER G 300 14.67 10.89 -16.54
C SER G 300 15.15 11.19 -17.95
N PHE G 301 14.19 11.28 -18.88
CA PHE G 301 14.49 11.56 -20.28
C PHE G 301 13.57 12.65 -20.80
N ASN G 302 13.97 13.23 -21.93
CA ASN G 302 13.31 14.39 -22.51
C ASN G 302 12.36 13.97 -23.62
N ASN G 303 11.18 14.59 -23.66
CA ASN G 303 10.23 14.42 -24.75
C ASN G 303 9.24 15.58 -24.73
N ASP G 304 9.23 16.37 -25.81
CA ASP G 304 8.25 17.44 -26.01
C ASP G 304 8.27 18.47 -24.89
N ASN G 305 9.47 19.00 -24.60
CA ASN G 305 9.69 20.00 -23.55
C ASN G 305 9.22 19.51 -22.19
N SER G 306 9.37 18.22 -21.91
CA SER G 306 8.92 17.64 -20.66
C SER G 306 9.91 16.58 -20.19
N GLU G 307 9.78 16.22 -18.91
CA GLU G 307 10.64 15.24 -18.27
C GLU G 307 9.81 14.03 -17.88
N TRP G 308 10.32 12.83 -18.15
CA TRP G 308 9.54 11.60 -18.01
C TRP G 308 10.36 10.52 -17.32
N ILE G 309 9.66 9.61 -16.65
CA ILE G 309 10.27 8.47 -15.97
C ILE G 309 9.49 7.21 -16.33
N SER G 310 10.19 6.16 -16.75
CA SER G 310 9.53 4.92 -17.14
C SER G 310 9.00 4.17 -15.93
N ILE G 311 7.78 3.65 -16.06
CA ILE G 311 7.13 2.88 -14.99
C ILE G 311 7.39 1.40 -15.29
N VAL G 312 8.52 0.90 -14.81
CA VAL G 312 8.98 -0.47 -15.05
C VAL G 312 9.56 -1.01 -13.75
N PRO G 313 9.33 -2.29 -13.45
CA PRO G 313 9.92 -2.88 -12.25
C PRO G 313 11.43 -2.76 -12.23
N ASN G 314 11.97 -2.43 -11.07
CA ASN G 314 13.40 -2.18 -10.91
C ASN G 314 14.20 -3.44 -10.62
N PHE G 315 13.56 -4.53 -10.25
CA PHE G 315 14.23 -5.81 -10.01
C PHE G 315 13.52 -6.89 -10.79
N ILE G 316 14.28 -7.64 -11.60
CA ILE G 316 13.73 -8.67 -12.47
C ILE G 316 14.39 -10.00 -12.11
N LEU G 317 13.59 -11.05 -11.96
CA LEU G 317 14.12 -12.38 -11.67
C LEU G 317 14.12 -13.21 -12.94
N VAL G 318 15.26 -13.81 -13.26
CA VAL G 318 15.41 -14.68 -14.41
C VAL G 318 15.80 -16.07 -13.93
N ARG G 319 14.97 -17.06 -14.26
CA ARG G 319 15.22 -18.46 -13.91
C ARG G 319 14.99 -19.32 -15.15
N ASN G 320 16.06 -19.93 -15.65
CA ASN G 320 16.01 -20.83 -16.81
C ASN G 320 15.36 -20.14 -18.01
N THR G 321 15.81 -18.92 -18.30
CA THR G 321 15.30 -18.04 -19.35
C THR G 321 13.83 -17.68 -19.16
N LEU G 322 13.32 -17.76 -17.93
CA LEU G 322 11.96 -17.33 -17.61
C LEU G 322 12.04 -16.04 -16.80
N ILE G 323 11.28 -15.03 -17.22
CA ILE G 323 11.32 -13.69 -16.65
C ILE G 323 10.11 -13.52 -15.75
N SER G 324 10.34 -13.04 -14.53
CA SER G 324 9.24 -12.82 -13.59
C SER G 324 9.57 -11.70 -12.62
N ASN G 325 8.55 -11.31 -11.86
CA ASN G 325 8.67 -10.34 -10.78
C ASN G 325 9.16 -11.03 -9.50
N ILE G 326 9.46 -10.21 -8.51
CA ILE G 326 9.88 -10.71 -7.20
C ILE G 326 9.51 -9.66 -6.15
N GLU G 327 8.94 -10.12 -5.04
CA GLU G 327 8.60 -9.25 -3.91
C GLU G 327 9.86 -9.06 -3.08
N ILE G 328 10.71 -8.12 -3.52
CA ILE G 328 12.02 -7.96 -2.89
C ILE G 328 11.97 -7.21 -1.57
N GLY G 329 10.80 -6.65 -1.21
CA GLY G 329 10.69 -5.99 0.08
C GLY G 329 10.78 -6.94 1.25
N PHE G 330 10.48 -8.22 1.04
CA PHE G 330 10.59 -9.24 2.07
C PHE G 330 11.97 -9.87 2.14
N CYS G 331 12.88 -9.52 1.24
CA CYS G 331 14.19 -10.14 1.16
C CYS G 331 15.28 -9.17 1.63
N LEU G 332 16.49 -9.70 1.78
CA LEU G 332 17.66 -8.93 2.15
C LEU G 332 18.54 -8.75 0.92
N ILE G 333 18.91 -7.51 0.62
CA ILE G 333 19.71 -7.18 -0.55
C ILE G 333 21.13 -6.86 -0.09
N THR G 334 22.08 -7.69 -0.50
CA THR G 334 23.50 -7.43 -0.29
C THR G 334 24.13 -6.99 -1.61
N LYS G 335 25.44 -6.77 -1.58
CA LYS G 335 26.14 -6.30 -2.76
C LYS G 335 26.21 -7.36 -3.85
N ARG G 336 26.24 -8.64 -3.47
CA ARG G 336 26.46 -9.71 -4.43
C ARG G 336 25.32 -10.71 -4.54
N SER G 337 24.33 -10.68 -3.65
CA SER G 337 23.26 -11.66 -3.71
C SER G 337 22.02 -11.12 -3.03
N VAL G 338 20.88 -11.75 -3.35
CA VAL G 338 19.61 -11.48 -2.70
C VAL G 338 19.24 -12.72 -1.88
N ILE G 339 18.95 -12.51 -0.60
CA ILE G 339 18.77 -13.61 0.35
C ILE G 339 17.36 -13.54 0.91
N CYS G 340 16.63 -14.65 0.79
CA CYS G 340 15.25 -14.74 1.25
C CYS G 340 15.05 -16.04 2.03
N ASN G 341 14.07 -16.03 2.93
CA ASN G 341 13.69 -17.22 3.66
C ASN G 341 12.62 -18.04 2.95
N GLN G 342 12.17 -17.59 1.79
CA GLN G 342 11.10 -18.24 1.04
C GLN G 342 11.16 -17.73 -0.40
N ASP G 343 10.75 -18.58 -1.34
CA ASP G 343 10.66 -18.18 -2.74
C ASP G 343 9.55 -17.13 -2.90
N TYR G 344 9.90 -15.97 -3.47
CA TYR G 344 8.98 -14.85 -3.59
C TYR G 344 8.73 -14.46 -5.05
N ALA G 345 8.78 -15.42 -5.96
CA ALA G 345 8.49 -15.13 -7.37
C ALA G 345 7.02 -14.83 -7.58
N THR G 346 6.74 -13.86 -8.43
CA THR G 346 5.37 -13.44 -8.76
C THR G 346 5.23 -13.31 -10.27
N PRO G 347 4.02 -13.48 -10.80
CA PRO G 347 3.84 -13.45 -12.25
C PRO G 347 3.93 -12.04 -12.83
N MET G 348 4.08 -12.00 -14.15
CA MET G 348 4.21 -10.74 -14.89
C MET G 348 3.31 -10.82 -16.12
N THR G 349 2.74 -9.68 -16.49
CA THR G 349 1.87 -9.61 -17.66
C THR G 349 2.68 -9.78 -18.94
N ASN G 350 1.96 -10.10 -20.02
CA ASN G 350 2.61 -10.32 -21.30
C ASN G 350 3.12 -9.00 -21.90
N ASN G 351 2.39 -7.91 -21.69
CA ASN G 351 2.80 -6.62 -22.23
C ASN G 351 4.10 -6.13 -21.59
N MET G 352 4.23 -6.30 -20.27
CA MET G 352 5.47 -5.92 -19.59
C MET G 352 6.63 -6.78 -20.04
N ARG G 353 6.39 -8.09 -20.24
CA ARG G 353 7.44 -8.97 -20.73
C ARG G 353 7.88 -8.58 -22.14
N GLU G 354 6.93 -8.19 -22.99
CA GLU G 354 7.28 -7.74 -24.33
C GLU G 354 8.03 -6.41 -24.29
N CYS G 355 7.65 -5.52 -23.37
CA CYS G 355 8.36 -4.26 -23.22
C CYS G 355 9.79 -4.48 -22.77
N LEU G 356 10.01 -5.46 -21.88
CA LEU G 356 11.37 -5.73 -21.40
C LEU G 356 12.24 -6.39 -22.46
N THR G 357 11.65 -6.98 -23.50
CA THR G 357 12.42 -7.65 -24.54
C THR G 357 12.60 -6.83 -25.80
N GLY G 358 12.14 -5.58 -25.83
CA GLY G 358 12.41 -4.73 -26.96
C GLY G 358 11.29 -3.82 -27.42
N SER G 359 10.05 -4.13 -27.06
CA SER G 359 8.89 -3.34 -27.50
C SER G 359 8.73 -2.12 -26.58
N THR G 360 9.50 -1.07 -26.90
CA THR G 360 9.50 0.12 -26.07
C THR G 360 8.19 0.90 -26.14
N GLU G 361 7.38 0.68 -27.18
CA GLU G 361 6.10 1.37 -27.29
C GLU G 361 5.06 0.84 -26.30
N LYS G 362 5.33 -0.26 -25.61
CA LYS G 362 4.44 -0.81 -24.60
C LYS G 362 4.88 -0.47 -23.18
N CYS G 363 5.93 0.32 -23.01
CA CYS G 363 6.42 0.66 -21.68
C CYS G 363 5.79 1.97 -21.19
N PRO G 364 5.06 1.97 -20.09
CA PRO G 364 4.43 3.21 -19.61
C PRO G 364 5.45 4.19 -19.05
N ARG G 365 5.05 5.47 -19.05
CA ARG G 365 5.88 6.56 -18.56
C ARG G 365 5.02 7.54 -17.76
N GLU G 366 5.68 8.26 -16.86
CA GLU G 366 5.01 9.23 -16.00
C GLU G 366 5.73 10.57 -16.06
N LEU G 367 4.95 11.65 -16.04
CA LEU G 367 5.48 13.01 -16.08
C LEU G 367 6.19 13.35 -14.78
N VAL G 368 7.22 14.18 -14.88
CA VAL G 368 7.98 14.65 -13.73
C VAL G 368 7.61 16.11 -13.48
N VAL G 369 7.09 16.40 -12.29
CA VAL G 369 6.75 17.76 -11.90
C VAL G 369 7.61 18.27 -10.75
N SER G 370 8.47 17.44 -10.18
CA SER G 370 9.37 17.82 -9.11
C SER G 370 10.74 18.18 -9.68
N SER G 371 11.52 18.91 -8.88
CA SER G 371 12.86 19.30 -9.26
C SER G 371 13.94 18.36 -8.72
N HIS G 372 13.56 17.28 -8.05
CA HIS G 372 14.50 16.33 -7.46
C HIS G 372 14.31 14.97 -8.13
N VAL G 373 14.99 14.77 -9.25
CA VAL G 373 15.02 13.47 -9.93
C VAL G 373 16.43 13.18 -10.39
N PRO G 374 16.81 11.90 -10.42
CA PRO G 374 18.10 11.54 -11.01
C PRO G 374 18.12 11.80 -12.50
N ARG G 375 19.23 12.36 -12.98
CA ARG G 375 19.31 12.80 -14.37
C ARG G 375 20.48 12.21 -15.13
N PHE G 376 21.34 11.40 -14.49
CA PHE G 376 22.37 10.69 -15.21
C PHE G 376 22.79 9.47 -14.39
N ALA G 377 23.44 8.53 -15.07
CA ALA G 377 23.90 7.30 -14.43
C ALA G 377 25.16 6.80 -15.14
N LEU G 378 25.90 5.96 -14.44
CA LEU G 378 27.13 5.36 -14.94
C LEU G 378 26.98 3.85 -15.01
N SER G 379 27.32 3.27 -16.15
CA SER G 379 27.23 1.82 -16.34
C SER G 379 28.42 1.37 -17.19
N ASN G 380 29.23 0.48 -16.62
CA ASN G 380 30.42 -0.07 -17.29
C ASN G 380 31.36 1.03 -17.77
N GLY G 381 31.48 2.09 -16.98
CA GLY G 381 32.31 3.22 -17.35
C GLY G 381 31.76 4.11 -18.43
N VAL G 382 30.47 4.01 -18.73
CA VAL G 382 29.83 4.81 -19.78
C VAL G 382 28.70 5.60 -19.15
N LEU G 383 28.57 6.87 -19.53
CA LEU G 383 27.60 7.76 -18.92
C LEU G 383 26.34 7.86 -19.77
N PHE G 384 25.19 7.80 -19.11
CA PHE G 384 23.90 8.05 -19.76
C PHE G 384 23.27 9.25 -19.08
N ALA G 385 23.08 10.33 -19.84
CA ALA G 385 22.70 11.61 -19.24
C ALA G 385 21.62 12.31 -20.07
N ASN G 386 20.74 13.01 -19.36
CA ASN G 386 19.76 13.91 -19.96
C ASN G 386 20.38 15.30 -19.99
N CYS G 387 21.09 15.60 -21.08
CA CYS G 387 21.83 16.84 -21.18
C CYS G 387 20.96 18.04 -21.57
N ILE G 388 19.67 17.81 -21.84
CA ILE G 388 18.75 18.94 -21.97
C ILE G 388 18.54 19.61 -20.62
N SER G 389 18.35 18.82 -19.57
CA SER G 389 18.03 19.35 -18.25
C SER G 389 19.25 19.54 -17.36
N VAL G 390 20.39 18.92 -17.69
CA VAL G 390 21.61 19.09 -16.93
C VAL G 390 22.70 19.59 -17.87
N THR G 391 23.68 20.30 -17.31
CA THR G 391 24.73 20.93 -18.10
C THR G 391 25.90 19.96 -18.28
N CYS G 392 26.16 19.57 -19.52
CA CYS G 392 27.22 18.64 -19.86
C CYS G 392 28.25 19.36 -20.72
N GLN G 393 29.53 19.17 -20.39
CA GLN G 393 30.61 19.72 -21.20
C GLN G 393 31.82 18.81 -21.11
N CYS G 394 32.68 18.90 -22.12
CA CYS G 394 33.85 18.04 -22.23
C CYS G 394 35.10 18.83 -21.83
N GLN G 395 35.85 18.27 -20.88
CA GLN G 395 37.05 18.95 -20.39
C GLN G 395 38.21 18.85 -21.38
N THR G 396 38.22 17.80 -22.21
CA THR G 396 39.33 17.61 -23.14
C THR G 396 39.38 18.73 -24.19
N THR G 397 38.22 19.12 -24.72
CA THR G 397 38.16 20.17 -25.74
C THR G 397 37.64 21.50 -25.21
N GLY G 398 37.06 21.52 -24.01
CA GLY G 398 36.53 22.75 -23.46
C GLY G 398 35.18 23.15 -24.00
N ARG G 399 34.55 22.33 -24.82
CA ARG G 399 33.28 22.65 -25.45
C ARG G 399 32.13 21.98 -24.73
N ALA G 400 30.94 22.54 -24.90
CA ALA G 400 29.74 21.95 -24.31
C ALA G 400 29.26 20.76 -25.12
N ILE G 401 28.59 19.84 -24.45
CA ILE G 401 27.95 18.69 -25.09
C ILE G 401 26.48 19.00 -25.25
N SER G 402 26.02 19.02 -26.50
CA SER G 402 24.67 19.49 -26.84
C SER G 402 23.79 18.31 -27.23
N GLN G 403 22.57 18.31 -26.72
CA GLN G 403 21.56 17.30 -27.04
C GLN G 403 20.46 17.95 -27.87
N SER G 404 20.06 17.28 -28.94
CA SER G 404 18.95 17.75 -29.75
C SER G 404 17.63 17.60 -28.99
N GLY G 405 16.66 18.46 -29.35
CA GLY G 405 15.36 18.37 -28.75
C GLY G 405 14.56 17.15 -29.15
N GLU G 406 15.02 16.44 -30.18
CA GLU G 406 14.37 15.22 -30.64
C GLU G 406 14.88 13.97 -29.94
N GLN G 407 15.93 14.06 -29.15
CA GLN G 407 16.54 12.91 -28.50
C GLN G 407 16.07 12.77 -27.06
N THR G 408 16.05 11.53 -26.58
CA THR G 408 15.69 11.24 -25.20
C THR G 408 16.87 11.38 -24.25
N LEU G 409 17.97 10.66 -24.52
CA LEU G 409 19.16 10.69 -23.69
C LEU G 409 20.38 10.84 -24.58
N LEU G 410 21.52 11.05 -23.95
CA LEU G 410 22.83 10.96 -24.60
C LEU G 410 23.67 9.91 -23.91
N MET G 411 24.31 9.06 -24.71
CA MET G 411 25.35 8.14 -24.26
C MET G 411 26.69 8.80 -24.51
N ILE G 412 27.51 8.89 -23.46
CA ILE G 412 28.81 9.54 -23.52
C ILE G 412 29.87 8.53 -23.11
N ASP G 413 30.85 8.32 -23.98
CA ASP G 413 32.00 7.47 -23.75
C ASP G 413 33.23 8.16 -24.33
N ASN G 414 34.39 7.49 -24.26
CA ASN G 414 35.63 8.19 -24.54
C ASN G 414 35.97 8.28 -26.02
N THR G 415 35.14 7.71 -26.91
CA THR G 415 35.33 7.95 -28.34
C THR G 415 35.03 9.40 -28.70
N THR G 416 34.07 10.00 -28.02
CA THR G 416 33.71 11.40 -28.24
C THR G 416 34.25 12.32 -27.15
N CYS G 417 34.18 11.92 -25.88
CA CYS G 417 34.61 12.76 -24.77
C CYS G 417 35.37 11.90 -23.78
N PRO G 418 36.71 11.96 -23.78
CA PRO G 418 37.49 11.14 -22.82
C PRO G 418 37.23 11.49 -21.37
N THR G 419 36.94 12.75 -21.06
CA THR G 419 36.75 13.17 -19.67
C THR G 419 35.63 14.21 -19.64
N ALA G 420 34.58 13.93 -18.87
CA ALA G 420 33.39 14.78 -18.82
C ALA G 420 33.25 15.40 -17.44
N VAL G 421 32.79 16.66 -17.42
CA VAL G 421 32.58 17.40 -16.19
C VAL G 421 31.10 17.72 -16.08
N LEU G 422 30.49 17.37 -14.94
CA LEU G 422 29.06 17.58 -14.69
C LEU G 422 28.92 18.27 -13.34
N GLY G 423 28.99 19.60 -13.33
CA GLY G 423 28.95 20.34 -12.10
C GLY G 423 30.27 20.30 -11.35
N ASN G 424 30.28 19.68 -10.18
CA ASN G 424 31.49 19.60 -9.36
C ASN G 424 32.27 18.31 -9.55
N VAL G 425 31.83 17.41 -10.41
CA VAL G 425 32.49 16.13 -10.63
C VAL G 425 33.12 16.10 -12.01
N ILE G 426 34.36 15.63 -12.08
CA ILE G 426 35.08 15.41 -13.32
C ILE G 426 35.42 13.93 -13.38
N ILE G 427 34.95 13.24 -14.42
CA ILE G 427 35.03 11.78 -14.49
C ILE G 427 35.56 11.36 -15.85
N SER G 428 36.54 10.46 -15.85
CA SER G 428 37.06 9.86 -17.06
C SER G 428 36.24 8.62 -17.42
N LEU G 429 36.11 8.37 -18.72
CA LEU G 429 35.15 7.40 -19.23
C LEU G 429 35.85 6.31 -20.04
N GLY G 430 35.18 5.17 -20.13
CA GLY G 430 35.64 4.04 -20.91
C GLY G 430 35.01 4.00 -22.29
N LYS G 431 35.03 2.82 -22.89
CA LYS G 431 34.54 2.60 -24.25
C LYS G 431 33.23 1.83 -24.19
N TYR G 432 32.24 2.31 -24.95
CA TYR G 432 30.92 1.69 -24.95
C TYR G 432 30.91 0.43 -25.81
N LEU G 433 30.32 -0.64 -25.28
CA LEU G 433 30.12 -1.88 -26.02
C LEU G 433 28.68 -1.91 -26.51
N GLY G 434 28.53 -1.97 -27.83
CA GLY G 434 27.21 -1.91 -28.43
C GLY G 434 27.29 -1.26 -29.80
N SER G 435 26.16 -0.71 -30.23
CA SER G 435 26.07 -0.10 -31.56
C SER G 435 26.93 1.16 -31.63
N VAL G 436 27.62 1.31 -32.77
CA VAL G 436 28.45 2.50 -32.98
C VAL G 436 27.58 3.72 -33.30
N ASN G 437 26.33 3.50 -33.73
CA ASN G 437 25.42 4.57 -34.11
C ASN G 437 24.31 4.75 -33.08
N TYR G 438 24.65 4.66 -31.79
CA TYR G 438 23.65 4.76 -30.72
C TYR G 438 22.93 6.10 -30.76
N ASN G 439 23.67 7.19 -30.89
CA ASN G 439 23.08 8.53 -30.80
C ASN G 439 22.41 8.98 -32.08
N SER G 440 22.50 8.21 -33.15
CA SER G 440 21.85 8.56 -34.41
C SER G 440 20.56 7.80 -34.65
N GLU G 441 20.14 6.94 -33.72
CA GLU G 441 18.97 6.09 -33.88
C GLU G 441 17.94 6.42 -32.81
N GLY G 442 16.71 6.71 -33.22
CA GLY G 442 15.65 7.03 -32.31
C GLY G 442 14.94 5.82 -31.75
N ILE G 443 13.97 6.09 -30.88
CA ILE G 443 13.20 5.05 -30.20
C ILE G 443 11.72 5.42 -30.24
N ALA G 444 10.87 4.41 -30.09
CA ALA G 444 9.43 4.61 -30.01
C ALA G 444 9.00 4.73 -28.56
N ILE G 445 8.11 5.69 -28.31
CA ILE G 445 7.72 6.09 -26.96
C ILE G 445 6.46 5.35 -26.53
N GLY G 446 6.24 5.26 -25.23
CA GLY G 446 5.07 4.61 -24.68
C GLY G 446 4.01 5.62 -24.26
N PRO G 447 2.90 5.09 -23.76
CA PRO G 447 1.79 5.96 -23.35
C PRO G 447 1.98 6.48 -21.92
N PRO G 448 1.63 7.74 -21.66
CA PRO G 448 1.73 8.26 -20.30
C PRO G 448 0.68 7.66 -19.37
N VAL G 449 1.04 7.57 -18.08
CA VAL G 449 0.18 6.99 -17.05
C VAL G 449 0.23 7.87 -15.82
N PHE G 450 -0.71 7.60 -14.90
CA PHE G 450 -0.74 8.22 -13.58
C PHE G 450 -0.86 7.12 -12.53
N THR G 451 0.00 7.16 -11.52
CA THR G 451 0.12 6.08 -10.55
C THR G 451 -0.47 6.42 -9.18
N ASP G 452 -1.16 7.55 -9.05
CA ASP G 452 -1.79 7.90 -7.78
C ASP G 452 -3.05 7.06 -7.57
N LYS G 453 -3.31 6.72 -6.31
CA LYS G 453 -4.43 5.83 -5.98
C LYS G 453 -5.77 6.47 -6.32
N VAL G 454 -5.96 7.73 -5.90
CA VAL G 454 -7.17 8.46 -6.26
C VAL G 454 -7.24 8.65 -7.77
N ASP G 455 -6.09 8.87 -8.40
CA ASP G 455 -6.04 8.95 -9.86
C ASP G 455 -6.41 7.62 -10.50
N ILE G 456 -6.03 6.51 -9.86
CA ILE G 456 -6.40 5.19 -10.37
C ILE G 456 -7.92 5.03 -10.33
N SER G 457 -8.54 5.41 -9.22
CA SER G 457 -10.00 5.33 -9.13
C SER G 457 -10.68 6.23 -10.16
N SER G 458 -10.17 7.44 -10.34
CA SER G 458 -10.75 8.36 -11.33
C SER G 458 -10.61 7.83 -12.75
N GLN G 459 -9.45 7.24 -13.07
CA GLN G 459 -9.25 6.66 -14.39
C GLN G 459 -10.17 5.48 -14.63
N ILE G 460 -10.38 4.65 -13.61
CA ILE G 460 -11.30 3.52 -13.74
C ILE G 460 -12.72 4.01 -14.00
N SER G 461 -13.16 5.03 -13.27
CA SER G 461 -14.50 5.59 -13.50
C SER G 461 -14.63 6.18 -14.90
N SER G 462 -13.62 6.92 -15.35
CA SER G 462 -13.67 7.53 -16.68
C SER G 462 -13.74 6.47 -17.77
N MET G 463 -12.92 5.41 -17.64
CA MET G 463 -12.95 4.33 -18.62
C MET G 463 -14.31 3.63 -18.63
N ASN G 464 -14.89 3.40 -17.45
CA ASN G 464 -16.19 2.76 -17.39
C ASN G 464 -17.27 3.60 -18.05
N GLN G 465 -17.25 4.92 -17.82
CA GLN G 465 -18.23 5.79 -18.45
C GLN G 465 -18.05 5.83 -19.97
N SER G 466 -16.80 5.86 -20.45
CA SER G 466 -16.56 5.83 -21.89
C SER G 466 -17.03 4.52 -22.50
N LEU G 467 -16.78 3.40 -21.82
CA LEU G 467 -17.25 2.10 -22.31
C LEU G 467 -18.77 2.05 -22.34
N GLN G 468 -19.42 2.63 -21.33
CA GLN G 468 -20.89 2.66 -21.33
C GLN G 468 -21.42 3.50 -22.48
N GLN G 469 -20.77 4.63 -22.79
CA GLN G 469 -21.18 5.42 -23.94
C GLN G 469 -20.99 4.66 -25.25
N SER G 470 -19.86 3.95 -25.37
CA SER G 470 -19.62 3.16 -26.58
C SER G 470 -20.66 2.06 -26.75
N LYS G 471 -21.03 1.40 -25.64
CA LYS G 471 -22.10 0.41 -25.71
C LYS G 471 -23.44 1.06 -26.05
N ASP G 472 -23.67 2.28 -25.57
CA ASP G 472 -24.91 3.00 -25.92
C ASP G 472 -24.98 3.26 -27.42
N TYR G 473 -23.85 3.60 -28.04
CA TYR G 473 -23.83 3.71 -29.49
C TYR G 473 -24.11 2.37 -30.16
N ILE G 474 -23.57 1.29 -29.59
CA ILE G 474 -23.82 -0.05 -30.08
C ILE G 474 -25.29 -0.44 -29.89
N GLU H 20 -11.90 -54.02 -13.40
CA GLU H 20 -12.92 -53.01 -13.12
C GLU H 20 -13.05 -52.06 -14.31
N VAL H 21 -12.00 -51.29 -14.58
CA VAL H 21 -12.00 -50.40 -15.73
C VAL H 21 -11.87 -51.23 -17.01
N GLN H 22 -12.82 -51.05 -17.92
CA GLN H 22 -12.89 -51.86 -19.14
C GLN H 22 -13.13 -50.96 -20.33
N LEU H 23 -12.32 -51.14 -21.38
CA LEU H 23 -12.47 -50.43 -22.64
C LEU H 23 -12.50 -51.47 -23.76
N VAL H 24 -13.56 -51.46 -24.56
CA VAL H 24 -13.73 -52.44 -25.63
C VAL H 24 -13.90 -51.69 -26.95
N GLU H 25 -13.05 -51.98 -27.93
CA GLU H 25 -13.09 -51.35 -29.24
C GLU H 25 -13.81 -52.24 -30.24
N SER H 26 -14.38 -51.60 -31.26
CA SER H 26 -15.11 -52.31 -32.30
C SER H 26 -15.18 -51.43 -33.54
N GLY H 27 -15.50 -52.07 -34.67
CA GLY H 27 -15.70 -51.39 -35.92
C GLY H 27 -14.57 -51.50 -36.93
N GLY H 28 -13.50 -52.22 -36.61
CA GLY H 28 -12.39 -52.35 -37.53
C GLY H 28 -12.65 -53.36 -38.62
N GLY H 29 -11.79 -53.34 -39.63
CA GLY H 29 -11.96 -54.23 -40.77
C GLY H 29 -11.13 -53.77 -41.94
N LEU H 30 -11.49 -54.30 -43.12
CA LEU H 30 -10.80 -54.00 -44.37
C LEU H 30 -11.64 -53.05 -45.20
N VAL H 31 -11.02 -51.97 -45.66
CA VAL H 31 -11.69 -50.96 -46.46
C VAL H 31 -10.90 -50.69 -47.73
N GLN H 32 -11.58 -50.15 -48.74
CA GLN H 32 -10.92 -49.73 -49.96
C GLN H 32 -10.19 -48.40 -49.75
N PRO H 33 -9.16 -48.12 -50.54
CA PRO H 33 -8.51 -46.81 -50.44
C PRO H 33 -9.48 -45.69 -50.81
N LYS H 34 -9.26 -44.52 -50.22
CA LYS H 34 -10.11 -43.34 -50.31
C LYS H 34 -11.52 -43.59 -49.76
N GLY H 35 -11.66 -44.52 -48.81
CA GLY H 35 -12.94 -44.80 -48.20
C GLY H 35 -13.11 -44.11 -46.86
N SER H 36 -14.07 -44.62 -46.09
CA SER H 36 -14.39 -44.07 -44.78
C SER H 36 -14.83 -45.18 -43.85
N LEU H 37 -14.59 -44.99 -42.55
CA LEU H 37 -14.97 -46.00 -41.56
C LEU H 37 -15.00 -45.33 -40.19
N LYS H 38 -15.87 -45.86 -39.33
CA LYS H 38 -16.03 -45.32 -37.98
C LYS H 38 -15.77 -46.41 -36.94
N LEU H 39 -14.94 -46.08 -35.97
CA LEU H 39 -14.59 -46.97 -34.86
C LEU H 39 -15.29 -46.51 -33.59
N SER H 40 -15.65 -47.49 -32.75
CA SER H 40 -16.38 -47.25 -31.52
C SER H 40 -15.63 -47.85 -30.34
N CYS H 41 -15.78 -47.20 -29.18
CA CYS H 41 -15.16 -47.63 -27.94
C CYS H 41 -16.19 -47.55 -26.83
N ALA H 42 -16.43 -48.68 -26.16
CA ALA H 42 -17.38 -48.78 -25.06
C ALA H 42 -16.60 -48.86 -23.75
N ALA H 43 -16.94 -47.99 -22.81
CA ALA H 43 -16.24 -47.87 -21.54
C ALA H 43 -17.14 -48.30 -20.39
N SER H 44 -16.56 -48.94 -19.39
CA SER H 44 -17.31 -49.34 -18.21
C SER H 44 -16.35 -49.40 -17.02
N GLY H 45 -16.95 -49.36 -15.82
CA GLY H 45 -16.19 -49.46 -14.59
C GLY H 45 -15.73 -48.15 -14.00
N PHE H 46 -16.07 -47.02 -14.60
CA PHE H 46 -15.67 -45.71 -14.07
C PHE H 46 -16.64 -44.66 -14.57
N ILE H 47 -16.60 -43.49 -13.95
CA ILE H 47 -17.45 -42.38 -14.33
C ILE H 47 -16.87 -41.76 -15.59
N PHE H 48 -17.60 -41.89 -16.70
CA PHE H 48 -17.04 -41.60 -18.02
C PHE H 48 -16.85 -40.11 -18.25
N ASN H 49 -17.78 -39.27 -17.79
CA ASN H 49 -17.79 -37.85 -18.13
C ASN H 49 -16.76 -37.04 -17.35
N THR H 50 -15.91 -37.69 -16.55
CA THR H 50 -14.91 -36.98 -15.76
C THR H 50 -13.56 -36.91 -16.46
N TYR H 51 -13.29 -37.81 -17.40
CA TYR H 51 -11.94 -38.00 -17.93
C TYR H 51 -11.88 -37.63 -19.41
N ALA H 52 -10.66 -37.30 -19.85
CA ALA H 52 -10.36 -37.10 -21.26
C ALA H 52 -9.95 -38.43 -21.90
N MET H 53 -10.19 -38.54 -23.21
CA MET H 53 -9.98 -39.79 -23.92
C MET H 53 -9.04 -39.58 -25.11
N HIS H 54 -8.35 -40.65 -25.48
CA HIS H 54 -7.36 -40.60 -26.55
C HIS H 54 -7.51 -41.79 -27.48
N TRP H 55 -7.04 -41.62 -28.71
CA TRP H 55 -6.86 -42.71 -29.67
C TRP H 55 -5.38 -42.83 -29.99
N VAL H 56 -4.84 -44.05 -29.92
CA VAL H 56 -3.43 -44.29 -30.21
C VAL H 56 -3.32 -45.46 -31.18
N ARG H 57 -2.55 -45.28 -32.25
CA ARG H 57 -2.43 -46.32 -33.26
C ARG H 57 -1.00 -46.86 -33.31
N GLN H 58 -0.89 -48.13 -33.71
CA GLN H 58 0.39 -48.81 -33.87
C GLN H 58 0.41 -49.53 -35.21
N ALA H 59 1.34 -49.16 -36.08
CA ALA H 59 1.52 -49.85 -37.34
C ALA H 59 2.12 -51.23 -37.09
N PRO H 60 1.91 -52.20 -38.01
CA PRO H 60 2.47 -53.54 -37.81
C PRO H 60 3.99 -53.57 -37.69
N GLY H 61 4.48 -53.92 -36.50
CA GLY H 61 5.90 -54.03 -36.24
C GLY H 61 6.60 -52.74 -35.89
N LYS H 62 5.90 -51.60 -35.91
CA LYS H 62 6.45 -50.30 -35.58
C LYS H 62 6.02 -49.88 -34.17
N GLY H 63 6.38 -48.66 -33.79
CA GLY H 63 6.10 -48.15 -32.46
C GLY H 63 4.72 -47.51 -32.34
N LEU H 64 4.51 -46.86 -31.20
CA LEU H 64 3.24 -46.24 -30.87
C LEU H 64 3.16 -44.81 -31.42
N GLU H 65 1.97 -44.41 -31.83
CA GLU H 65 1.74 -43.08 -32.40
C GLU H 65 0.43 -42.53 -31.88
N TRP H 66 0.47 -41.32 -31.33
CA TRP H 66 -0.74 -40.65 -30.85
C TRP H 66 -1.54 -40.09 -32.02
N VAL H 67 -2.86 -40.20 -31.94
CA VAL H 67 -3.76 -39.80 -33.02
C VAL H 67 -4.60 -38.59 -32.63
N ALA H 68 -5.47 -38.72 -31.63
CA ALA H 68 -6.42 -37.67 -31.31
C ALA H 68 -6.78 -37.71 -29.84
N ARG H 69 -7.20 -36.55 -29.33
CA ARG H 69 -7.57 -36.37 -27.93
C ARG H 69 -8.86 -35.57 -27.85
N ILE H 70 -9.77 -35.99 -26.97
CA ILE H 70 -10.98 -35.22 -26.67
C ILE H 70 -11.07 -35.02 -25.15
N ARG H 71 -11.50 -33.83 -24.75
CA ARG H 71 -11.58 -33.45 -23.34
C ARG H 71 -13.03 -33.55 -22.86
N SER H 72 -13.22 -33.24 -21.57
CA SER H 72 -14.51 -33.41 -20.92
C SER H 72 -15.39 -32.17 -21.11
N LYS H 73 -16.56 -32.20 -20.48
CA LYS H 73 -17.52 -31.12 -20.64
C LYS H 73 -17.07 -29.84 -19.94
N SER H 74 -16.30 -29.98 -18.86
CA SER H 74 -15.83 -28.81 -18.13
C SER H 74 -14.82 -27.98 -18.91
N SER H 75 -14.18 -28.58 -19.93
CA SER H 75 -13.26 -27.87 -20.81
C SER H 75 -13.83 -27.67 -22.21
N ASN H 76 -15.16 -27.62 -22.34
CA ASN H 76 -15.86 -27.30 -23.58
C ASN H 76 -15.55 -28.29 -24.71
N TYR H 77 -15.26 -29.54 -24.35
CA TYR H 77 -15.06 -30.63 -25.33
C TYR H 77 -13.99 -30.29 -26.36
N ALA H 78 -12.87 -29.76 -25.89
CA ALA H 78 -11.78 -29.38 -26.79
C ALA H 78 -11.15 -30.62 -27.41
N THR H 79 -10.87 -30.53 -28.71
CA THR H 79 -10.33 -31.66 -29.47
C THR H 79 -8.97 -31.30 -30.05
N TYR H 80 -8.11 -32.32 -30.14
CA TYR H 80 -6.78 -32.17 -30.71
C TYR H 80 -6.50 -33.34 -31.64
N TYR H 81 -5.79 -33.05 -32.73
CA TYR H 81 -5.49 -34.05 -33.75
C TYR H 81 -4.02 -34.00 -34.11
N ALA H 82 -3.51 -35.13 -34.61
CA ALA H 82 -2.15 -35.20 -35.11
C ALA H 82 -2.07 -34.56 -36.51
N ASP H 83 -0.84 -34.33 -36.96
CA ASP H 83 -0.63 -33.67 -38.24
C ASP H 83 -1.10 -34.52 -39.41
N SER H 84 -0.85 -35.82 -39.35
CA SER H 84 -1.14 -36.69 -40.48
C SER H 84 -2.63 -36.92 -40.70
N VAL H 85 -3.47 -36.67 -39.70
CA VAL H 85 -4.89 -36.96 -39.79
C VAL H 85 -5.70 -35.73 -39.39
N LYS H 86 -5.10 -34.54 -39.55
CA LYS H 86 -5.69 -33.32 -39.00
C LYS H 86 -7.02 -32.99 -39.66
N ASP H 87 -7.11 -33.12 -40.98
CA ASP H 87 -8.32 -32.74 -41.72
C ASP H 87 -9.12 -33.95 -42.19
N ARG H 88 -8.77 -35.16 -41.78
CA ARG H 88 -9.46 -36.36 -42.22
C ARG H 88 -10.18 -37.11 -41.10
N PHE H 89 -9.75 -36.95 -39.86
CA PHE H 89 -10.29 -37.69 -38.73
C PHE H 89 -11.14 -36.78 -37.86
N THR H 90 -12.12 -37.38 -37.17
CA THR H 90 -12.98 -36.65 -36.24
C THR H 90 -13.24 -37.51 -35.02
N ILE H 91 -12.95 -36.97 -33.84
CA ILE H 91 -13.14 -37.67 -32.58
C ILE H 91 -14.36 -37.07 -31.86
N SER H 92 -15.19 -37.94 -31.30
CA SER H 92 -16.39 -37.50 -30.61
C SER H 92 -16.68 -38.42 -29.44
N ARG H 93 -17.52 -37.94 -28.53
CA ARG H 93 -17.90 -38.71 -27.35
C ARG H 93 -19.37 -38.53 -27.06
N ASP H 94 -19.95 -39.54 -26.40
CA ASP H 94 -21.35 -39.52 -25.97
C ASP H 94 -21.37 -39.94 -24.50
N ASP H 95 -21.63 -38.97 -23.62
CA ASP H 95 -21.53 -39.23 -22.19
C ASP H 95 -22.71 -40.02 -21.66
N SER H 96 -23.89 -39.88 -22.28
CA SER H 96 -25.05 -40.63 -21.82
C SER H 96 -24.87 -42.13 -22.05
N GLN H 97 -24.33 -42.51 -23.19
CA GLN H 97 -24.06 -43.91 -23.51
C GLN H 97 -22.65 -44.34 -23.13
N SER H 98 -21.81 -43.41 -22.66
CA SER H 98 -20.41 -43.67 -22.32
C SER H 98 -19.65 -44.30 -23.49
N MET H 99 -19.72 -43.63 -24.63
CA MET H 99 -19.14 -44.14 -25.86
C MET H 99 -18.17 -43.13 -26.46
N LEU H 100 -17.15 -43.63 -27.15
CA LEU H 100 -16.18 -42.82 -27.86
C LEU H 100 -16.17 -43.24 -29.33
N TYR H 101 -16.09 -42.27 -30.23
CA TYR H 101 -16.18 -42.53 -31.66
C TYR H 101 -15.04 -41.85 -32.39
N LEU H 102 -14.52 -42.54 -33.41
CA LEU H 102 -13.51 -41.99 -34.31
C LEU H 102 -13.99 -42.22 -35.74
N GLN H 103 -14.38 -41.15 -36.42
CA GLN H 103 -14.81 -41.21 -37.81
C GLN H 103 -13.65 -40.82 -38.71
N MET H 104 -13.35 -41.66 -39.69
CA MET H 104 -12.19 -41.50 -40.57
C MET H 104 -12.66 -41.44 -42.01
N ASN H 105 -12.21 -40.41 -42.73
CA ASN H 105 -12.53 -40.21 -44.13
C ASN H 105 -11.24 -40.08 -44.92
N ASN H 106 -11.33 -40.35 -46.23
CA ASN H 106 -10.19 -40.26 -47.14
C ASN H 106 -9.03 -41.15 -46.68
N LEU H 107 -9.37 -42.41 -46.37
CA LEU H 107 -8.39 -43.33 -45.81
C LEU H 107 -7.32 -43.68 -46.84
N LYS H 108 -6.08 -43.81 -46.37
CA LYS H 108 -4.92 -44.10 -47.20
C LYS H 108 -4.29 -45.41 -46.77
N THR H 109 -3.31 -45.86 -47.55
CA THR H 109 -2.63 -47.12 -47.26
C THR H 109 -1.71 -46.99 -46.06
N GLU H 110 -1.43 -45.77 -45.60
CA GLU H 110 -0.60 -45.57 -44.42
C GLU H 110 -1.38 -45.69 -43.12
N ASP H 111 -2.70 -45.88 -43.18
CA ASP H 111 -3.54 -45.92 -42.00
C ASP H 111 -3.81 -47.33 -41.49
N THR H 112 -3.24 -48.37 -42.10
CA THR H 112 -3.48 -49.74 -41.67
C THR H 112 -2.72 -49.99 -40.37
N ALA H 113 -3.44 -50.19 -39.27
CA ALA H 113 -2.80 -50.25 -37.97
C ALA H 113 -3.78 -50.84 -36.96
N MET H 114 -3.28 -51.05 -35.74
CA MET H 114 -4.12 -51.40 -34.61
C MET H 114 -4.39 -50.15 -33.78
N TYR H 115 -5.66 -49.90 -33.47
CA TYR H 115 -6.09 -48.69 -32.79
C TYR H 115 -6.51 -49.01 -31.37
N TYR H 116 -6.13 -48.14 -30.43
CA TYR H 116 -6.36 -48.32 -29.01
C TYR H 116 -7.13 -47.12 -28.46
N CYS H 117 -8.16 -47.42 -27.67
CA CYS H 117 -8.91 -46.45 -26.90
C CYS H 117 -8.22 -46.28 -25.55
N VAL H 118 -7.82 -45.06 -25.21
CA VAL H 118 -6.97 -44.80 -24.06
C VAL H 118 -7.67 -43.87 -23.10
N ARG H 119 -7.76 -44.29 -21.84
CA ARG H 119 -8.26 -43.48 -20.74
C ARG H 119 -7.10 -42.73 -20.10
N GLU H 120 -7.23 -41.40 -20.06
CA GLU H 120 -6.21 -40.52 -19.50
C GLU H 120 -6.51 -40.27 -18.02
N GLY H 121 -5.59 -40.66 -17.15
CA GLY H 121 -5.69 -40.38 -15.74
C GLY H 121 -4.59 -39.43 -15.30
N GLY H 122 -4.94 -38.39 -14.57
CA GLY H 122 -3.97 -37.33 -14.34
C GLY H 122 -3.72 -36.64 -15.67
N TYR H 123 -2.45 -36.56 -16.06
CA TYR H 123 -2.10 -36.11 -17.40
C TYR H 123 -1.43 -37.20 -18.23
N TYR H 124 -1.19 -38.37 -17.65
CA TYR H 124 -0.57 -39.50 -18.32
C TYR H 124 -1.64 -40.49 -18.78
N PHE H 125 -1.22 -41.42 -19.64
CA PHE H 125 -2.14 -42.41 -20.18
C PHE H 125 -2.34 -43.53 -19.16
N ASP H 126 -3.55 -43.63 -18.62
CA ASP H 126 -3.82 -44.51 -17.49
C ASP H 126 -4.21 -45.92 -17.93
N TYR H 127 -5.20 -46.04 -18.80
CA TYR H 127 -5.74 -47.35 -19.16
C TYR H 127 -5.80 -47.51 -20.67
N TRP H 128 -5.60 -48.74 -21.13
CA TRP H 128 -5.55 -49.08 -22.54
C TRP H 128 -6.56 -50.19 -22.84
N GLY H 129 -7.16 -50.14 -24.02
CA GLY H 129 -8.04 -51.19 -24.47
C GLY H 129 -7.30 -52.29 -25.22
N GLN H 130 -8.08 -53.22 -25.75
CA GLN H 130 -7.49 -54.33 -26.51
C GLN H 130 -7.07 -53.91 -27.91
N GLY H 131 -7.79 -53.01 -28.54
CA GLY H 131 -7.44 -52.53 -29.86
C GLY H 131 -8.20 -53.23 -30.96
N THR H 132 -8.37 -52.52 -32.08
CA THR H 132 -9.06 -53.07 -33.25
C THR H 132 -8.23 -52.79 -34.49
N THR H 133 -8.36 -53.68 -35.48
CA THR H 133 -7.46 -53.70 -36.63
C THR H 133 -8.12 -53.02 -37.83
N LEU H 134 -7.40 -52.09 -38.46
CA LEU H 134 -7.81 -51.44 -39.69
C LEU H 134 -6.82 -51.82 -40.80
N THR H 135 -7.37 -52.33 -41.90
CA THR H 135 -6.59 -52.66 -43.09
C THR H 135 -7.14 -51.87 -44.27
N VAL H 136 -6.26 -51.20 -45.00
CA VAL H 136 -6.61 -50.44 -46.20
C VAL H 136 -5.89 -51.07 -47.37
N SER H 137 -6.65 -51.54 -48.35
CA SER H 137 -6.08 -52.18 -49.52
C SER H 137 -7.05 -52.18 -50.69
N ASP I 20 7.32 -28.22 -30.09
CA ASP I 20 7.26 -29.66 -29.89
C ASP I 20 8.59 -30.20 -29.34
N ILE I 21 8.50 -31.19 -28.45
CA ILE I 21 9.66 -31.79 -27.81
C ILE I 21 9.87 -33.18 -28.40
N VAL I 22 11.10 -33.47 -28.79
CA VAL I 22 11.46 -34.71 -29.47
C VAL I 22 12.08 -35.65 -28.44
N MET I 23 11.66 -36.92 -28.46
CA MET I 23 12.09 -37.92 -27.49
C MET I 23 12.92 -38.98 -28.19
N SER I 24 14.04 -39.35 -27.56
CA SER I 24 14.95 -40.36 -28.11
C SER I 24 15.28 -41.40 -27.05
N GLN I 25 15.53 -42.63 -27.49
CA GLN I 25 15.78 -43.74 -26.57
C GLN I 25 17.07 -44.45 -26.95
N SER I 26 17.71 -45.05 -25.95
CA SER I 26 18.95 -45.78 -26.20
C SER I 26 19.14 -46.88 -25.18
N PRO I 27 19.55 -48.09 -25.58
CA PRO I 27 19.79 -48.54 -26.96
C PRO I 27 18.51 -49.01 -27.64
N SER I 28 18.52 -49.22 -28.95
CA SER I 28 17.34 -49.75 -29.63
C SER I 28 17.06 -51.18 -29.21
N SER I 29 18.10 -51.99 -29.04
CA SER I 29 17.96 -53.37 -28.59
C SER I 29 19.09 -53.69 -27.62
N LEU I 30 18.83 -54.66 -26.74
CA LEU I 30 19.82 -55.04 -25.74
C LEU I 30 19.54 -56.47 -25.28
N ALA I 31 20.58 -57.30 -25.27
CA ALA I 31 20.46 -58.69 -24.85
C ALA I 31 21.04 -58.84 -23.45
N VAL I 32 20.28 -59.49 -22.57
CA VAL I 32 20.64 -59.60 -21.16
C VAL I 32 20.35 -61.03 -20.69
N SER I 33 21.09 -61.46 -19.67
CA SER I 33 20.91 -62.78 -19.08
C SER I 33 20.07 -62.68 -17.82
N VAL I 34 19.54 -63.83 -17.38
CA VAL I 34 18.68 -63.88 -16.22
C VAL I 34 19.49 -63.56 -14.97
N GLY I 35 18.97 -62.65 -14.14
CA GLY I 35 19.63 -62.24 -12.94
C GLY I 35 20.56 -61.05 -13.08
N GLU I 36 20.73 -60.54 -14.29
CA GLU I 36 21.63 -59.43 -14.57
C GLU I 36 20.90 -58.10 -14.42
N LYS I 37 21.65 -57.06 -14.05
CA LYS I 37 21.12 -55.71 -13.95
C LYS I 37 21.19 -55.03 -15.32
N VAL I 38 20.10 -54.36 -15.69
CA VAL I 38 19.99 -53.74 -17.00
C VAL I 38 19.48 -52.31 -16.84
N THR I 39 19.90 -51.45 -17.77
CA THR I 39 19.63 -50.02 -17.70
C THR I 39 19.41 -49.49 -19.11
N MET I 40 18.36 -48.69 -19.29
CA MET I 40 18.08 -48.02 -20.56
C MET I 40 17.84 -46.54 -20.30
N SER I 41 18.06 -45.72 -21.34
CA SER I 41 18.08 -44.28 -21.20
C SER I 41 17.11 -43.62 -22.16
N CYS I 42 16.50 -42.52 -21.71
CA CYS I 42 15.59 -41.71 -22.51
C CYS I 42 16.00 -40.25 -22.39
N LYS I 43 15.93 -39.53 -23.51
CA LYS I 43 16.39 -38.16 -23.60
C LYS I 43 15.33 -37.30 -24.29
N SER I 44 15.23 -36.06 -23.85
CA SER I 44 14.29 -35.09 -24.41
C SER I 44 15.04 -33.85 -24.84
N SER I 45 14.54 -33.18 -25.88
CA SER I 45 15.19 -31.99 -26.40
C SER I 45 14.99 -30.78 -25.49
N GLN I 46 13.98 -30.80 -24.62
CA GLN I 46 13.70 -29.69 -23.72
C GLN I 46 13.40 -30.23 -22.33
N SER I 47 13.51 -29.35 -21.34
CA SER I 47 13.29 -29.74 -19.95
C SER I 47 11.83 -30.07 -19.71
N LEU I 48 11.59 -31.15 -18.97
CA LEU I 48 10.24 -31.60 -18.62
C LEU I 48 9.87 -31.25 -17.18
N LEU I 49 10.68 -30.46 -16.50
CA LEU I 49 10.43 -30.13 -15.10
C LEU I 49 9.43 -28.98 -15.00
N HIS I 50 8.41 -29.17 -14.17
CA HIS I 50 7.39 -28.14 -13.97
C HIS I 50 7.90 -27.07 -13.02
N VAL I 51 7.54 -25.82 -13.31
CA VAL I 51 8.11 -24.68 -12.59
C VAL I 51 7.58 -24.62 -11.15
N SER I 52 6.29 -24.91 -10.95
CA SER I 52 5.67 -24.66 -9.65
C SER I 52 5.77 -25.88 -8.72
N ASN I 53 5.32 -27.04 -9.17
CA ASN I 53 5.26 -28.22 -8.30
C ASN I 53 6.50 -29.09 -8.38
N GLN I 54 7.46 -28.75 -9.24
CA GLN I 54 8.75 -29.44 -9.34
C GLN I 54 8.58 -30.93 -9.65
N LYS I 55 7.77 -31.24 -10.65
CA LYS I 55 7.53 -32.61 -11.09
C LYS I 55 7.95 -32.78 -12.54
N ASN I 56 8.40 -33.98 -12.88
CA ASN I 56 8.83 -34.31 -14.23
C ASN I 56 7.73 -35.10 -14.93
N TYR I 57 7.36 -34.64 -16.13
CA TYR I 57 6.22 -35.19 -16.86
C TYR I 57 6.70 -36.25 -17.86
N LEU I 58 7.21 -37.36 -17.31
CA LEU I 58 7.74 -38.45 -18.11
C LEU I 58 7.19 -39.78 -17.61
N ALA I 59 6.85 -40.66 -18.54
CA ALA I 59 6.26 -41.95 -18.22
C ALA I 59 6.97 -43.07 -18.97
N TRP I 60 7.02 -44.25 -18.34
CA TRP I 60 7.56 -45.46 -18.92
C TRP I 60 6.45 -46.51 -19.03
N TYR I 61 6.30 -47.06 -20.24
CA TYR I 61 5.31 -48.08 -20.55
C TYR I 61 5.99 -49.36 -21.01
N GLN I 62 5.34 -50.48 -20.77
CA GLN I 62 5.82 -51.80 -21.15
C GLN I 62 4.78 -52.48 -22.04
N GLN I 63 5.25 -53.11 -23.13
CA GLN I 63 4.37 -53.86 -24.02
C GLN I 63 4.97 -55.23 -24.28
N LYS I 64 4.28 -56.27 -23.81
CA LYS I 64 4.67 -57.65 -24.07
C LYS I 64 4.19 -58.08 -25.45
N PRO I 65 4.81 -59.10 -26.05
CA PRO I 65 4.38 -59.55 -27.38
C PRO I 65 2.94 -60.04 -27.38
N GLY I 66 2.16 -59.51 -28.31
CA GLY I 66 0.76 -59.90 -28.43
C GLY I 66 -0.16 -59.31 -27.39
N GLN I 67 0.27 -58.27 -26.68
CA GLN I 67 -0.52 -57.67 -25.61
C GLN I 67 -0.57 -56.16 -25.79
N SER I 68 -1.50 -55.53 -25.06
CA SER I 68 -1.61 -54.09 -25.06
C SER I 68 -0.50 -53.47 -24.19
N PRO I 69 -0.14 -52.22 -24.45
CA PRO I 69 0.83 -51.54 -23.58
C PRO I 69 0.28 -51.37 -22.17
N LYS I 70 1.19 -51.38 -21.20
CA LYS I 70 0.85 -51.24 -19.79
C LYS I 70 1.75 -50.19 -19.15
N LEU I 71 1.16 -49.34 -18.32
CA LEU I 71 1.89 -48.27 -17.67
C LEU I 71 2.74 -48.84 -16.54
N LEU I 72 4.02 -48.48 -16.52
CA LEU I 72 4.94 -48.88 -15.47
C LEU I 72 5.24 -47.73 -14.51
N ILE I 73 5.73 -46.61 -15.05
CA ILE I 73 6.07 -45.43 -14.25
C ILE I 73 5.32 -44.25 -14.83
N TYR I 74 4.61 -43.50 -13.98
CA TYR I 74 3.86 -42.37 -14.53
C TYR I 74 4.49 -41.02 -14.23
N TRP I 75 4.98 -40.79 -13.02
CA TRP I 75 5.87 -39.66 -12.83
C TRP I 75 7.30 -40.09 -13.16
N ALA I 76 8.26 -39.26 -12.77
CA ALA I 76 9.65 -39.60 -13.05
C ALA I 76 10.09 -40.86 -12.33
N SER I 77 9.62 -41.08 -11.10
CA SER I 77 10.08 -42.22 -10.32
C SER I 77 8.98 -42.90 -9.50
N THR I 78 7.71 -42.71 -9.86
CA THR I 78 6.61 -43.25 -9.08
C THR I 78 6.04 -44.49 -9.76
N ARG I 79 6.00 -45.60 -9.03
CA ARG I 79 5.59 -46.87 -9.59
C ARG I 79 4.08 -47.04 -9.56
N GLU I 80 3.53 -47.55 -10.66
CA GLU I 80 2.12 -47.89 -10.73
C GLU I 80 1.83 -49.10 -9.84
N SER I 81 0.61 -49.15 -9.30
CA SER I 81 0.23 -50.24 -8.43
C SER I 81 0.25 -51.57 -9.17
N GLY I 82 0.81 -52.60 -8.52
CA GLY I 82 0.98 -53.90 -9.13
C GLY I 82 2.29 -54.11 -9.84
N VAL I 83 3.09 -53.07 -10.00
CA VAL I 83 4.40 -53.21 -10.65
C VAL I 83 5.40 -53.80 -9.66
N PRO I 84 6.21 -54.78 -10.05
CA PRO I 84 7.18 -55.35 -9.12
C PRO I 84 8.22 -54.34 -8.67
N ASP I 85 8.80 -54.59 -7.50
CA ASP I 85 9.71 -53.65 -6.85
C ASP I 85 11.05 -53.53 -7.58
N ARG I 86 11.35 -54.43 -8.52
CA ARG I 86 12.65 -54.42 -9.18
C ARG I 86 12.77 -53.36 -10.27
N PHE I 87 11.69 -52.69 -10.63
CA PHE I 87 11.73 -51.62 -11.63
C PHE I 87 11.99 -50.29 -10.92
N THR I 88 12.92 -49.51 -11.45
CA THR I 88 13.26 -48.21 -10.86
C THR I 88 13.40 -47.17 -11.95
N GLY I 89 12.73 -46.04 -11.77
CA GLY I 89 12.89 -44.90 -12.65
C GLY I 89 13.66 -43.80 -11.94
N SER I 90 14.49 -43.09 -12.71
CA SER I 90 15.28 -42.03 -12.11
C SER I 90 15.61 -41.00 -13.18
N GLY I 91 16.10 -39.85 -12.74
CA GLY I 91 16.56 -38.81 -13.64
C GLY I 91 15.81 -37.51 -13.41
N SER I 92 16.18 -36.52 -14.23
CA SER I 92 15.59 -35.19 -14.13
C SER I 92 15.94 -34.41 -15.38
N GLY I 93 15.32 -33.23 -15.52
CA GLY I 93 15.63 -32.33 -16.60
C GLY I 93 15.34 -32.91 -17.97
N THR I 94 16.40 -33.27 -18.68
CA THR I 94 16.29 -33.89 -20.00
C THR I 94 16.83 -35.32 -20.04
N ASP I 95 17.29 -35.86 -18.92
CA ASP I 95 17.92 -37.18 -18.89
C ASP I 95 17.17 -38.08 -17.93
N PHE I 96 16.74 -39.25 -18.42
CA PHE I 96 15.96 -40.17 -17.60
C PHE I 96 16.44 -41.59 -17.85
N THR I 97 16.29 -42.45 -16.83
CA THR I 97 16.85 -43.79 -16.84
C THR I 97 15.88 -44.77 -16.21
N LEU I 98 15.72 -45.92 -16.87
CA LEU I 98 14.93 -47.04 -16.35
C LEU I 98 15.87 -48.20 -16.06
N THR I 99 15.81 -48.73 -14.84
CA THR I 99 16.75 -49.73 -14.37
C THR I 99 16.00 -50.93 -13.79
N ILE I 100 16.39 -52.12 -14.21
CA ILE I 100 15.90 -53.37 -13.64
C ILE I 100 17.07 -54.03 -12.93
N SER I 101 16.89 -54.30 -11.63
CA SER I 101 17.98 -54.84 -10.82
C SER I 101 18.28 -56.29 -11.18
N SER I 102 17.24 -57.10 -11.42
CA SER I 102 17.43 -58.51 -11.74
C SER I 102 16.33 -58.91 -12.71
N VAL I 103 16.67 -59.01 -14.00
CA VAL I 103 15.67 -59.27 -15.02
C VAL I 103 15.27 -60.75 -14.99
N LYS I 104 13.96 -60.99 -14.97
CA LYS I 104 13.41 -62.33 -15.04
C LYS I 104 13.05 -62.67 -16.48
N ALA I 105 12.61 -63.91 -16.68
CA ALA I 105 12.20 -64.35 -18.02
C ALA I 105 10.92 -63.67 -18.49
N GLU I 106 10.12 -63.13 -17.57
CA GLU I 106 8.86 -62.49 -17.91
C GLU I 106 9.01 -61.05 -18.34
N ASP I 107 10.23 -60.48 -18.28
CA ASP I 107 10.46 -59.12 -18.69
C ASP I 107 10.74 -58.97 -20.18
N LEU I 108 10.54 -60.04 -20.96
CA LEU I 108 10.66 -59.98 -22.41
C LEU I 108 9.56 -59.10 -22.96
N ALA I 109 9.90 -57.87 -23.34
CA ALA I 109 8.92 -56.88 -23.77
C ALA I 109 9.66 -55.72 -24.44
N VAL I 110 8.89 -54.74 -24.90
CA VAL I 110 9.42 -53.50 -25.47
C VAL I 110 9.00 -52.36 -24.56
N TYR I 111 9.95 -51.49 -24.23
CA TYR I 111 9.73 -50.41 -23.28
C TYR I 111 9.76 -49.07 -24.00
N TYR I 112 8.80 -48.20 -23.66
CA TYR I 112 8.67 -46.90 -24.30
C TYR I 112 8.71 -45.80 -23.24
N CYS I 113 9.35 -44.68 -23.58
CA CYS I 113 9.29 -43.48 -22.76
C CYS I 113 8.46 -42.42 -23.47
N GLN I 114 7.63 -41.70 -22.72
CA GLN I 114 6.71 -40.73 -23.27
C GLN I 114 6.72 -39.48 -22.42
N GLN I 115 6.56 -38.32 -23.06
CA GLN I 115 6.37 -37.06 -22.37
C GLN I 115 4.92 -36.62 -22.52
N TYR I 116 4.31 -36.20 -21.42
CA TYR I 116 2.93 -35.72 -21.41
C TYR I 116 2.87 -34.29 -20.88
N TYR I 117 3.95 -33.53 -21.09
CA TYR I 117 3.98 -32.13 -20.66
C TYR I 117 3.10 -31.26 -21.54
N SER I 118 3.12 -31.48 -22.86
CA SER I 118 2.44 -30.59 -23.79
C SER I 118 2.18 -31.33 -25.10
N TYR I 119 1.47 -30.65 -26.00
CA TYR I 119 1.18 -31.18 -27.32
C TYR I 119 2.48 -31.38 -28.10
N PRO I 120 2.59 -32.44 -28.92
CA PRO I 120 1.58 -33.47 -29.24
C PRO I 120 1.73 -34.77 -28.44
N TRP I 121 2.38 -34.73 -27.28
CA TRP I 121 2.56 -35.90 -26.42
C TRP I 121 3.17 -37.10 -27.15
N PRO I 122 4.40 -36.97 -27.67
CA PRO I 122 4.96 -38.05 -28.49
C PRO I 122 5.57 -39.16 -27.65
N PHE I 123 5.53 -40.36 -28.22
CA PHE I 123 6.20 -41.52 -27.64
C PHE I 123 7.65 -41.59 -28.11
N GLY I 124 8.43 -42.41 -27.41
CA GLY I 124 9.80 -42.67 -27.83
C GLY I 124 9.87 -43.73 -28.90
N GLY I 125 11.11 -44.03 -29.31
CA GLY I 125 11.34 -45.04 -30.31
C GLY I 125 11.16 -46.46 -29.82
N GLY I 126 11.44 -46.71 -28.55
CA GLY I 126 11.30 -48.05 -27.99
C GLY I 126 12.63 -48.76 -27.87
N THR I 127 12.72 -49.60 -26.83
CA THR I 127 13.90 -50.39 -26.56
C THR I 127 13.46 -51.84 -26.36
N LYS I 128 13.96 -52.73 -27.21
CA LYS I 128 13.63 -54.14 -27.11
C LYS I 128 14.62 -54.86 -26.20
N LEU I 129 14.10 -55.72 -25.35
CA LEU I 129 14.91 -56.51 -24.42
C LEU I 129 14.91 -57.96 -24.87
N GLU I 130 16.08 -58.59 -24.82
CA GLU I 130 16.25 -59.97 -25.23
C GLU I 130 16.88 -60.77 -24.09
N ILE I 131 16.52 -62.05 -24.00
CA ILE I 131 16.99 -62.93 -22.94
C ILE I 131 17.99 -63.91 -23.53
N LYS I 132 19.14 -64.05 -22.88
CA LYS I 132 20.17 -64.99 -23.32
C LYS I 132 19.96 -66.37 -22.72
#